data_1V9Q
# 
_entry.id   1V9Q 
# 
_audit_conform.dict_name       mmcif_pdbx.dic 
_audit_conform.dict_version    5.380 
_audit_conform.dict_location   http://mmcif.pdb.org/dictionaries/ascii/mmcif_pdbx.dic 
# 
loop_
_database_2.database_id 
_database_2.database_code 
_database_2.pdbx_database_accession 
_database_2.pdbx_DOI 
PDB   1V9Q         pdb_00001v9q 10.2210/pdb1v9q/pdb 
RCSB  RCSB006383   ?            ?                   
WWPDB D_1000006383 ?            ?                   
# 
_pdbx_database_related.db_name        PDB 
_pdbx_database_related.db_id          1J3F 
_pdbx_database_related.details        
;Cr(III)(3,3'-Me2-salophen)/apo-A71G Myoglobin
;
_pdbx_database_related.content_type   unspecified 
# 
_pdbx_database_status.status_code                     REL 
_pdbx_database_status.entry_id                        1V9Q 
_pdbx_database_status.recvd_initial_deposition_date   2004-01-29 
_pdbx_database_status.deposit_site                    PDBJ 
_pdbx_database_status.process_site                    PDBJ 
_pdbx_database_status.status_code_sf                  ? 
_pdbx_database_status.status_code_mr                  ? 
_pdbx_database_status.SG_entry                        ? 
_pdbx_database_status.pdb_format_compatible           Y 
_pdbx_database_status.status_code_cs                  ? 
_pdbx_database_status.methods_development_category    ? 
_pdbx_database_status.status_code_nmr_data            ? 
# 
loop_
_audit_author.name 
_audit_author.pdbx_ordinal 
'Ueno, T.'      1 
'Koshiyama, T.' 2 
'Kono, M.'      3 
'Kondo, K.'     4 
'Ohashi, M.'    5 
'Suzuki, A.'    6 
'Yamane, T.'    7 
'Watanabe, Y.'  8 
# 
_citation.id                        primary 
_citation.title                     
'Coordinated Design of Cofactor and Active Site Structures in Development of New Protein Catalysts' 
_citation.journal_abbrev            J.Am.Chem.Soc. 
_citation.journal_volume            127 
_citation.page_first                6556 
_citation.page_last                 6562 
_citation.year                      2005 
_citation.journal_id_ASTM           JACSAT 
_citation.country                   US 
_citation.journal_id_ISSN           0002-7863 
_citation.journal_id_CSD            0004 
_citation.book_publisher            ? 
_citation.pdbx_database_id_PubMed   15869276 
_citation.pdbx_database_id_DOI      10.1021/ja045995q 
# 
loop_
_citation_author.citation_id 
_citation_author.name 
_citation_author.ordinal 
_citation_author.identifier_ORCID 
primary 'Ueno, T.'      1 ? 
primary 'Koshiyama, T.' 2 ? 
primary 'Ohashi, M.'    3 ? 
primary 'Kondo, K.'     4 ? 
primary 'Kono, M.'      5 ? 
primary 'Suzuki, A.'    6 ? 
primary 'Yamane, T.'    7 ? 
primary 'Watanabe, Y.'  8 ? 
# 
_cell.entry_id           1V9Q 
_cell.length_a           33.284 
_cell.length_b           57.848 
_cell.length_c           75.418 
_cell.angle_alpha        90.00 
_cell.angle_beta         90.00 
_cell.angle_gamma        90.00 
_cell.Z_PDB              4 
_cell.pdbx_unique_axis   ? 
# 
_symmetry.entry_id                         1V9Q 
_symmetry.space_group_name_H-M             'P 21 21 21' 
_symmetry.pdbx_full_space_group_name_H-M   ? 
_symmetry.cell_setting                     ? 
_symmetry.Int_Tables_number                19 
_symmetry.space_group_name_Hall            ? 
# 
loop_
_entity.id 
_entity.type 
_entity.src_method 
_entity.pdbx_description 
_entity.formula_weight 
_entity.pdbx_number_of_molecules 
_entity.pdbx_ec 
_entity.pdbx_mutation 
_entity.pdbx_fragment 
_entity.details 
1 polymer     man Myoglobin                                                         17352.123 1   ? A71G ? ? 
2 non-polymer syn 'PHOSPHATE ION'                                                   94.971    6   ? ?    ? ? 
3 non-polymer syn "'N,N'-BIS-(2-HYDROXY-3-METHYL-BENZYLIDENE)-BENZENE-1,2-DIAMINE'" 344.406   1   ? ?    ? ? 
4 non-polymer syn 'MANGANESE (III) ION'                                             54.938    1   ? ?    ? ? 
5 water       nat water                                                             18.015    209 ? ?    ? ? 
# 
_entity_poly.entity_id                      1 
_entity_poly.type                           'polypeptide(L)' 
_entity_poly.nstd_linkage                   no 
_entity_poly.nstd_monomer                   no 
_entity_poly.pdbx_seq_one_letter_code       
;MVLSEGEWQLVLHVWAKVEADVAGHGQDILIRLFKSHPETLEKFDRFKHLKTEAEMKASEDLKKHGVTVLTGLGAILKKK
GHHEAELKPLAQSHATKHKIPIKYLEFISEAIIHVLHSRHPGDFGADAQGAMNKALELFRKDIAAKYKELGYQG
;
_entity_poly.pdbx_seq_one_letter_code_can   
;MVLSEGEWQLVLHVWAKVEADVAGHGQDILIRLFKSHPETLEKFDRFKHLKTEAEMKASEDLKKHGVTVLTGLGAILKKK
GHHEAELKPLAQSHATKHKIPIKYLEFISEAIIHVLHSRHPGDFGADAQGAMNKALELFRKDIAAKYKELGYQG
;
_entity_poly.pdbx_strand_id                 A 
_entity_poly.pdbx_target_identifier         ? 
# 
loop_
_entity_poly_seq.entity_id 
_entity_poly_seq.num 
_entity_poly_seq.mon_id 
_entity_poly_seq.hetero 
1 1   MET n 
1 2   VAL n 
1 3   LEU n 
1 4   SER n 
1 5   GLU n 
1 6   GLY n 
1 7   GLU n 
1 8   TRP n 
1 9   GLN n 
1 10  LEU n 
1 11  VAL n 
1 12  LEU n 
1 13  HIS n 
1 14  VAL n 
1 15  TRP n 
1 16  ALA n 
1 17  LYS n 
1 18  VAL n 
1 19  GLU n 
1 20  ALA n 
1 21  ASP n 
1 22  VAL n 
1 23  ALA n 
1 24  GLY n 
1 25  HIS n 
1 26  GLY n 
1 27  GLN n 
1 28  ASP n 
1 29  ILE n 
1 30  LEU n 
1 31  ILE n 
1 32  ARG n 
1 33  LEU n 
1 34  PHE n 
1 35  LYS n 
1 36  SER n 
1 37  HIS n 
1 38  PRO n 
1 39  GLU n 
1 40  THR n 
1 41  LEU n 
1 42  GLU n 
1 43  LYS n 
1 44  PHE n 
1 45  ASP n 
1 46  ARG n 
1 47  PHE n 
1 48  LYS n 
1 49  HIS n 
1 50  LEU n 
1 51  LYS n 
1 52  THR n 
1 53  GLU n 
1 54  ALA n 
1 55  GLU n 
1 56  MET n 
1 57  LYS n 
1 58  ALA n 
1 59  SER n 
1 60  GLU n 
1 61  ASP n 
1 62  LEU n 
1 63  LYS n 
1 64  LYS n 
1 65  HIS n 
1 66  GLY n 
1 67  VAL n 
1 68  THR n 
1 69  VAL n 
1 70  LEU n 
1 71  THR n 
1 72  GLY n 
1 73  LEU n 
1 74  GLY n 
1 75  ALA n 
1 76  ILE n 
1 77  LEU n 
1 78  LYS n 
1 79  LYS n 
1 80  LYS n 
1 81  GLY n 
1 82  HIS n 
1 83  HIS n 
1 84  GLU n 
1 85  ALA n 
1 86  GLU n 
1 87  LEU n 
1 88  LYS n 
1 89  PRO n 
1 90  LEU n 
1 91  ALA n 
1 92  GLN n 
1 93  SER n 
1 94  HIS n 
1 95  ALA n 
1 96  THR n 
1 97  LYS n 
1 98  HIS n 
1 99  LYS n 
1 100 ILE n 
1 101 PRO n 
1 102 ILE n 
1 103 LYS n 
1 104 TYR n 
1 105 LEU n 
1 106 GLU n 
1 107 PHE n 
1 108 ILE n 
1 109 SER n 
1 110 GLU n 
1 111 ALA n 
1 112 ILE n 
1 113 ILE n 
1 114 HIS n 
1 115 VAL n 
1 116 LEU n 
1 117 HIS n 
1 118 SER n 
1 119 ARG n 
1 120 HIS n 
1 121 PRO n 
1 122 GLY n 
1 123 ASP n 
1 124 PHE n 
1 125 GLY n 
1 126 ALA n 
1 127 ASP n 
1 128 ALA n 
1 129 GLN n 
1 130 GLY n 
1 131 ALA n 
1 132 MET n 
1 133 ASN n 
1 134 LYS n 
1 135 ALA n 
1 136 LEU n 
1 137 GLU n 
1 138 LEU n 
1 139 PHE n 
1 140 ARG n 
1 141 LYS n 
1 142 ASP n 
1 143 ILE n 
1 144 ALA n 
1 145 ALA n 
1 146 LYS n 
1 147 TYR n 
1 148 LYS n 
1 149 GLU n 
1 150 LEU n 
1 151 GLY n 
1 152 TYR n 
1 153 GLN n 
1 154 GLY n 
# 
_entity_src_gen.entity_id                          1 
_entity_src_gen.pdbx_src_id                        1 
_entity_src_gen.pdbx_alt_source_flag               sample 
_entity_src_gen.pdbx_seq_type                      ? 
_entity_src_gen.pdbx_beg_seq_num                   ? 
_entity_src_gen.pdbx_end_seq_num                   ? 
_entity_src_gen.gene_src_common_name               'sperm whale' 
_entity_src_gen.gene_src_genus                     Physeter 
_entity_src_gen.pdbx_gene_src_gene                 ? 
_entity_src_gen.gene_src_species                   ? 
_entity_src_gen.gene_src_strain                    ? 
_entity_src_gen.gene_src_tissue                    ? 
_entity_src_gen.gene_src_tissue_fraction           ? 
_entity_src_gen.gene_src_details                   ? 
_entity_src_gen.pdbx_gene_src_fragment             ? 
_entity_src_gen.pdbx_gene_src_scientific_name      'Physeter catodon' 
_entity_src_gen.pdbx_gene_src_ncbi_taxonomy_id     9755 
_entity_src_gen.pdbx_gene_src_variant              ? 
_entity_src_gen.pdbx_gene_src_cell_line            ? 
_entity_src_gen.pdbx_gene_src_atcc                 ? 
_entity_src_gen.pdbx_gene_src_organ                ? 
_entity_src_gen.pdbx_gene_src_organelle            ? 
_entity_src_gen.pdbx_gene_src_cell                 ? 
_entity_src_gen.pdbx_gene_src_cellular_location    ? 
_entity_src_gen.host_org_common_name               ? 
_entity_src_gen.pdbx_host_org_scientific_name      'Escherichia coli' 
_entity_src_gen.pdbx_host_org_ncbi_taxonomy_id     562 
_entity_src_gen.host_org_genus                     Escherichia 
_entity_src_gen.pdbx_host_org_gene                 ? 
_entity_src_gen.pdbx_host_org_organ                ? 
_entity_src_gen.host_org_species                   ? 
_entity_src_gen.pdbx_host_org_tissue               ? 
_entity_src_gen.pdbx_host_org_tissue_fraction      ? 
_entity_src_gen.pdbx_host_org_strain               ? 
_entity_src_gen.pdbx_host_org_variant              ? 
_entity_src_gen.pdbx_host_org_cell_line            ? 
_entity_src_gen.pdbx_host_org_atcc                 ? 
_entity_src_gen.pdbx_host_org_culture_collection   ? 
_entity_src_gen.pdbx_host_org_cell                 ? 
_entity_src_gen.pdbx_host_org_organelle            ? 
_entity_src_gen.pdbx_host_org_cellular_location    ? 
_entity_src_gen.pdbx_host_org_vector_type          PLASMID 
_entity_src_gen.pdbx_host_org_vector               ? 
_entity_src_gen.host_org_details                   ? 
_entity_src_gen.expression_system_id               ? 
_entity_src_gen.plasmid_name                       pUC19 
_entity_src_gen.plasmid_details                    ? 
_entity_src_gen.pdbx_description                   ? 
# 
_struct_ref.id                         1 
_struct_ref.db_name                    UNP 
_struct_ref.db_code                    MYG_PHYCA 
_struct_ref.pdbx_db_accession          P02185 
_struct_ref.entity_id                  1 
_struct_ref.pdbx_seq_one_letter_code   
;VLSEGEWQLVLHVWAKVEADVAGHGQDILIRLFKSHPETLEKFDRFKHLKTEAEMKASEDLKKHGVTVLTALGAILKKKG
HHEAELKPLAQSHATKHKIPIKYLEFISEAIIHVLHSRHPGDFGADAQGAMNKALELFRKDIAAKYKELGYQG
;
_struct_ref.pdbx_align_begin           1 
_struct_ref.pdbx_db_isoform            ? 
# 
_struct_ref_seq.align_id                      1 
_struct_ref_seq.ref_id                        1 
_struct_ref_seq.pdbx_PDB_id_code              1V9Q 
_struct_ref_seq.pdbx_strand_id                A 
_struct_ref_seq.seq_align_beg                 2 
_struct_ref_seq.pdbx_seq_align_beg_ins_code   ? 
_struct_ref_seq.seq_align_end                 154 
_struct_ref_seq.pdbx_seq_align_end_ins_code   ? 
_struct_ref_seq.pdbx_db_accession             P02185 
_struct_ref_seq.db_align_beg                  1 
_struct_ref_seq.pdbx_db_align_beg_ins_code    ? 
_struct_ref_seq.db_align_end                  153 
_struct_ref_seq.pdbx_db_align_end_ins_code    ? 
_struct_ref_seq.pdbx_auth_seq_align_beg       1 
_struct_ref_seq.pdbx_auth_seq_align_end       153 
# 
loop_
_struct_ref_seq_dif.align_id 
_struct_ref_seq_dif.pdbx_pdb_id_code 
_struct_ref_seq_dif.mon_id 
_struct_ref_seq_dif.pdbx_pdb_strand_id 
_struct_ref_seq_dif.seq_num 
_struct_ref_seq_dif.pdbx_pdb_ins_code 
_struct_ref_seq_dif.pdbx_seq_db_name 
_struct_ref_seq_dif.pdbx_seq_db_accession_code 
_struct_ref_seq_dif.db_mon_id 
_struct_ref_seq_dif.pdbx_seq_db_seq_num 
_struct_ref_seq_dif.details 
_struct_ref_seq_dif.pdbx_auth_seq_num 
_struct_ref_seq_dif.pdbx_ordinal 
1 1V9Q MET A 1  ? UNP P02185 ?   ?  'initiating methionine' 0  1 
1 1V9Q GLY A 72 ? UNP P02185 ALA 71 'engineered mutation'   71 2 
# 
loop_
_chem_comp.id 
_chem_comp.type 
_chem_comp.mon_nstd_flag 
_chem_comp.name 
_chem_comp.pdbx_synonyms 
_chem_comp.formula 
_chem_comp.formula_weight 
ALA 'L-peptide linking' y ALANINE                                                           ?                   'C3 H7 N O2'     
89.093  
ARG 'L-peptide linking' y ARGININE                                                          ?                   'C6 H15 N4 O2 1' 
175.209 
ASN 'L-peptide linking' y ASPARAGINE                                                        ?                   'C4 H8 N2 O3'    
132.118 
ASP 'L-peptide linking' y 'ASPARTIC ACID'                                                   ?                   'C4 H7 N O4'     
133.103 
CZM non-polymer         . "'N,N'-BIS-(2-HYDROXY-3-METHYL-BENZYLIDENE)-BENZENE-1,2-DIAMINE'" "3,3'-ME2-SALOPHEN" 'C22 H20 N2 O2'  
344.406 
GLN 'L-peptide linking' y GLUTAMINE                                                         ?                   'C5 H10 N2 O3'   
146.144 
GLU 'L-peptide linking' y 'GLUTAMIC ACID'                                                   ?                   'C5 H9 N O4'     
147.129 
GLY 'peptide linking'   y GLYCINE                                                           ?                   'C2 H5 N O2'     
75.067  
HIS 'L-peptide linking' y HISTIDINE                                                         ?                   'C6 H10 N3 O2 1' 
156.162 
HOH non-polymer         . WATER                                                             ?                   'H2 O'           
18.015  
ILE 'L-peptide linking' y ISOLEUCINE                                                        ?                   'C6 H13 N O2'    
131.173 
LEU 'L-peptide linking' y LEUCINE                                                           ?                   'C6 H13 N O2'    
131.173 
LYS 'L-peptide linking' y LYSINE                                                            ?                   'C6 H15 N2 O2 1' 
147.195 
MET 'L-peptide linking' y METHIONINE                                                        ?                   'C5 H11 N O2 S'  
149.211 
MN3 non-polymer         . 'MANGANESE (III) ION'                                             ?                   'Mn 3'           
54.938  
PHE 'L-peptide linking' y PHENYLALANINE                                                     ?                   'C9 H11 N O2'    
165.189 
PO4 non-polymer         . 'PHOSPHATE ION'                                                   ?                   'O4 P -3'        
94.971  
PRO 'L-peptide linking' y PROLINE                                                           ?                   'C5 H9 N O2'     
115.130 
SER 'L-peptide linking' y SERINE                                                            ?                   'C3 H7 N O3'     
105.093 
THR 'L-peptide linking' y THREONINE                                                         ?                   'C4 H9 N O3'     
119.119 
TRP 'L-peptide linking' y TRYPTOPHAN                                                        ?                   'C11 H12 N2 O2'  
204.225 
TYR 'L-peptide linking' y TYROSINE                                                          ?                   'C9 H11 N O3'    
181.189 
VAL 'L-peptide linking' y VALINE                                                            ?                   'C5 H11 N O2'    
117.146 
# 
_exptl.entry_id          1V9Q 
_exptl.method            'X-RAY DIFFRACTION' 
_exptl.crystals_number   1 
# 
_exptl_crystal.id                    1 
_exptl_crystal.density_meas          ? 
_exptl_crystal.density_Matthews      2.09 
_exptl_crystal.density_percent_sol   41.21 
_exptl_crystal.description           ? 
_exptl_crystal.F_000                 ? 
_exptl_crystal.preparation           ? 
# 
_exptl_crystal_grow.crystal_id      1 
_exptl_crystal_grow.method          'VAPOR DIFFUSION, HANGING DROP' 
_exptl_crystal_grow.temp            277 
_exptl_crystal_grow.temp_details    ? 
_exptl_crystal_grow.pH              6.8 
_exptl_crystal_grow.pdbx_details    'sodium, potassium phosphate, pH 6.8, VAPOR DIFFUSION, HANGING DROP, temperature 277K' 
_exptl_crystal_grow.pdbx_pH_range   . 
# 
_diffrn.id                     1 
_diffrn.ambient_temp           100 
_diffrn.ambient_temp_details   ? 
_diffrn.crystal_id             1 
# 
_diffrn_detector.diffrn_id              1 
_diffrn_detector.detector               'IMAGE PLATE' 
_diffrn_detector.type                   'RIGAKU RAXIS VII' 
_diffrn_detector.pdbx_collection_date   2002-10-22 
_diffrn_detector.details                ? 
# 
_diffrn_radiation.diffrn_id                        1 
_diffrn_radiation.wavelength_id                    1 
_diffrn_radiation.pdbx_monochromatic_or_laue_m_l   M 
_diffrn_radiation.monochromator                    'CONFOCAL MIRRORS' 
_diffrn_radiation.pdbx_diffrn_protocol             'SINGLE WAVELENGTH' 
_diffrn_radiation.pdbx_scattering_type             x-ray 
# 
_diffrn_radiation_wavelength.id           1 
_diffrn_radiation_wavelength.wavelength   1.5418 
_diffrn_radiation_wavelength.wt           1.0 
# 
_diffrn_source.diffrn_id                   1 
_diffrn_source.source                      'ROTATING ANODE' 
_diffrn_source.type                        'RIGAKU FR-E' 
_diffrn_source.pdbx_synchrotron_site       ? 
_diffrn_source.pdbx_synchrotron_beamline   ? 
_diffrn_source.pdbx_wavelength             ? 
_diffrn_source.pdbx_wavelength_list        1.5418 
# 
_reflns.entry_id                     1V9Q 
_reflns.observed_criterion_sigma_I   ? 
_reflns.observed_criterion_sigma_F   ? 
_reflns.d_resolution_low             40.0 
_reflns.d_resolution_high            1.45 
_reflns.number_obs                   25409 
_reflns.number_all                   ? 
_reflns.percent_possible_obs         95.4 
_reflns.pdbx_Rmerge_I_obs            0.059 
_reflns.pdbx_Rsym_value              ? 
_reflns.pdbx_netI_over_sigmaI        37.3 
_reflns.B_iso_Wilson_estimate        22.0 
_reflns.pdbx_redundancy              ? 
_reflns.R_free_details               ? 
_reflns.limit_h_max                  ? 
_reflns.limit_h_min                  ? 
_reflns.limit_k_max                  ? 
_reflns.limit_k_min                  ? 
_reflns.limit_l_max                  ? 
_reflns.limit_l_min                  ? 
_reflns.observed_criterion_F_max     ? 
_reflns.observed_criterion_F_min     ? 
_reflns.pdbx_chi_squared             ? 
_reflns.pdbx_scaling_rejects         ? 
_reflns.pdbx_diffrn_id               1 
_reflns.pdbx_ordinal                 1 
# 
_reflns_shell.d_res_high             1.45 
_reflns_shell.d_res_low              1.50 
_reflns_shell.percent_possible_all   84.7 
_reflns_shell.Rmerge_I_obs           0.261 
_reflns_shell.pdbx_Rsym_value        ? 
_reflns_shell.meanI_over_sigI_obs    5.8 
_reflns_shell.pdbx_redundancy        ? 
_reflns_shell.percent_possible_obs   ? 
_reflns_shell.number_unique_all      ? 
_reflns_shell.number_measured_all    ? 
_reflns_shell.number_measured_obs    ? 
_reflns_shell.number_unique_obs      ? 
_reflns_shell.pdbx_chi_squared       ? 
_reflns_shell.pdbx_diffrn_id         ? 
_reflns_shell.pdbx_ordinal           1 
# 
_refine.entry_id                                 1V9Q 
_refine.ls_number_reflns_obs                     24731 
_refine.ls_number_reflns_all                     ? 
_refine.pdbx_ls_sigma_I                          ? 
_refine.pdbx_ls_sigma_F                          3.0 
_refine.pdbx_data_cutoff_high_absF               3044347.06 
_refine.pdbx_data_cutoff_low_absF                0.000000 
_refine.pdbx_data_cutoff_high_rms_absF           ? 
_refine.ls_d_res_low                             27.01 
_refine.ls_d_res_high                            1.45 
_refine.ls_percent_reflns_obs                    93.1 
_refine.ls_R_factor_obs                          0.206 
_refine.ls_R_factor_all                          ? 
_refine.ls_R_factor_R_work                       0.206 
_refine.ls_R_factor_R_free                       0.218 
_refine.ls_R_factor_R_free_error                 0.006 
_refine.ls_R_factor_R_free_error_details         ? 
_refine.ls_percent_reflns_R_free                 4.9 
_refine.ls_number_reflns_R_free                  1207 
_refine.ls_number_parameters                     ? 
_refine.ls_number_restraints                     ? 
_refine.occupancy_min                            ? 
_refine.occupancy_max                            ? 
_refine.correlation_coeff_Fo_to_Fc               ? 
_refine.correlation_coeff_Fo_to_Fc_free          ? 
_refine.B_iso_mean                               23.1 
_refine.aniso_B[1][1]                            2.00 
_refine.aniso_B[2][2]                            0.40 
_refine.aniso_B[3][3]                            -2.40 
_refine.aniso_B[1][2]                            0.00 
_refine.aniso_B[1][3]                            0.00 
_refine.aniso_B[2][3]                            0.00 
_refine.solvent_model_details                    'FLAT MODEL' 
_refine.solvent_model_param_ksol                 0.444791 
_refine.solvent_model_param_bsol                 77.7234 
_refine.pdbx_solvent_vdw_probe_radii             ? 
_refine.pdbx_solvent_ion_probe_radii             ? 
_refine.pdbx_solvent_shrinkage_radii             ? 
_refine.pdbx_ls_cross_valid_method               THROUGHOUT 
_refine.details                                  ? 
_refine.pdbx_starting_model                      'PDB ENTRY 1J3F' 
_refine.pdbx_method_to_determine_struct          'FOURIER SYNTHESIS' 
_refine.pdbx_isotropic_thermal_model             RESTRAINED 
_refine.pdbx_stereochemistry_target_values       'Engh & Huber' 
_refine.pdbx_stereochem_target_val_spec_case     ? 
_refine.pdbx_R_Free_selection_details            RANDOM 
_refine.pdbx_overall_ESU_R                       ? 
_refine.pdbx_overall_ESU_R_Free                  ? 
_refine.overall_SU_ML                            ? 
_refine.overall_SU_B                             ? 
_refine.ls_redundancy_reflns_obs                 ? 
_refine.B_iso_min                                ? 
_refine.B_iso_max                                ? 
_refine.overall_SU_R_Cruickshank_DPI             ? 
_refine.overall_SU_R_free                        ? 
_refine.ls_wR_factor_R_free                      ? 
_refine.ls_wR_factor_R_work                      ? 
_refine.overall_FOM_free_R_set                   ? 
_refine.overall_FOM_work_R_set                   ? 
_refine.pdbx_refine_id                           'X-RAY DIFFRACTION' 
_refine.pdbx_diffrn_id                           1 
_refine.pdbx_TLS_residual_ADP_flag               ? 
_refine.pdbx_overall_phase_error                 ? 
_refine.pdbx_overall_SU_R_free_Cruickshank_DPI   ? 
_refine.pdbx_overall_SU_R_Blow_DPI               ? 
_refine.pdbx_overall_SU_R_free_Blow_DPI          ? 
# 
_refine_analyze.entry_id                        1V9Q 
_refine_analyze.Luzzati_coordinate_error_obs    0.18 
_refine_analyze.Luzzati_sigma_a_obs             0.15 
_refine_analyze.Luzzati_d_res_low_obs           5.00 
_refine_analyze.Luzzati_coordinate_error_free   0.19 
_refine_analyze.Luzzati_sigma_a_free            0.15 
_refine_analyze.Luzzati_d_res_low_free          ? 
_refine_analyze.number_disordered_residues      ? 
_refine_analyze.occupancy_sum_hydrogen          ? 
_refine_analyze.occupancy_sum_non_hydrogen      ? 
_refine_analyze.pdbx_Luzzati_d_res_high_obs     ? 
_refine_analyze.pdbx_refine_id                  'X-RAY DIFFRACTION' 
# 
_refine_hist.pdbx_refine_id                   'X-RAY DIFFRACTION' 
_refine_hist.cycle_id                         LAST 
_refine_hist.pdbx_number_atoms_protein        1224 
_refine_hist.pdbx_number_atoms_nucleic_acid   0 
_refine_hist.pdbx_number_atoms_ligand         57 
_refine_hist.number_atoms_solvent             209 
_refine_hist.number_atoms_total               1490 
_refine_hist.d_res_high                       1.45 
_refine_hist.d_res_low                        27.01 
# 
loop_
_refine_ls_restr.type 
_refine_ls_restr.dev_ideal 
_refine_ls_restr.dev_ideal_target 
_refine_ls_restr.weight 
_refine_ls_restr.number 
_refine_ls_restr.pdbx_refine_id 
_refine_ls_restr.pdbx_restraint_function 
c_bond_d           0.004 ?    ? ? 'X-RAY DIFFRACTION' ? 
c_angle_deg        1.8   ?    ? ? 'X-RAY DIFFRACTION' ? 
c_dihedral_angle_d 17.1  ?    ? ? 'X-RAY DIFFRACTION' ? 
c_improper_angle_d 0.68  ?    ? ? 'X-RAY DIFFRACTION' ? 
c_mcbond_it        1.09  1.50 ? ? 'X-RAY DIFFRACTION' ? 
c_mcangle_it       1.55  2.00 ? ? 'X-RAY DIFFRACTION' ? 
c_scbond_it        2.06  2.00 ? ? 'X-RAY DIFFRACTION' ? 
c_scangle_it       3.06  2.50 ? ? 'X-RAY DIFFRACTION' ? 
# 
_refine_ls_shell.pdbx_total_number_of_bins_used   6 
_refine_ls_shell.d_res_high                       1.45 
_refine_ls_shell.d_res_low                        1.54 
_refine_ls_shell.number_reflns_R_work             3223 
_refine_ls_shell.R_factor_R_work                  0.337 
_refine_ls_shell.percent_reflns_obs               78.9 
_refine_ls_shell.R_factor_R_free                  0.336 
_refine_ls_shell.R_factor_R_free_error            0.026 
_refine_ls_shell.percent_reflns_R_free            4.8 
_refine_ls_shell.number_reflns_R_free             164 
_refine_ls_shell.number_reflns_obs                ? 
_refine_ls_shell.redundancy_reflns_obs            ? 
_refine_ls_shell.number_reflns_all                ? 
_refine_ls_shell.pdbx_refine_id                   'X-RAY DIFFRACTION' 
_refine_ls_shell.R_factor_all                     ? 
# 
loop_
_pdbx_xplor_file.serial_no 
_pdbx_xplor_file.param_file 
_pdbx_xplor_file.topol_file 
_pdbx_xplor_file.pdbx_refine_id 
1 PROTEIN_REP.PARAM PROTEIN.TOP       'X-RAY DIFFRACTION' 
2 ION.PARAM         WATER.TOP         'X-RAY DIFFRACTION' 
3 WATER_REP.PARAM   ION.TOP           'X-RAY DIFFRACTION' 
4 DNA-RNA_REP.PARAM PROTEIN_BREAK.TOP 'X-RAY DIFFRACTION' 
5 CZM.PARAM         CZM.TOP           'X-RAY DIFFRACTION' 
# 
_struct.entry_id                  1V9Q 
_struct.title                     
;Crystal Structure of an Artificial Metalloprotein:Mn(III)(3,3'-Me2-salophen)/apo-A71G Myoglobin
;
_struct.pdbx_model_details        ? 
_struct.pdbx_CASP_flag            ? 
_struct.pdbx_model_type_details   ? 
# 
_struct_keywords.entry_id        1V9Q 
_struct_keywords.pdbx_keywords   'OXYGEN STORAGE/TRANSPORT' 
_struct_keywords.text            'myoglobin, Schiff base, manganese, salophen, metalloprotein, OXYGEN STORAGE-TRANSPORT COMPLEX' 
# 
loop_
_struct_asym.id 
_struct_asym.pdbx_blank_PDB_chainid_flag 
_struct_asym.pdbx_modified 
_struct_asym.entity_id 
_struct_asym.details 
A N N 1 ? 
B N N 2 ? 
C N N 2 ? 
D N N 2 ? 
E N N 2 ? 
F N N 2 ? 
G N N 2 ? 
H N N 3 ? 
I N N 4 ? 
J N N 5 ? 
# 
_struct_biol.id                    1 
_struct_biol.pdbx_parent_biol_id   ? 
_struct_biol.details               ? 
# 
loop_
_struct_conf.conf_type_id 
_struct_conf.id 
_struct_conf.pdbx_PDB_helix_id 
_struct_conf.beg_label_comp_id 
_struct_conf.beg_label_asym_id 
_struct_conf.beg_label_seq_id 
_struct_conf.pdbx_beg_PDB_ins_code 
_struct_conf.end_label_comp_id 
_struct_conf.end_label_asym_id 
_struct_conf.end_label_seq_id 
_struct_conf.pdbx_end_PDB_ins_code 
_struct_conf.beg_auth_comp_id 
_struct_conf.beg_auth_asym_id 
_struct_conf.beg_auth_seq_id 
_struct_conf.end_auth_comp_id 
_struct_conf.end_auth_asym_id 
_struct_conf.end_auth_seq_id 
_struct_conf.pdbx_PDB_helix_class 
_struct_conf.details 
_struct_conf.pdbx_PDB_helix_length 
HELX_P HELX_P1 1 SER A 4   ? GLU A 19  ? SER A 3   GLU A 18  1 ? 16 
HELX_P HELX_P2 2 ASP A 21  ? HIS A 37  ? ASP A 20  HIS A 36  1 ? 17 
HELX_P HELX_P3 3 PRO A 38  ? PHE A 44  ? PRO A 37  PHE A 43  5 ? 7  
HELX_P HELX_P4 4 THR A 52  ? SER A 59  ? THR A 51  SER A 58  1 ? 8  
HELX_P HELX_P5 5 SER A 59  ? LYS A 78  ? SER A 58  LYS A 77  1 ? 20 
HELX_P HELX_P6 6 HIS A 83  ? LYS A 97  ? HIS A 82  LYS A 96  1 ? 15 
HELX_P HELX_P7 7 PRO A 101 ? HIS A 120 ? PRO A 100 HIS A 119 1 ? 20 
HELX_P HELX_P8 8 GLY A 125 ? GLY A 151 ? GLY A 124 GLY A 150 1 ? 27 
# 
_struct_conf_type.id          HELX_P 
_struct_conf_type.criteria    ? 
_struct_conf_type.reference   ? 
# 
loop_
_struct_conn.id 
_struct_conn.conn_type_id 
_struct_conn.pdbx_leaving_atom_flag 
_struct_conn.pdbx_PDB_id 
_struct_conn.ptnr1_label_asym_id 
_struct_conn.ptnr1_label_comp_id 
_struct_conn.ptnr1_label_seq_id 
_struct_conn.ptnr1_label_atom_id 
_struct_conn.pdbx_ptnr1_label_alt_id 
_struct_conn.pdbx_ptnr1_PDB_ins_code 
_struct_conn.pdbx_ptnr1_standard_comp_id 
_struct_conn.ptnr1_symmetry 
_struct_conn.ptnr2_label_asym_id 
_struct_conn.ptnr2_label_comp_id 
_struct_conn.ptnr2_label_seq_id 
_struct_conn.ptnr2_label_atom_id 
_struct_conn.pdbx_ptnr2_label_alt_id 
_struct_conn.pdbx_ptnr2_PDB_ins_code 
_struct_conn.ptnr1_auth_asym_id 
_struct_conn.ptnr1_auth_comp_id 
_struct_conn.ptnr1_auth_seq_id 
_struct_conn.ptnr2_auth_asym_id 
_struct_conn.ptnr2_auth_comp_id 
_struct_conn.ptnr2_auth_seq_id 
_struct_conn.ptnr2_symmetry 
_struct_conn.pdbx_ptnr3_label_atom_id 
_struct_conn.pdbx_ptnr3_label_seq_id 
_struct_conn.pdbx_ptnr3_label_comp_id 
_struct_conn.pdbx_ptnr3_label_asym_id 
_struct_conn.pdbx_ptnr3_label_alt_id 
_struct_conn.pdbx_ptnr3_PDB_ins_code 
_struct_conn.details 
_struct_conn.pdbx_dist_value 
_struct_conn.pdbx_value_order 
_struct_conn.pdbx_role 
metalc1 metalc ? ? A HIS 94 NE2 ? ? ? 1_555 I MN3 . MN ? ? A HIS 93  A MN3 190 1_555 ? ? ? ? ? ? ? 2.407 ? ? 
metalc2 metalc ? ? H CZM .  NA  ? ? ? 1_555 I MN3 . MN ? ? A CZM 180 A MN3 190 1_555 ? ? ? ? ? ? ? 2.176 ? ? 
metalc3 metalc ? ? H CZM .  NB  ? ? ? 1_555 I MN3 . MN ? ? A CZM 180 A MN3 190 1_555 ? ? ? ? ? ? ? 2.069 ? ? 
metalc4 metalc ? ? H CZM .  OA  ? ? ? 1_555 I MN3 . MN ? ? A CZM 180 A MN3 190 1_555 ? ? ? ? ? ? ? 1.856 ? ? 
metalc5 metalc ? ? H CZM .  OB  ? ? ? 1_555 I MN3 . MN ? ? A CZM 180 A MN3 190 1_555 ? ? ? ? ? ? ? 1.898 ? ? 
metalc6 metalc ? ? I MN3 .  MN  ? ? ? 1_555 J HOH . O  ? ? A MN3 190 A HOH 206 1_555 ? ? ? ? ? ? ? 2.384 ? ? 
# 
_struct_conn_type.id          metalc 
_struct_conn_type.criteria    ? 
_struct_conn_type.reference   ? 
# 
loop_
_struct_site.id 
_struct_site.pdbx_evidence_code 
_struct_site.pdbx_auth_asym_id 
_struct_site.pdbx_auth_comp_id 
_struct_site.pdbx_auth_seq_id 
_struct_site.pdbx_auth_ins_code 
_struct_site.pdbx_num_residues 
_struct_site.details 
AC1 Software A PO4 155 ? 7  'BINDING SITE FOR RESIDUE PO4 A 155' 
AC2 Software A PO4 156 ? 6  'BINDING SITE FOR RESIDUE PO4 A 156' 
AC3 Software A PO4 157 ? 4  'BINDING SITE FOR RESIDUE PO4 A 157' 
AC4 Software A PO4 158 ? 6  'BINDING SITE FOR RESIDUE PO4 A 158' 
AC5 Software A PO4 159 ? 5  'BINDING SITE FOR RESIDUE PO4 A 159' 
AC6 Software A PO4 160 ? 4  'BINDING SITE FOR RESIDUE PO4 A 160' 
AC7 Software A CZM 180 ? 11 'BINDING SITE FOR RESIDUE CZM A 180' 
AC8 Software A MN3 190 ? 3  'BINDING SITE FOR RESIDUE MN3 A 190' 
# 
loop_
_struct_site_gen.id 
_struct_site_gen.site_id 
_struct_site_gen.pdbx_num_res 
_struct_site_gen.label_comp_id 
_struct_site_gen.label_asym_id 
_struct_site_gen.label_seq_id 
_struct_site_gen.pdbx_auth_ins_code 
_struct_site_gen.auth_comp_id 
_struct_site_gen.auth_asym_id 
_struct_site_gen.auth_seq_id 
_struct_site_gen.label_atom_id 
_struct_site_gen.label_alt_id 
_struct_site_gen.symmetry 
_struct_site_gen.details 
1  AC1 7  GLU A 110 ? GLU A 109 . ? 3_555 ? 
2  AC1 7  HIS A 114 ? HIS A 113 . ? 3_555 ? 
3  AC1 7  HOH J .   ? HOH A 208 . ? 1_555 ? 
4  AC1 7  HOH J .   ? HOH A 229 . ? 3_555 ? 
5  AC1 7  HOH J .   ? HOH A 395 . ? 1_555 ? 
6  AC1 7  HOH J .   ? HOH A 403 . ? 1_555 ? 
7  AC1 7  HOH J .   ? HOH A 405 . ? 3_555 ? 
8  AC2 6  MET A 1   ? MET A 0   . ? 3_545 ? 
9  AC2 6  HIS A 114 ? HIS A 113 . ? 1_555 ? 
10 AC2 6  SER A 118 ? SER A 117 . ? 1_555 ? 
11 AC2 6  HOH J .   ? HOH A 273 . ? 1_555 ? 
12 AC2 6  HOH J .   ? HOH A 312 . ? 1_555 ? 
13 AC2 6  HOH J .   ? HOH A 357 . ? 1_555 ? 
14 AC3 4  LYS A 17  ? LYS A 16  . ? 1_555 ? 
15 AC3 4  HIS A 120 ? HIS A 119 . ? 1_555 ? 
16 AC3 4  ASP A 123 ? ASP A 122 . ? 1_555 ? 
17 AC3 4  HOH J .   ? HOH A 385 . ? 1_555 ? 
18 AC4 6  HIS A 13  ? HIS A 12  . ? 1_555 ? 
19 AC4 6  LYS A 17  ? LYS A 16  . ? 1_555 ? 
20 AC4 6  ASP A 45  ? ASP A 44  . ? 2_555 ? 
21 AC4 6  LYS A 48  ? LYS A 47  . ? 2_555 ? 
22 AC4 6  HOH J .   ? HOH A 358 . ? 2_555 ? 
23 AC4 6  HOH J .   ? HOH A 375 . ? 1_555 ? 
24 AC5 5  ARG A 46  ? ARG A 45  . ? 1_555 ? 
25 AC5 5  GLU A 84  ? GLU A 83  . ? 4_555 ? 
26 AC5 5  HIS A 117 ? HIS A 116 . ? 2_554 ? 
27 AC5 5  LYS A 146 ? LYS A 145 . ? 4_555 ? 
28 AC5 5  HOH J .   ? HOH A 368 . ? 1_555 ? 
29 AC6 4  LYS A 35  ? LYS A 34  . ? 1_555 ? 
30 AC6 4  THR A 52  ? THR A 51  . ? 1_555 ? 
31 AC6 4  GLU A 53  ? GLU A 52  . ? 1_555 ? 
32 AC6 4  HOH J .   ? HOH A 300 . ? 1_555 ? 
33 AC7 11 PHE A 44  ? PHE A 43  . ? 1_555 ? 
34 AC7 11 HIS A 65  ? HIS A 64  . ? 1_555 ? 
35 AC7 11 VAL A 69  ? VAL A 68  . ? 1_555 ? 
36 AC7 11 LEU A 73  ? LEU A 72  . ? 1_555 ? 
37 AC7 11 LEU A 90  ? LEU A 89  . ? 1_555 ? 
38 AC7 11 HIS A 94  ? HIS A 93  . ? 1_555 ? 
39 AC7 11 HIS A 98  ? HIS A 97  . ? 1_555 ? 
40 AC7 11 ILE A 100 ? ILE A 99  . ? 1_555 ? 
41 AC7 11 TYR A 104 ? TYR A 103 . ? 1_555 ? 
42 AC7 11 MN3 I .   ? MN3 A 190 . ? 1_555 ? 
43 AC7 11 HOH J .   ? HOH A 206 . ? 1_555 ? 
44 AC8 3  HIS A 94  ? HIS A 93  . ? 1_555 ? 
45 AC8 3  CZM H .   ? CZM A 180 . ? 1_555 ? 
46 AC8 3  HOH J .   ? HOH A 206 . ? 1_555 ? 
# 
_atom_sites.entry_id                    1V9Q 
_atom_sites.fract_transf_matrix[1][1]   0.00872115 
_atom_sites.fract_transf_matrix[1][2]   0.02730981 
_atom_sites.fract_transf_matrix[1][3]   -0.00898652 
_atom_sites.fract_transf_matrix[2][1]   -0.00455577 
_atom_sites.fract_transf_matrix[2][2]   -0.00388176 
_atom_sites.fract_transf_matrix[2][3]   -0.01621781 
_atom_sites.fract_transf_matrix[3][1]   -0.01219746 
_atom_sites.fract_transf_matrix[3][2]   0.00465594 
_atom_sites.fract_transf_matrix[3][3]   0.00231200 
_atom_sites.fract_transf_vector[1]      0.091231 
_atom_sites.fract_transf_vector[2]      0.077955 
_atom_sites.fract_transf_vector[3]      0.132008 
# 
loop_
_atom_type.symbol 
C  
MN 
N  
O  
P  
S  
# 
loop_
_atom_site.group_PDB 
_atom_site.id 
_atom_site.type_symbol 
_atom_site.label_atom_id 
_atom_site.label_alt_id 
_atom_site.label_comp_id 
_atom_site.label_asym_id 
_atom_site.label_entity_id 
_atom_site.label_seq_id 
_atom_site.pdbx_PDB_ins_code 
_atom_site.Cartn_x 
_atom_site.Cartn_y 
_atom_site.Cartn_z 
_atom_site.occupancy 
_atom_site.B_iso_or_equiv 
_atom_site.pdbx_formal_charge 
_atom_site.auth_seq_id 
_atom_site.auth_comp_id 
_atom_site.auth_asym_id 
_atom_site.auth_atom_id 
_atom_site.pdbx_PDB_model_num 
ATOM   1    N  N   . MET A 1 1   ? -16.931 -6.903  -4.772  1.00 37.39 ? 0   MET A N   1 
ATOM   2    C  CA  . MET A 1 1   ? -16.559 -5.516  -4.373  1.00 36.17 ? 0   MET A CA  1 
ATOM   3    C  C   . MET A 1 1   ? -16.723 -4.568  -5.559  1.00 34.41 ? 0   MET A C   1 
ATOM   4    O  O   . MET A 1 1   ? -16.225 -4.837  -6.653  1.00 34.98 ? 0   MET A O   1 
ATOM   5    C  CB  . MET A 1 1   ? -15.112 -5.490  -3.869  1.00 38.53 ? 0   MET A CB  1 
ATOM   6    C  CG  . MET A 1 1   ? -14.672 -4.148  -3.317  1.00 39.24 ? 0   MET A CG  1 
ATOM   7    S  SD  . MET A 1 1   ? -15.833 -3.492  -2.104  1.00 42.60 ? 0   MET A SD  1 
ATOM   8    C  CE  . MET A 1 1   ? -15.204 -4.228  -0.608  1.00 41.61 ? 0   MET A CE  1 
ATOM   9    N  N   . VAL A 1 2   ? -17.423 -3.458  -5.337  1.00 31.08 ? 1   VAL A N   1 
ATOM   10   C  CA  . VAL A 1 2   ? -17.661 -2.479  -6.392  1.00 28.25 ? 1   VAL A CA  1 
ATOM   11   C  C   . VAL A 1 2   ? -17.726 -1.044  -5.864  1.00 25.08 ? 1   VAL A C   1 
ATOM   12   O  O   . VAL A 1 2   ? -18.363 -0.777  -4.847  1.00 26.06 ? 1   VAL A O   1 
ATOM   13   C  CB  . VAL A 1 2   ? -18.984 -2.789  -7.141  1.00 28.26 ? 1   VAL A CB  1 
ATOM   14   C  CG1 . VAL A 1 2   ? -20.150 -2.776  -6.164  1.00 29.36 ? 1   VAL A CG1 1 
ATOM   15   C  CG2 . VAL A 1 2   ? -19.215 -1.773  -8.246  1.00 28.85 ? 1   VAL A CG2 1 
ATOM   16   N  N   . LEU A 1 3   ? -17.050 -0.132  -6.558  1.00 22.09 ? 2   LEU A N   1 
ATOM   17   C  CA  . LEU A 1 3   ? -17.057 1.283   -6.198  1.00 19.68 ? 2   LEU A CA  1 
ATOM   18   C  C   . LEU A 1 3   ? -17.812 2.060   -7.268  1.00 18.31 ? 2   LEU A C   1 
ATOM   19   O  O   . LEU A 1 3   ? -17.779 1.706   -8.446  1.00 18.61 ? 2   LEU A O   1 
ATOM   20   C  CB  . LEU A 1 3   ? -15.633 1.854   -6.123  1.00 18.73 ? 2   LEU A CB  1 
ATOM   21   C  CG  . LEU A 1 3   ? -14.716 1.588   -4.923  1.00 18.86 ? 2   LEU A CG  1 
ATOM   22   C  CD1 . LEU A 1 3   ? -14.168 0.183   -4.973  1.00 19.04 ? 2   LEU A CD1 1 
ATOM   23   C  CD2 . LEU A 1 3   ? -13.562 2.576   -4.960  1.00 18.71 ? 2   LEU A CD2 1 
ATOM   24   N  N   . SER A 1 4   ? -18.499 3.121   -6.857  1.00 17.71 ? 3   SER A N   1 
ATOM   25   C  CA  . SER A 1 4   ? -19.215 3.958   -7.812  1.00 17.40 ? 3   SER A CA  1 
ATOM   26   C  C   . SER A 1 4   ? -18.163 4.837   -8.482  1.00 17.87 ? 3   SER A C   1 
ATOM   27   O  O   . SER A 1 4   ? -17.040 4.965   -7.973  1.00 16.37 ? 3   SER A O   1 
ATOM   28   C  CB  . SER A 1 4   ? -20.221 4.854   -7.092  1.00 18.68 ? 3   SER A CB  1 
ATOM   29   O  OG  . SER A 1 4   ? -19.556 5.814   -6.285  1.00 18.03 ? 3   SER A OG  1 
ATOM   30   N  N   . GLU A 1 5   ? -18.509 5.439   -9.617  1.00 17.95 ? 4   GLU A N   1 
ATOM   31   C  CA  . GLU A 1 5   ? -17.568 6.314   -10.307 1.00 18.59 ? 4   GLU A CA  1 
ATOM   32   C  C   . GLU A 1 5   ? -17.200 7.451   -9.360  1.00 18.82 ? 4   GLU A C   1 
ATOM   33   O  O   . GLU A 1 5   ? -16.052 7.896   -9.326  1.00 16.85 ? 4   GLU A O   1 
ATOM   34   C  CB  . GLU A 1 5   ? -18.195 6.860   -11.593 1.00 20.91 ? 4   GLU A CB  1 
ATOM   35   C  CG  . GLU A 1 5   ? -17.379 7.930   -12.327 1.00 22.23 ? 4   GLU A CG  1 
ATOM   36   C  CD  . GLU A 1 5   ? -15.975 7.486   -12.729 1.00 26.16 ? 4   GLU A CD  1 
ATOM   37   O  OE1 . GLU A 1 5   ? -15.708 6.269   -12.802 1.00 27.37 ? 4   GLU A OE1 1 
ATOM   38   O  OE2 . GLU A 1 5   ? -15.134 8.371   -12.993 1.00 28.30 ? 4   GLU A OE2 1 
ATOM   39   N  N   . GLY A 1 6   ? -18.176 7.902   -8.575  1.00 16.56 ? 5   GLY A N   1 
ATOM   40   C  CA  . GLY A 1 6   ? -17.926 8.964   -7.618  1.00 17.78 ? 5   GLY A CA  1 
ATOM   41   C  C   . GLY A 1 6   ? -16.875 8.546   -6.607  1.00 16.72 ? 5   GLY A C   1 
ATOM   42   O  O   . GLY A 1 6   ? -15.973 9.326   -6.277  1.00 17.03 ? 5   GLY A O   1 
ATOM   43   N  N   . GLU A 1 7   ? -16.989 7.319   -6.111  1.00 15.68 ? 6   GLU A N   1 
ATOM   44   C  CA  . GLU A 1 7   ? -16.029 6.802   -5.141  1.00 14.53 ? 6   GLU A CA  1 
ATOM   45   C  C   . GLU A 1 7   ? -14.637 6.669   -5.748  1.00 15.04 ? 6   GLU A C   1 
ATOM   46   O  O   . GLU A 1 7   ? -13.639 6.973   -5.090  1.00 13.01 ? 6   GLU A O   1 
ATOM   47   C  CB  . GLU A 1 7   ? -16.485 5.445   -4.606  1.00 15.37 ? 6   GLU A CB  1 
ATOM   48   C  CG  . GLU A 1 7   ? -17.631 5.523   -3.617  1.00 19.54 ? 6   GLU A CG  1 
ATOM   49   C  CD  . GLU A 1 7   ? -18.076 4.156   -3.155  1.00 22.36 ? 6   GLU A CD  1 
ATOM   50   O  OE1 . GLU A 1 7   ? -18.464 3.338   -4.014  1.00 22.23 ? 6   GLU A OE1 1 
ATOM   51   O  OE2 . GLU A 1 7   ? -18.036 3.894   -1.937  1.00 25.27 ? 6   GLU A OE2 1 
ATOM   52   N  N   . TRP A 1 8   ? -14.558 6.202   -6.995  1.00 14.28 ? 7   TRP A N   1 
ATOM   53   C  CA  . TRP A 1 8   ? -13.253 6.079   -7.637  1.00 14.69 ? 7   TRP A CA  1 
ATOM   54   C  C   . TRP A 1 8   ? -12.623 7.455   -7.745  1.00 15.58 ? 7   TRP A C   1 
ATOM   55   O  O   . TRP A 1 8   ? -11.411 7.603   -7.587  1.00 15.23 ? 7   TRP A O   1 
ATOM   56   C  CB  . TRP A 1 8   ? -13.368 5.458   -9.034  1.00 14.10 ? 7   TRP A CB  1 
ATOM   57   C  CG  . TRP A 1 8   ? -13.395 3.965   -9.010  1.00 14.29 ? 7   TRP A CG  1 
ATOM   58   C  CD1 . TRP A 1 8   ? -14.404 3.155   -9.444  1.00 15.52 ? 7   TRP A CD1 1 
ATOM   59   C  CD2 . TRP A 1 8   ? -12.373 3.093   -8.500  1.00 14.16 ? 7   TRP A CD2 1 
ATOM   60   N  NE1 . TRP A 1 8   ? -14.076 1.835   -9.236  1.00 16.71 ? 7   TRP A NE1 1 
ATOM   61   C  CE2 . TRP A 1 8   ? -12.836 1.769   -8.658  1.00 15.94 ? 7   TRP A CE2 1 
ATOM   62   C  CE3 . TRP A 1 8   ? -11.111 3.305   -7.925  1.00 14.88 ? 7   TRP A CE3 1 
ATOM   63   C  CZ2 . TRP A 1 8   ? -12.081 0.656   -8.261  1.00 15.16 ? 7   TRP A CZ2 1 
ATOM   64   C  CZ3 . TRP A 1 8   ? -10.360 2.199   -7.529  1.00 15.49 ? 7   TRP A CZ3 1 
ATOM   65   C  CH2 . TRP A 1 8   ? -10.852 0.889   -7.700  1.00 16.43 ? 7   TRP A CH2 1 
ATOM   66   N  N   . GLN A 1 9   ? -13.449 8.466   -8.006  1.00 15.49 ? 8   GLN A N   1 
ATOM   67   C  CA  . GLN A 1 9   ? -12.931 9.819   -8.115  1.00 15.65 ? 8   GLN A CA  1 
ATOM   68   C  C   . GLN A 1 9   ? -12.429 10.318  -6.764  1.00 14.47 ? 8   GLN A C   1 
ATOM   69   O  O   . GLN A 1 9   ? -11.494 11.107  -6.719  1.00 15.78 ? 8   GLN A O   1 
ATOM   70   C  CB  . GLN A 1 9   ? -13.987 10.767  -8.691  1.00 17.53 ? 8   GLN A CB  1 
ATOM   71   C  CG  . GLN A 1 9   ? -14.232 10.564  -10.186 1.00 22.49 ? 8   GLN A CG  1 
ATOM   72   C  CD  . GLN A 1 9   ? -12.940 10.505  -10.992 1.00 25.87 ? 8   GLN A CD  1 
ATOM   73   O  OE1 . GLN A 1 9   ? -12.048 11.340  -10.827 1.00 27.81 ? 8   GLN A OE1 1 
ATOM   74   N  NE2 . GLN A 1 9   ? -12.838 9.515   -11.871 1.00 27.34 ? 8   GLN A NE2 1 
ATOM   75   N  N   . LEU A 1 10  ? -13.037 9.861   -5.672  1.00 13.69 ? 9   LEU A N   1 
ATOM   76   C  CA  . LEU A 1 10  ? -12.565 10.256  -4.348  1.00 13.50 ? 9   LEU A CA  1 
ATOM   77   C  C   . LEU A 1 10  ? -11.170 9.654   -4.161  1.00 13.65 ? 9   LEU A C   1 
ATOM   78   O  O   . LEU A 1 10  ? -10.259 10.309  -3.652  1.00 14.42 ? 9   LEU A O   1 
ATOM   79   C  CB  . LEU A 1 10  ? -13.497 9.738   -3.249  1.00 14.14 ? 9   LEU A CB  1 
ATOM   80   C  CG  . LEU A 1 10  ? -14.888 10.372  -3.162  1.00 14.10 ? 9   LEU A CG  1 
ATOM   81   C  CD1 . LEU A 1 10  ? -15.652 9.778   -1.992  1.00 17.34 ? 9   LEU A CD1 1 
ATOM   82   C  CD2 . LEU A 1 10  ? -14.754 11.885  -2.994  1.00 17.04 ? 9   LEU A CD2 1 
ATOM   83   N  N   . VAL A 1 11  ? -11.016 8.398   -4.577  1.00 14.03 ? 10  VAL A N   1 
ATOM   84   C  CA  . VAL A 1 11  ? -9.736  7.708   -4.476  1.00 13.40 ? 10  VAL A CA  1 
ATOM   85   C  C   . VAL A 1 11  ? -8.673  8.415   -5.318  1.00 14.15 ? 10  VAL A C   1 
ATOM   86   O  O   . VAL A 1 11  ? -7.561  8.665   -4.848  1.00 13.97 ? 10  VAL A O   1 
ATOM   87   C  CB  . VAL A 1 11  ? -9.865  6.243   -4.959  1.00 14.76 ? 10  VAL A CB  1 
ATOM   88   C  CG1 . VAL A 1 11  ? -8.486  5.603   -5.106  1.00 15.43 ? 10  VAL A CG1 1 
ATOM   89   C  CG2 . VAL A 1 11  ? -10.702 5.448   -3.967  1.00 14.32 ? 10  VAL A CG2 1 
ATOM   90   N  N   . LEU A 1 12  ? -9.015  8.737   -6.565  1.00 13.64 ? 11  LEU A N   1 
ATOM   91   C  CA  . LEU A 1 12  ? -8.073  9.397   -7.460  1.00 15.42 ? 11  LEU A CA  1 
ATOM   92   C  C   . LEU A 1 12  ? -7.771  10.834  -7.047  1.00 14.42 ? 11  LEU A C   1 
ATOM   93   O  O   . LEU A 1 12  ? -6.667  11.331  -7.282  1.00 15.97 ? 11  LEU A O   1 
ATOM   94   C  CB  . LEU A 1 12  ? -8.591  9.355   -8.902  1.00 17.80 ? 11  LEU A CB  1 
ATOM   95   C  CG  . LEU A 1 12  ? -8.735  7.941   -9.479  1.00 19.24 ? 11  LEU A CG  1 
ATOM   96   C  CD1 . LEU A 1 12  ? -9.220  8.015   -10.915 1.00 21.41 ? 11  LEU A CD1 1 
ATOM   97   C  CD2 . LEU A 1 12  ? -7.400  7.212   -9.399  1.00 22.40 ? 11  LEU A CD2 1 
ATOM   98   N  N   . HIS A 1 13  ? -8.739  11.498  -6.425  1.00 14.76 ? 12  HIS A N   1 
ATOM   99   C  CA  . HIS A 1 13  ? -8.540  12.873  -5.980  1.00 16.90 ? 12  HIS A CA  1 
ATOM   100  C  C   . HIS A 1 13  ? -7.473  12.928  -4.888  1.00 16.30 ? 12  HIS A C   1 
ATOM   101  O  O   . HIS A 1 13  ? -6.568  13.771  -4.931  1.00 16.38 ? 12  HIS A O   1 
ATOM   102  C  CB  . HIS A 1 13  ? -9.850  13.456  -5.449  1.00 18.56 ? 12  HIS A CB  1 
ATOM   103  C  CG  . HIS A 1 13  ? -9.775  14.914  -5.119  1.00 24.38 ? 12  HIS A CG  1 
ATOM   104  N  ND1 . HIS A 1 13  ? -9.687  15.892  -6.087  1.00 26.89 ? 12  HIS A ND1 1 
ATOM   105  C  CD2 . HIS A 1 13  ? -9.779  15.561  -3.930  1.00 25.02 ? 12  HIS A CD2 1 
ATOM   106  C  CE1 . HIS A 1 13  ? -9.641  17.079  -5.507  1.00 26.80 ? 12  HIS A CE1 1 
ATOM   107  N  NE2 . HIS A 1 13  ? -9.696  16.905  -4.199  1.00 28.38 ? 12  HIS A NE2 1 
ATOM   108  N  N   . VAL A 1 14  ? -7.564  12.038  -3.904  1.00 14.88 ? 13  VAL A N   1 
ATOM   109  C  CA  . VAL A 1 14  ? -6.567  12.054  -2.846  1.00 14.70 ? 13  VAL A CA  1 
ATOM   110  C  C   . VAL A 1 14  ? -5.232  11.525  -3.366  1.00 14.36 ? 13  VAL A C   1 
ATOM   111  O  O   . VAL A 1 14  ? -4.171  11.946  -2.896  1.00 13.97 ? 13  VAL A O   1 
ATOM   112  C  CB  . VAL A 1 14  ? -7.015  11.235  -1.604  1.00 14.40 ? 13  VAL A CB  1 
ATOM   113  C  CG1 . VAL A 1 14  ? -6.934  9.743   -1.879  1.00 16.88 ? 13  VAL A CG1 1 
ATOM   114  C  CG2 . VAL A 1 14  ? -6.158  11.608  -0.408  1.00 14.39 ? 13  VAL A CG2 1 
ATOM   115  N  N   . TRP A 1 15  ? -5.260  10.620  -4.342  1.00 14.26 ? 14  TRP A N   1 
ATOM   116  C  CA  . TRP A 1 15  ? -3.995  10.104  -4.849  1.00 14.69 ? 14  TRP A CA  1 
ATOM   117  C  C   . TRP A 1 15  ? -3.207  11.192  -5.561  1.00 14.62 ? 14  TRP A C   1 
ATOM   118  O  O   . TRP A 1 15  ? -1.974  11.168  -5.570  1.00 15.56 ? 14  TRP A O   1 
ATOM   119  C  CB  . TRP A 1 15  ? -4.200  8.908   -5.780  1.00 14.27 ? 14  TRP A CB  1 
ATOM   120  C  CG  . TRP A 1 15  ? -3.005  8.018   -5.731  1.00 15.05 ? 14  TRP A CG  1 
ATOM   121  C  CD1 . TRP A 1 15  ? -1.962  7.983   -6.609  1.00 18.26 ? 14  TRP A CD1 1 
ATOM   122  C  CD2 . TRP A 1 15  ? -2.659  7.133   -4.661  1.00 15.38 ? 14  TRP A CD2 1 
ATOM   123  N  NE1 . TRP A 1 15  ? -0.981  7.134   -6.146  1.00 16.48 ? 14  TRP A NE1 1 
ATOM   124  C  CE2 . TRP A 1 15  ? -1.385  6.601   -4.950  1.00 16.50 ? 14  TRP A CE2 1 
ATOM   125  C  CE3 . TRP A 1 15  ? -3.303  6.741   -3.476  1.00 17.26 ? 14  TRP A CE3 1 
ATOM   126  C  CZ2 . TRP A 1 15  ? -0.740  5.692   -4.098  1.00 17.07 ? 14  TRP A CZ2 1 
ATOM   127  C  CZ3 . TRP A 1 15  ? -2.664  5.843   -2.631  1.00 18.33 ? 14  TRP A CZ3 1 
ATOM   128  C  CH2 . TRP A 1 15  ? -1.393  5.328   -2.947  1.00 18.94 ? 14  TRP A CH2 1 
ATOM   129  N  N   . ALA A 1 16  ? -3.919  12.145  -6.157  1.00 14.29 ? 15  ALA A N   1 
ATOM   130  C  CA  . ALA A 1 16  ? -3.259  13.253  -6.840  1.00 14.99 ? 15  ALA A CA  1 
ATOM   131  C  C   . ALA A 1 16  ? -2.430  13.999  -5.800  1.00 16.05 ? 15  ALA A C   1 
ATOM   132  O  O   . ALA A 1 16  ? -1.339  14.492  -6.097  1.00 17.58 ? 15  ALA A O   1 
ATOM   133  C  CB  . ALA A 1 16  ? -4.293  14.188  -7.453  1.00 17.19 ? 15  ALA A CB  1 
ATOM   134  N  N   . LYS A 1 17  ? -2.949  14.072  -4.576  1.00 15.13 ? 16  LYS A N   1 
ATOM   135  C  CA  . LYS A 1 17  ? -2.243  14.753  -3.492  1.00 16.56 ? 16  LYS A CA  1 
ATOM   136  C  C   . LYS A 1 17  ? -1.042  13.926  -3.046  1.00 16.90 ? 16  LYS A C   1 
ATOM   137  O  O   . LYS A 1 17  ? 0.012   14.466  -2.704  1.00 17.34 ? 16  LYS A O   1 
ATOM   138  C  CB  . LYS A 1 17  ? -3.182  15.000  -2.310  1.00 16.81 ? 16  LYS A CB  1 
ATOM   139  C  CG  . LYS A 1 17  ? -4.341  15.931  -2.644  1.00 20.39 ? 16  LYS A CG  1 
ATOM   140  C  CD  . LYS A 1 17  ? -5.220  16.196  -1.437  1.00 23.03 ? 16  LYS A CD  1 
ATOM   141  C  CE  . LYS A 1 17  ? -6.406  17.078  -1.801  1.00 24.31 ? 16  LYS A CE  1 
ATOM   142  N  NZ  . LYS A 1 17  ? -5.976  18.412  -2.312  1.00 26.28 ? 16  LYS A NZ  1 
ATOM   143  N  N   . VAL A 1 18  ? -1.205  12.608  -3.038  1.00 15.95 ? 17  VAL A N   1 
ATOM   144  C  CA  . VAL A 1 18  ? -0.113  11.722  -2.664  1.00 15.01 ? 17  VAL A CA  1 
ATOM   145  C  C   . VAL A 1 18  ? 1.036   11.956  -3.644  1.00 15.78 ? 17  VAL A C   1 
ATOM   146  O  O   . VAL A 1 18  ? 2.200   12.059  -3.246  1.00 15.85 ? 17  VAL A O   1 
ATOM   147  C  CB  . VAL A 1 18  ? -0.551  10.233  -2.734  1.00 14.87 ? 17  VAL A CB  1 
ATOM   148  C  CG1 . VAL A 1 18  ? 0.657   9.315   -2.584  1.00 16.12 ? 17  VAL A CG1 1 
ATOM   149  C  CG2 . VAL A 1 18  ? -1.575  9.944   -1.644  1.00 17.33 ? 17  VAL A CG2 1 
ATOM   150  N  N   . GLU A 1 19  ? 0.697   12.063  -4.925  1.00 16.21 ? 18  GLU A N   1 
ATOM   151  C  CA  . GLU A 1 19  ? 1.690   12.251  -5.973  1.00 16.03 ? 18  GLU A CA  1 
ATOM   152  C  C   . GLU A 1 19  ? 2.473   13.555  -5.896  1.00 16.61 ? 18  GLU A C   1 
ATOM   153  O  O   . GLU A 1 19  ? 3.499   13.690  -6.558  1.00 17.45 ? 18  GLU A O   1 
ATOM   154  C  CB  . GLU A 1 19  ? 1.028   12.112  -7.348  1.00 19.60 ? 18  GLU A CB  1 
ATOM   155  C  CG  . GLU A 1 19  ? 0.623   10.683  -7.662  1.00 20.33 ? 18  GLU A CG  1 
ATOM   156  C  CD  . GLU A 1 19  ? -0.035  10.537  -9.017  1.00 24.20 ? 18  GLU A CD  1 
ATOM   157  O  OE1 . GLU A 1 19  ? -0.238  9.385   -9.451  1.00 26.69 ? 18  GLU A OE1 1 
ATOM   158  O  OE2 . GLU A 1 19  ? -0.354  11.568  -9.644  1.00 27.24 ? 18  GLU A OE2 1 
ATOM   159  N  N   . ALA A 1 20  ? 1.998   14.502  -5.093  1.00 16.31 ? 19  ALA A N   1 
ATOM   160  C  CA  . ALA A 1 20  ? 2.708   15.771  -4.943  1.00 16.39 ? 19  ALA A CA  1 
ATOM   161  C  C   . ALA A 1 20  ? 3.912   15.590  -4.013  1.00 17.89 ? 19  ALA A C   1 
ATOM   162  O  O   . ALA A 1 20  ? 4.816   16.422  -3.992  1.00 17.19 ? 19  ALA A O   1 
ATOM   163  C  CB  . ALA A 1 20  ? 1.779   16.841  -4.389  1.00 17.41 ? 19  ALA A CB  1 
ATOM   164  N  N   . ASP A 1 21  ? 3.914   14.508  -3.237  1.00 14.99 ? 20  ASP A N   1 
ATOM   165  C  CA  . ASP A 1 21  ? 5.024   14.209  -2.326  1.00 15.16 ? 20  ASP A CA  1 
ATOM   166  C  C   . ASP A 1 21  ? 5.047   12.701  -2.089  1.00 13.47 ? 20  ASP A C   1 
ATOM   167  O  O   . ASP A 1 21  ? 4.789   12.220  -0.983  1.00 14.18 ? 20  ASP A O   1 
ATOM   168  C  CB  . ASP A 1 21  ? 4.857   14.950  -0.995  1.00 15.79 ? 20  ASP A CB  1 
ATOM   169  C  CG  . ASP A 1 21  ? 5.986   14.659  -0.011  1.00 15.65 ? 20  ASP A CG  1 
ATOM   170  O  OD1 . ASP A 1 21  ? 7.040   14.140  -0.435  1.00 16.16 ? 20  ASP A OD1 1 
ATOM   171  O  OD2 . ASP A 1 21  ? 5.815   14.959  1.185   1.00 21.42 ? 20  ASP A OD2 1 
ATOM   172  N  N   . VAL A 1 22  ? 5.358   11.961  -3.145  1.00 14.58 ? 21  VAL A N   1 
ATOM   173  C  CA  . VAL A 1 22  ? 5.391   10.505  -3.081  1.00 14.09 ? 21  VAL A CA  1 
ATOM   174  C  C   . VAL A 1 22  ? 6.343   9.983   -2.010  1.00 14.46 ? 21  VAL A C   1 
ATOM   175  O  O   . VAL A 1 22  ? 5.968   9.143   -1.192  1.00 13.93 ? 21  VAL A O   1 
ATOM   176  C  CB  . VAL A 1 22  ? 5.780   9.908   -4.451  1.00 15.02 ? 21  VAL A CB  1 
ATOM   177  C  CG1 . VAL A 1 22  ? 5.851   8.384   -4.365  1.00 17.46 ? 21  VAL A CG1 1 
ATOM   178  C  CG2 . VAL A 1 22  ? 4.761   10.326  -5.507  1.00 17.19 ? 21  VAL A CG2 1 
ATOM   179  N  N   . ALA A 1 23  ? 7.573   10.482  -2.003  1.00 13.85 ? 22  ALA A N   1 
ATOM   180  C  CA  . ALA A 1 23  ? 8.556   10.022  -1.026  1.00 14.74 ? 22  ALA A CA  1 
ATOM   181  C  C   . ALA A 1 23  ? 8.121   10.249  0.417   1.00 14.89 ? 22  ALA A C   1 
ATOM   182  O  O   . ALA A 1 23  ? 8.292   9.373   1.268   1.00 14.44 ? 22  ALA A O   1 
ATOM   183  C  CB  . ALA A 1 23  ? 9.904   10.693  -1.279  1.00 14.66 ? 22  ALA A CB  1 
ATOM   184  N  N   . GLY A 1 24  ? 7.553   11.419  0.693   1.00 13.81 ? 23  GLY A N   1 
ATOM   185  C  CA  . GLY A 1 24  ? 7.109   11.727  2.045   1.00 13.20 ? 23  GLY A CA  1 
ATOM   186  C  C   . GLY A 1 24  ? 5.970   10.835  2.516   1.00 13.40 ? 23  GLY A C   1 
ATOM   187  O  O   . GLY A 1 24  ? 5.967   10.370  3.658   1.00 13.53 ? 23  GLY A O   1 
ATOM   188  N  N   . HIS A 1 25  ? 4.996   10.611  1.638   1.00 13.14 ? 24  HIS A N   1 
ATOM   189  C  CA  . HIS A 1 25  ? 3.871   9.746   1.989   1.00 12.64 ? 24  HIS A CA  1 
ATOM   190  C  C   . HIS A 1 25  ? 4.395   8.324   2.193   1.00 12.10 ? 24  HIS A C   1 
ATOM   191  O  O   . HIS A 1 25  ? 3.976   7.631   3.117   1.00 11.26 ? 24  HIS A O   1 
ATOM   192  C  CB  . HIS A 1 25  ? 2.811   9.751   0.883   1.00 13.46 ? 24  HIS A CB  1 
ATOM   193  C  CG  . HIS A 1 25  ? 2.010   11.016  0.807   1.00 14.82 ? 24  HIS A CG  1 
ATOM   194  N  ND1 . HIS A 1 25  ? 0.745   11.136  1.346   1.00 16.36 ? 24  HIS A ND1 1 
ATOM   195  C  CD2 . HIS A 1 25  ? 2.292   12.213  0.240   1.00 12.80 ? 24  HIS A CD2 1 
ATOM   196  C  CE1 . HIS A 1 25  ? 0.283   12.354  1.108   1.00 12.17 ? 24  HIS A CE1 1 
ATOM   197  N  NE2 . HIS A 1 25  ? 1.202   13.026  0.440   1.00 17.13 ? 24  HIS A NE2 1 
ATOM   198  N  N   . GLY A 1 26  ? 5.316   7.898   1.327   1.00 12.64 ? 25  GLY A N   1 
ATOM   199  C  CA  . GLY A 1 26  ? 5.872   6.555   1.426   1.00 11.77 ? 25  GLY A CA  1 
ATOM   200  C  C   . GLY A 1 26  ? 6.609   6.319   2.731   1.00 11.83 ? 25  GLY A C   1 
ATOM   201  O  O   . GLY A 1 26  ? 6.499   5.246   3.331   1.00 12.09 ? 25  GLY A O   1 
ATOM   202  N  N   . GLN A 1 27  ? 7.374   7.312   3.169   1.00 12.13 ? 26  GLN A N   1 
ATOM   203  C  CA  . GLN A 1 27  ? 8.114   7.200   4.419   1.00 11.63 ? 26  GLN A CA  1 
ATOM   204  C  C   . GLN A 1 27  ? 7.142   7.098   5.583   1.00 13.29 ? 26  GLN A C   1 
ATOM   205  O  O   . GLN A 1 27  ? 7.288   6.241   6.454   1.00 13.08 ? 26  GLN A O   1 
ATOM   206  C  CB  . GLN A 1 27  ? 9.008   8.420   4.624   1.00 14.83 ? 26  GLN A CB  1 
ATOM   207  C  CG  . GLN A 1 27  ? 10.216  8.475   3.720   1.00 15.75 ? 26  GLN A CG  1 
ATOM   208  C  CD  . GLN A 1 27  ? 10.984  9.770   3.891   1.00 17.67 ? 26  GLN A CD  1 
ATOM   209  O  OE1 . GLN A 1 27  ? 10.423  10.856  3.735   1.00 19.51 ? 26  GLN A OE1 1 
ATOM   210  N  NE2 . GLN A 1 27  ? 12.265  9.664   4.219   1.00 19.25 ? 26  GLN A NE2 1 
ATOM   211  N  N   . ASP A 1 28  ? 6.145   7.981   5.596   1.00 13.33 ? 27  ASP A N   1 
ATOM   212  C  CA  . ASP A 1 28  ? 5.163   7.980   6.674   1.00 13.20 ? 27  ASP A CA  1 
ATOM   213  C  C   . ASP A 1 28  ? 4.422   6.647   6.735   1.00 12.98 ? 27  ASP A C   1 
ATOM   214  O  O   . ASP A 1 28  ? 4.196   6.098   7.814   1.00 13.72 ? 27  ASP A O   1 
ATOM   215  C  CB  . ASP A 1 28  ? 4.152   9.117   6.476   1.00 12.89 ? 27  ASP A CB  1 
ATOM   216  C  CG  . ASP A 1 28  ? 4.737   10.485  6.796   1.00 15.88 ? 27  ASP A CG  1 
ATOM   217  O  OD1 . ASP A 1 28  ? 4.019   11.488  6.590   1.00 17.21 ? 27  ASP A OD1 1 
ATOM   218  O  OD2 . ASP A 1 28  ? 5.897   10.560  7.255   1.00 18.02 ? 27  ASP A OD2 1 
ATOM   219  N  N   . ILE A 1 29  ? 4.041   6.128   5.572   1.00 12.54 ? 28  ILE A N   1 
ATOM   220  C  CA  . ILE A 1 29  ? 3.311   4.871   5.523   1.00 12.09 ? 28  ILE A CA  1 
ATOM   221  C  C   . ILE A 1 29  ? 4.150   3.696   6.014   1.00 12.10 ? 28  ILE A C   1 
ATOM   222  O  O   . ILE A 1 29  ? 3.690   2.900   6.847   1.00 11.35 ? 28  ILE A O   1 
ATOM   223  C  CB  . ILE A 1 29  ? 2.787   4.606   4.094   1.00 11.67 ? 28  ILE A CB  1 
ATOM   224  C  CG1 . ILE A 1 29  ? 1.678   5.617   3.775   1.00 12.98 ? 28  ILE A CG1 1 
ATOM   225  C  CG2 . ILE A 1 29  ? 2.286   3.166   3.960   1.00 13.29 ? 28  ILE A CG2 1 
ATOM   226  C  CD1 . ILE A 1 29  ? 1.236   5.635   2.326   1.00 15.00 ? 28  ILE A CD1 1 
ATOM   227  N  N   . LEU A 1 30  ? 5.381   3.573   5.527   1.00 10.91 ? 29  LEU A N   1 
ATOM   228  C  CA  . LEU A 1 30  ? 6.220   2.468   5.969   1.00 11.92 ? 29  LEU A CA  1 
ATOM   229  C  C   . LEU A 1 30  ? 6.596   2.577   7.447   1.00 10.94 ? 29  LEU A C   1 
ATOM   230  O  O   . LEU A 1 30  ? 6.657   1.566   8.145   1.00 11.53 ? 29  LEU A O   1 
ATOM   231  C  CB  . LEU A 1 30  ? 7.476   2.354   5.101   1.00 10.79 ? 29  LEU A CB  1 
ATOM   232  C  CG  . LEU A 1 30  ? 7.225   1.951   3.645   1.00 11.13 ? 29  LEU A CG  1 
ATOM   233  C  CD1 . LEU A 1 30  ? 8.557   1.818   2.911   1.00 12.93 ? 29  LEU A CD1 1 
ATOM   234  C  CD2 . LEU A 1 30  ? 6.458   0.625   3.597   1.00 10.85 ? 29  LEU A CD2 1 
ATOM   235  N  N   . ILE A 1 31  ? 6.842   3.790   7.935   1.00 11.14 ? 30  ILE A N   1 
ATOM   236  C  CA  . ILE A 1 31  ? 7.181   3.956   9.348   1.00 13.23 ? 30  ILE A CA  1 
ATOM   237  C  C   . ILE A 1 31  ? 5.979   3.545   10.199  1.00 12.34 ? 30  ILE A C   1 
ATOM   238  O  O   . ILE A 1 31  ? 6.127   2.865   11.214  1.00 13.18 ? 30  ILE A O   1 
ATOM   239  C  CB  . ILE A 1 31  ? 7.592   5.414   9.632   1.00 14.09 ? 30  ILE A CB  1 
ATOM   240  C  CG1 . ILE A 1 31  ? 8.950   5.674   8.973   1.00 14.94 ? 30  ILE A CG1 1 
ATOM   241  C  CG2 . ILE A 1 31  ? 7.653   5.678   11.135  1.00 16.01 ? 30  ILE A CG2 1 
ATOM   242  C  CD1 . ILE A 1 31  ? 9.426   7.106   9.044   1.00 16.82 ? 30  ILE A CD1 1 
ATOM   243  N  N   . ARG A 1 32  ? 4.785   3.938   9.772   1.00 13.15 ? 31  ARG A N   1 
ATOM   244  C  CA  . ARG A 1 32  ? 3.562   3.571   10.486  1.00 14.14 ? 31  ARG A CA  1 
ATOM   245  C  C   . ARG A 1 32  ? 3.444   2.047   10.514  1.00 14.30 ? 31  ARG A C   1 
ATOM   246  O  O   . ARG A 1 32  ? 3.144   1.451   11.547  1.00 15.20 ? 31  ARG A O   1 
ATOM   247  C  CB  . ARG A 1 32  ? 2.345   4.169   9.774   1.00 14.72 ? 31  ARG A CB  1 
ATOM   248  C  CG  . ARG A 1 32  ? 0.999   3.660   10.262  1.00 20.05 ? 31  ARG A CG  1 
ATOM   249  C  CD  . ARG A 1 32  ? 0.558   4.317   11.546  1.00 23.06 ? 31  ARG A CD  1 
ATOM   250  N  NE  . ARG A 1 32  ? -0.752  3.822   11.957  1.00 22.53 ? 31  ARG A NE  1 
ATOM   251  C  CZ  . ARG A 1 32  ? -1.392  4.231   13.046  1.00 22.93 ? 31  ARG A CZ  1 
ATOM   252  N  NH1 . ARG A 1 32  ? -2.580  3.727   13.348  1.00 21.75 ? 31  ARG A NH1 1 
ATOM   253  N  NH2 . ARG A 1 32  ? -0.840  5.148   13.828  1.00 24.49 ? 31  ARG A NH2 1 
ATOM   254  N  N   . LEU A 1 33  ? 3.675   1.418   9.364   1.00 12.11 ? 32  LEU A N   1 
ATOM   255  C  CA  . LEU A 1 33  ? 3.606   -0.035  9.255   1.00 12.36 ? 32  LEU A CA  1 
ATOM   256  C  C   . LEU A 1 33  ? 4.596   -0.752  10.166  1.00 14.45 ? 32  LEU A C   1 
ATOM   257  O  O   . LEU A 1 33  ? 4.231   -1.698  10.869  1.00 13.83 ? 32  LEU A O   1 
ATOM   258  C  CB  . LEU A 1 33  ? 3.875   -0.465  7.806   1.00 11.95 ? 32  LEU A CB  1 
ATOM   259  C  CG  . LEU A 1 33  ? 4.032   -1.969  7.546   1.00 12.28 ? 32  LEU A CG  1 
ATOM   260  C  CD1 . LEU A 1 33  ? 2.708   -2.680  7.800   1.00 12.18 ? 32  LEU A CD1 1 
ATOM   261  C  CD2 . LEU A 1 33  ? 4.485   -2.188  6.113   1.00 14.08 ? 32  LEU A CD2 1 
ATOM   262  N  N   . PHE A 1 34  ? 5.848   -0.307  10.141  1.00 13.90 ? 33  PHE A N   1 
ATOM   263  C  CA  . PHE A 1 34  ? 6.896   -0.943  10.940  1.00 14.36 ? 33  PHE A CA  1 
ATOM   264  C  C   . PHE A 1 34  ? 6.740   -0.739  12.437  1.00 16.09 ? 33  PHE A C   1 
ATOM   265  O  O   . PHE A 1 34  ? 7.162   -1.591  13.225  1.00 16.51 ? 33  PHE A O   1 
ATOM   266  C  CB  . PHE A 1 34  ? 8.282   -0.467  10.485  1.00 14.20 ? 33  PHE A CB  1 
ATOM   267  C  CG  . PHE A 1 34  ? 8.586   -0.767  9.036   1.00 14.97 ? 33  PHE A CG  1 
ATOM   268  C  CD1 . PHE A 1 34  ? 8.148   -1.946  8.440   1.00 15.27 ? 33  PHE A CD1 1 
ATOM   269  C  CD2 . PHE A 1 34  ? 9.341   0.121   8.275   1.00 13.63 ? 33  PHE A CD2 1 
ATOM   270  C  CE1 . PHE A 1 34  ? 8.456   -2.239  7.106   1.00 15.18 ? 33  PHE A CE1 1 
ATOM   271  C  CE2 . PHE A 1 34  ? 9.653   -0.162  6.946   1.00 14.88 ? 33  PHE A CE2 1 
ATOM   272  C  CZ  . PHE A 1 34  ? 9.211   -1.341  6.359   1.00 14.02 ? 33  PHE A CZ  1 
ATOM   273  N  N   . LYS A 1 35  ? 6.148   0.381   12.834  1.00 16.06 ? 34  LYS A N   1 
ATOM   274  C  CA  . LYS A 1 35  ? 5.924   0.651   14.248  1.00 17.59 ? 34  LYS A CA  1 
ATOM   275  C  C   . LYS A 1 35  ? 4.698   -0.116  14.736  1.00 17.32 ? 34  LYS A C   1 
ATOM   276  O  O   . LYS A 1 35  ? 4.662   -0.587  15.869  1.00 18.39 ? 34  LYS A O   1 
ATOM   277  C  CB  . LYS A 1 35  ? 5.727   2.150   14.487  1.00 17.18 ? 34  LYS A CB  1 
ATOM   278  C  CG  . LYS A 1 35  ? 6.998   2.970   14.366  1.00 21.28 ? 34  LYS A CG  1 
ATOM   279  C  CD  . LYS A 1 35  ? 8.010   2.562   15.423  1.00 26.90 ? 34  LYS A CD  1 
ATOM   280  C  CE  . LYS A 1 35  ? 9.251   3.444   15.380  1.00 29.82 ? 34  LYS A CE  1 
ATOM   281  N  NZ  . LYS A 1 35  ? 10.255  3.018   16.396  1.00 33.17 ? 34  LYS A NZ  1 
ATOM   282  N  N   . SER A 1 36  ? 3.695   -0.244  13.869  1.00 15.71 ? 35  SER A N   1 
ATOM   283  C  CA  . SER A 1 36  ? 2.459   -0.950  14.213  1.00 15.28 ? 35  SER A CA  1 
ATOM   284  C  C   . SER A 1 36  ? 2.631   -2.466  14.212  1.00 15.84 ? 35  SER A C   1 
ATOM   285  O  O   . SER A 1 36  ? 2.048   -3.170  15.043  1.00 16.14 ? 35  SER A O   1 
ATOM   286  C  CB  . SER A 1 36  ? 1.348   -0.586  13.222  1.00 16.53 ? 35  SER A CB  1 
ATOM   287  O  OG  . SER A 1 36  ? 1.018   0.792   13.296  1.00 18.91 ? 35  SER A OG  1 
ATOM   288  N  N   . HIS A 1 37  ? 3.419   -2.964  13.264  1.00 15.30 ? 36  HIS A N   1 
ATOM   289  C  CA  . HIS A 1 37  ? 3.652   -4.399  13.123  1.00 15.33 ? 36  HIS A CA  1 
ATOM   290  C  C   . HIS A 1 37  ? 5.122   -4.640  12.802  1.00 17.90 ? 36  HIS A C   1 
ATOM   291  O  O   . HIS A 1 37  ? 5.484   -4.901  11.653  1.00 16.70 ? 36  HIS A O   1 
ATOM   292  C  CB  . HIS A 1 37  ? 2.756   -4.937  12.003  1.00 16.55 ? 36  HIS A CB  1 
ATOM   293  C  CG  . HIS A 1 37  ? 1.303   -4.645  12.215  1.00 16.36 ? 36  HIS A CG  1 
ATOM   294  N  ND1 . HIS A 1 37  ? 0.514   -5.383  13.069  1.00 16.99 ? 36  HIS A ND1 1 
ATOM   295  C  CD2 . HIS A 1 37  ? 0.514   -3.654  11.735  1.00 18.64 ? 36  HIS A CD2 1 
ATOM   296  C  CE1 . HIS A 1 37  ? -0.699  -4.859  13.109  1.00 17.84 ? 36  HIS A CE1 1 
ATOM   297  N  NE2 . HIS A 1 37  ? -0.725  -3.809  12.309  1.00 19.36 ? 36  HIS A NE2 1 
ATOM   298  N  N   . PRO A 1 38  ? 5.983   -4.563  13.825  1.00 18.82 ? 37  PRO A N   1 
ATOM   299  C  CA  . PRO A 1 38  ? 7.436   -4.752  13.730  1.00 18.44 ? 37  PRO A CA  1 
ATOM   300  C  C   . PRO A 1 38  ? 7.919   -5.953  12.923  1.00 19.32 ? 37  PRO A C   1 
ATOM   301  O  O   . PRO A 1 38  ? 8.984   -5.897  12.310  1.00 19.96 ? 37  PRO A O   1 
ATOM   302  C  CB  . PRO A 1 38  ? 7.866   -4.840  15.194  1.00 19.06 ? 37  PRO A CB  1 
ATOM   303  C  CG  . PRO A 1 38  ? 6.886   -3.953  15.879  1.00 21.64 ? 37  PRO A CG  1 
ATOM   304  C  CD  . PRO A 1 38  ? 5.583   -4.355  15.230  1.00 18.97 ? 37  PRO A CD  1 
ATOM   305  N  N   . GLU A 1 39  ? 7.151   -7.036  12.918  1.00 19.72 ? 38  GLU A N   1 
ATOM   306  C  CA  . GLU A 1 39  ? 7.557   -8.231  12.185  1.00 19.92 ? 38  GLU A CA  1 
ATOM   307  C  C   . GLU A 1 39  ? 7.698   -7.989  10.683  1.00 19.89 ? 38  GLU A C   1 
ATOM   308  O  O   . GLU A 1 39  ? 8.475   -8.671  10.016  1.00 19.14 ? 38  GLU A O   1 
ATOM   309  C  CB  . GLU A 1 39  ? 6.562   -9.375  12.414  1.00 20.54 ? 38  GLU A CB  1 
ATOM   310  C  CG  . GLU A 1 39  ? 5.175   -9.121  11.849  1.00 22.49 ? 38  GLU A CG  1 
ATOM   311  C  CD  . GLU A 1 39  ? 4.237   -8.478  12.845  1.00 22.76 ? 38  GLU A CD  1 
ATOM   312  O  OE1 . GLU A 1 39  ? 4.692   -7.646  13.661  1.00 23.78 ? 38  GLU A OE1 1 
ATOM   313  O  OE2 . GLU A 1 39  ? 3.031   -8.800  12.799  1.00 23.29 ? 38  GLU A OE2 1 
ATOM   314  N  N   . THR A 1 40  ? 6.949   -7.027  10.151  1.00 16.88 ? 39  THR A N   1 
ATOM   315  C  CA  . THR A 1 40  ? 7.015   -6.746  8.720   1.00 16.96 ? 39  THR A CA  1 
ATOM   316  C  C   . THR A 1 40  ? 8.378   -6.205  8.299   1.00 17.54 ? 39  THR A C   1 
ATOM   317  O  O   . THR A 1 40  ? 8.794   -6.383  7.153   1.00 17.76 ? 39  THR A O   1 
ATOM   318  C  CB  . THR A 1 40  ? 5.919   -5.736  8.287   1.00 16.69 ? 39  THR A CB  1 
ATOM   319  O  OG1 . THR A 1 40  ? 6.064   -4.511  9.020   1.00 16.29 ? 39  THR A OG1 1 
ATOM   320  C  CG2 . THR A 1 40  ? 4.538   -6.311  8.546   1.00 15.89 ? 39  THR A CG2 1 
ATOM   321  N  N   . LEU A 1 41  ? 9.073   -5.550  9.224   1.00 16.33 ? 40  LEU A N   1 
ATOM   322  C  CA  . LEU A 1 41  ? 10.384  -4.986  8.925   1.00 17.55 ? 40  LEU A CA  1 
ATOM   323  C  C   . LEU A 1 41  ? 11.406  -6.084  8.633   1.00 18.48 ? 40  LEU A C   1 
ATOM   324  O  O   . LEU A 1 41  ? 12.379  -5.863  7.909   1.00 18.39 ? 40  LEU A O   1 
ATOM   325  C  CB  . LEU A 1 41  ? 10.856  -4.114  10.095  1.00 18.19 ? 40  LEU A CB  1 
ATOM   326  C  CG  . LEU A 1 41  ? 12.182  -3.361  9.949   1.00 18.49 ? 40  LEU A CG  1 
ATOM   327  C  CD1 . LEU A 1 41  ? 12.142  -2.436  8.741   1.00 18.96 ? 40  LEU A CD1 1 
ATOM   328  C  CD2 . LEU A 1 41  ? 12.436  -2.564  11.213  1.00 18.46 ? 40  LEU A CD2 1 
ATOM   329  N  N   . GLU A 1 42  ? 11.171  -7.272  9.183   1.00 18.38 ? 41  GLU A N   1 
ATOM   330  C  CA  . GLU A 1 42  ? 12.075  -8.404  8.989   1.00 20.13 ? 41  GLU A CA  1 
ATOM   331  C  C   . GLU A 1 42  ? 12.213  -8.827  7.528   1.00 18.51 ? 41  GLU A C   1 
ATOM   332  O  O   . GLU A 1 42  ? 13.161  -9.525  7.168   1.00 19.32 ? 41  GLU A O   1 
ATOM   333  C  CB  . GLU A 1 42  ? 11.589  -9.606  9.797   1.00 21.27 ? 41  GLU A CB  1 
ATOM   334  C  CG  . GLU A 1 42  ? 11.396  -9.339  11.276  1.00 24.51 ? 41  GLU A CG  1 
ATOM   335  C  CD  . GLU A 1 42  ? 10.914  -10.572 12.016  1.00 27.74 ? 41  GLU A CD  1 
ATOM   336  O  OE1 . GLU A 1 42  ? 10.615  -10.469 13.224  1.00 29.90 ? 41  GLU A OE1 1 
ATOM   337  O  OE2 . GLU A 1 42  ? 10.835  -11.649 11.386  1.00 31.09 ? 41  GLU A OE2 1 
ATOM   338  N  N   . LYS A 1 43  ? 11.267  -8.406  6.694   1.00 18.80 ? 42  LYS A N   1 
ATOM   339  C  CA  . LYS A 1 43  ? 11.273  -8.754  5.273   1.00 18.48 ? 42  LYS A CA  1 
ATOM   340  C  C   . LYS A 1 43  ? 12.251  -7.939  4.433   1.00 18.13 ? 42  LYS A C   1 
ATOM   341  O  O   . LYS A 1 43  ? 12.434  -8.219  3.248   1.00 18.40 ? 42  LYS A O   1 
ATOM   342  C  CB  . LYS A 1 43  ? 9.869   -8.579  4.688   1.00 18.73 ? 42  LYS A CB  1 
ATOM   343  C  CG  . LYS A 1 43  ? 8.860   -9.621  5.132   1.00 19.79 ? 42  LYS A CG  1 
ATOM   344  C  CD  . LYS A 1 43  ? 9.178   -10.972 4.524   1.00 21.79 ? 42  LYS A CD  1 
ATOM   345  C  CE  . LYS A 1 43  ? 8.131   -12.002 4.906   1.00 24.03 ? 42  LYS A CE  1 
ATOM   346  N  NZ  . LYS A 1 43  ? 8.458   -13.338 4.335   1.00 24.99 ? 42  LYS A NZ  1 
ATOM   347  N  N   . PHE A 1 44  ? 12.878  -6.937  5.041   1.00 18.19 ? 43  PHE A N   1 
ATOM   348  C  CA  . PHE A 1 44  ? 13.804  -6.067  4.321   1.00 18.30 ? 43  PHE A CA  1 
ATOM   349  C  C   . PHE A 1 44  ? 15.243  -6.164  4.822   1.00 19.50 ? 43  PHE A C   1 
ATOM   350  O  O   . PHE A 1 44  ? 15.651  -5.418  5.714   1.00 19.92 ? 43  PHE A O   1 
ATOM   351  C  CB  . PHE A 1 44  ? 13.309  -4.625  4.429   1.00 16.71 ? 43  PHE A CB  1 
ATOM   352  C  CG  . PHE A 1 44  ? 11.948  -4.413  3.833   1.00 16.88 ? 43  PHE A CG  1 
ATOM   353  C  CD1 . PHE A 1 44  ? 11.801  -4.232  2.462   1.00 16.90 ? 43  PHE A CD1 1 
ATOM   354  C  CD2 . PHE A 1 44  ? 10.811  -4.423  4.636   1.00 15.63 ? 43  PHE A CD2 1 
ATOM   355  C  CE1 . PHE A 1 44  ? 10.542  -4.061  1.897   1.00 18.99 ? 43  PHE A CE1 1 
ATOM   356  C  CE2 . PHE A 1 44  ? 9.544   -4.252  4.081   1.00 17.12 ? 43  PHE A CE2 1 
ATOM   357  C  CZ  . PHE A 1 44  ? 9.408   -4.071  2.711   1.00 16.32 ? 43  PHE A CZ  1 
ATOM   358  N  N   . ASP A 1 45  ? 16.019  -7.065  4.224   1.00 19.62 ? 44  ASP A N   1 
ATOM   359  C  CA  . ASP A 1 45  ? 17.407  -7.255  4.637   1.00 21.18 ? 44  ASP A CA  1 
ATOM   360  C  C   . ASP A 1 45  ? 18.290  -6.021  4.482   1.00 21.63 ? 44  ASP A C   1 
ATOM   361  O  O   . ASP A 1 45  ? 19.356  -5.942  5.092   1.00 21.73 ? 44  ASP A O   1 
ATOM   362  C  CB  . ASP A 1 45  ? 18.044  -8.421  3.877   1.00 22.98 ? 44  ASP A CB  1 
ATOM   363  C  CG  . ASP A 1 45  ? 17.404  -9.753  4.210   1.00 25.62 ? 44  ASP A CG  1 
ATOM   364  O  OD1 . ASP A 1 45  ? 16.958  -9.925  5.364   1.00 26.26 ? 44  ASP A OD1 1 
ATOM   365  O  OD2 . ASP A 1 45  ? 17.362  -10.632 3.322   1.00 30.20 ? 44  ASP A OD2 1 
ATOM   366  N  N   . ARG A 1 46  ? 17.860  -5.062  3.668   1.00 20.27 ? 45  ARG A N   1 
ATOM   367  C  CA  . ARG A 1 46  ? 18.656  -3.855  3.468   1.00 20.43 ? 45  ARG A CA  1 
ATOM   368  C  C   . ARG A 1 46  ? 18.508  -2.827  4.582   1.00 20.40 ? 45  ARG A C   1 
ATOM   369  O  O   . ARG A 1 46  ? 19.377  -1.967  4.750   1.00 21.42 ? 45  ARG A O   1 
ATOM   370  C  CB  . ARG A 1 46  ? 18.312  -3.200  2.130   1.00 18.53 ? 45  ARG A CB  1 
ATOM   371  C  CG  . ARG A 1 46  ? 18.850  -3.948  0.925   1.00 18.82 ? 45  ARG A CG  1 
ATOM   372  C  CD  . ARG A 1 46  ? 18.500  -3.241  -0.371  1.00 18.87 ? 45  ARG A CD  1 
ATOM   373  N  NE  . ARG A 1 46  ? 19.205  -3.834  -1.506  1.00 19.94 ? 45  ARG A NE  1 
ATOM   374  C  CZ  . ARG A 1 46  ? 19.221  -3.323  -2.733  1.00 21.67 ? 45  ARG A CZ  1 
ATOM   375  N  NH1 . ARG A 1 46  ? 18.565  -2.202  -2.999  1.00 24.04 ? 45  ARG A NH1 1 
ATOM   376  N  NH2 . ARG A 1 46  ? 19.902  -3.930  -3.696  1.00 22.26 ? 45  ARG A NH2 1 
ATOM   377  N  N   . PHE A 1 47  ? 17.415  -2.900  5.337   1.00 21.05 ? 46  PHE A N   1 
ATOM   378  C  CA  . PHE A 1 47  ? 17.202  -1.947  6.426   1.00 20.72 ? 46  PHE A CA  1 
ATOM   379  C  C   . PHE A 1 47  ? 16.414  -2.484  7.620   1.00 21.36 ? 46  PHE A C   1 
ATOM   380  O  O   . PHE A 1 47  ? 15.825  -1.711  8.377   1.00 22.11 ? 46  PHE A O   1 
ATOM   381  C  CB  . PHE A 1 47  ? 16.525  -0.666  5.901   1.00 20.73 ? 46  PHE A CB  1 
ATOM   382  C  CG  . PHE A 1 47  ? 15.222  -0.897  5.166   1.00 18.42 ? 46  PHE A CG  1 
ATOM   383  C  CD1 . PHE A 1 47  ? 15.204  -1.133  3.796   1.00 18.13 ? 46  PHE A CD1 1 
ATOM   384  C  CD2 . PHE A 1 47  ? 14.004  -0.825  5.844   1.00 20.50 ? 46  PHE A CD2 1 
ATOM   385  C  CE1 . PHE A 1 47  ? 14.003  -1.288  3.109   1.00 17.33 ? 46  PHE A CE1 1 
ATOM   386  C  CE2 . PHE A 1 47  ? 12.796  -0.982  5.163   1.00 18.09 ? 46  PHE A CE2 1 
ATOM   387  C  CZ  . PHE A 1 47  ? 12.795  -1.212  3.794   1.00 19.17 ? 46  PHE A CZ  1 
ATOM   388  N  N   . LYS A 1 48  ? 16.422  -3.800  7.810   1.00 20.98 ? 47  LYS A N   1 
ATOM   389  C  CA  . LYS A 1 48  ? 15.687  -4.400  8.921   1.00 21.77 ? 47  LYS A CA  1 
ATOM   390  C  C   . LYS A 1 48  ? 16.277  -4.062  10.288  1.00 22.54 ? 47  LYS A C   1 
ATOM   391  O  O   . LYS A 1 48  ? 15.646  -4.311  11.315  1.00 23.83 ? 47  LYS A O   1 
ATOM   392  C  CB  . LYS A 1 48  ? 15.609  -5.920  8.754   1.00 23.66 ? 47  LYS A CB  1 
ATOM   393  C  CG  . LYS A 1 48  ? 16.946  -6.647  8.779   1.00 23.93 ? 47  LYS A CG  1 
ATOM   394  C  CD  . LYS A 1 48  ? 16.727  -8.133  8.533   1.00 25.59 ? 47  LYS A CD  1 
ATOM   395  C  CE  . LYS A 1 48  ? 18.037  -8.900  8.483   1.00 25.90 ? 47  LYS A CE  1 
ATOM   396  N  NZ  . LYS A 1 48  ? 17.815  -10.312 8.052   1.00 26.76 ? 47  LYS A NZ  1 
ATOM   397  N  N   . HIS A 1 49  ? 17.481  -3.496  10.298  1.00 24.59 ? 48  HIS A N   1 
ATOM   398  C  CA  . HIS A 1 49  ? 18.141  -3.128  11.547  1.00 25.92 ? 48  HIS A CA  1 
ATOM   399  C  C   . HIS A 1 49  ? 17.774  -1.726  12.024  1.00 27.05 ? 48  HIS A C   1 
ATOM   400  O  O   . HIS A 1 49  ? 18.288  -1.254  13.040  1.00 28.67 ? 48  HIS A O   1 
ATOM   401  C  CB  . HIS A 1 49  ? 19.661  -3.242  11.390  1.00 26.46 ? 48  HIS A CB  1 
ATOM   402  C  CG  . HIS A 1 49  ? 20.146  -4.650  11.242  1.00 29.78 ? 48  HIS A CG  1 
ATOM   403  N  ND1 . HIS A 1 49  ? 20.084  -5.569  12.267  1.00 31.49 ? 48  HIS A ND1 1 
ATOM   404  C  CD2 . HIS A 1 49  ? 20.686  -5.302  10.184  1.00 30.55 ? 48  HIS A CD2 1 
ATOM   405  C  CE1 . HIS A 1 49  ? 20.563  -6.726  11.847  1.00 31.25 ? 48  HIS A CE1 1 
ATOM   406  N  NE2 . HIS A 1 49  ? 20.935  -6.592  10.587  1.00 31.72 ? 48  HIS A NE2 1 
ATOM   407  N  N   . LEU A 1 50  ? 16.888  -1.055  11.294  1.00 26.08 ? 49  LEU A N   1 
ATOM   408  C  CA  . LEU A 1 50  ? 16.459  0.284   11.687  1.00 26.45 ? 49  LEU A CA  1 
ATOM   409  C  C   . LEU A 1 50  ? 15.570  0.144   12.920  1.00 27.79 ? 49  LEU A C   1 
ATOM   410  O  O   . LEU A 1 50  ? 14.715  -0.739  12.976  1.00 26.78 ? 49  LEU A O   1 
ATOM   411  C  CB  . LEU A 1 50  ? 15.679  0.952   10.552  1.00 26.53 ? 49  LEU A CB  1 
ATOM   412  C  CG  . LEU A 1 50  ? 16.439  1.222   9.250   1.00 26.65 ? 49  LEU A CG  1 
ATOM   413  C  CD1 . LEU A 1 50  ? 15.468  1.730   8.195   1.00 27.34 ? 49  LEU A CD1 1 
ATOM   414  C  CD2 . LEU A 1 50  ? 17.547  2.235   9.488   1.00 27.53 ? 49  LEU A CD2 1 
ATOM   415  N  N   . LYS A 1 51  ? 15.772  1.016   13.903  1.00 29.48 ? 50  LYS A N   1 
ATOM   416  C  CA  . LYS A 1 51  ? 14.995  0.961   15.137  1.00 32.37 ? 50  LYS A CA  1 
ATOM   417  C  C   . LYS A 1 51  ? 14.165  2.215   15.398  1.00 32.09 ? 50  LYS A C   1 
ATOM   418  O  O   . LYS A 1 51  ? 12.936  2.154   15.485  1.00 33.11 ? 50  LYS A O   1 
ATOM   419  C  CB  . LYS A 1 51  ? 15.929  0.731   16.328  1.00 34.74 ? 50  LYS A CB  1 
ATOM   420  C  CG  . LYS A 1 51  ? 16.841  -0.476  16.183  1.00 38.13 ? 50  LYS A CG  1 
ATOM   421  C  CD  . LYS A 1 51  ? 17.787  -0.599  17.368  1.00 40.25 ? 50  LYS A CD  1 
ATOM   422  C  CE  . LYS A 1 51  ? 18.663  0.640   17.525  1.00 42.30 ? 50  LYS A CE  1 
ATOM   423  N  NZ  . LYS A 1 51  ? 19.536  0.874   16.339  1.00 43.41 ? 50  LYS A NZ  1 
ATOM   424  N  N   . THR A 1 52  ? 14.839  3.352   15.525  1.00 31.78 ? 51  THR A N   1 
ATOM   425  C  CA  . THR A 1 52  ? 14.159  4.610   15.804  1.00 30.74 ? 51  THR A CA  1 
ATOM   426  C  C   . THR A 1 52  ? 13.513  5.228   14.573  1.00 29.88 ? 51  THR A C   1 
ATOM   427  O  O   . THR A 1 52  ? 13.870  4.911   13.439  1.00 28.20 ? 51  THR A O   1 
ATOM   428  C  CB  . THR A 1 52  ? 15.128  5.648   16.393  1.00 30.59 ? 51  THR A CB  1 
ATOM   429  O  OG1 . THR A 1 52  ? 16.082  6.032   15.394  1.00 30.98 ? 51  THR A OG1 1 
ATOM   430  C  CG2 . THR A 1 52  ? 15.863  5.066   17.588  1.00 31.39 ? 51  THR A CG2 1 
ATOM   431  N  N   . GLU A 1 53  ? 12.554  6.116   14.808  1.00 29.33 ? 52  GLU A N   1 
ATOM   432  C  CA  . GLU A 1 53  ? 11.870  6.793   13.720  1.00 29.10 ? 52  GLU A CA  1 
ATOM   433  C  C   . GLU A 1 53  ? 12.891  7.681   13.026  1.00 26.98 ? 52  GLU A C   1 
ATOM   434  O  O   . GLU A 1 53  ? 12.810  7.919   11.823  1.00 26.34 ? 52  GLU A O   1 
ATOM   435  C  CB  . GLU A 1 53  ? 10.717  7.640   14.262  1.00 31.46 ? 52  GLU A CB  1 
ATOM   436  C  CG  . GLU A 1 53  ? 9.854   8.263   13.181  1.00 34.78 ? 52  GLU A CG  1 
ATOM   437  C  CD  . GLU A 1 53  ? 8.625   8.951   13.742  1.00 37.57 ? 52  GLU A CD  1 
ATOM   438  O  OE1 . GLU A 1 53  ? 7.871   8.298   14.492  1.00 39.75 ? 52  GLU A OE1 1 
ATOM   439  O  OE2 . GLU A 1 53  ? 8.412   10.141  13.431  1.00 40.15 ? 52  GLU A OE2 1 
ATOM   440  N  N   . ALA A 1 54  ? 13.860  8.160   13.799  1.00 27.13 ? 53  ALA A N   1 
ATOM   441  C  CA  . ALA A 1 54  ? 14.912  9.017   13.269  1.00 26.21 ? 53  ALA A CA  1 
ATOM   442  C  C   . ALA A 1 54  ? 15.703  8.256   12.212  1.00 25.15 ? 53  ALA A C   1 
ATOM   443  O  O   . ALA A 1 54  ? 15.968  8.775   11.125  1.00 25.05 ? 53  ALA A O   1 
ATOM   444  C  CB  . ALA A 1 54  ? 15.837  9.462   14.396  1.00 27.10 ? 53  ALA A CB  1 
ATOM   445  N  N   . GLU A 1 55  ? 16.075  7.023   12.535  1.00 23.88 ? 54  GLU A N   1 
ATOM   446  C  CA  . GLU A 1 55  ? 16.828  6.184   11.610  1.00 24.10 ? 54  GLU A CA  1 
ATOM   447  C  C   . GLU A 1 55  ? 15.976  5.866   10.393  1.00 22.50 ? 54  GLU A C   1 
ATOM   448  O  O   . GLU A 1 55  ? 16.456  5.885   9.261   1.00 21.56 ? 54  GLU A O   1 
ATOM   449  C  CB  . GLU A 1 55  ? 17.241  4.876   12.283  1.00 26.40 ? 54  GLU A CB  1 
ATOM   450  C  CG  . GLU A 1 55  ? 18.191  5.044   13.452  1.00 32.06 ? 54  GLU A CG  1 
ATOM   451  C  CD  . GLU A 1 55  ? 18.607  3.719   14.047  1.00 33.43 ? 54  GLU A CD  1 
ATOM   452  O  OE1 . GLU A 1 55  ? 17.713  2.905   14.366  1.00 34.00 ? 54  GLU A OE1 1 
ATOM   453  O  OE2 . GLU A 1 55  ? 19.825  3.491   14.204  1.00 37.79 ? 54  GLU A OE2 1 
ATOM   454  N  N   . MET A 1 56  ? 14.703  5.575   10.628  1.00 20.79 ? 55  MET A N   1 
ATOM   455  C  CA  . MET A 1 56  ? 13.811  5.257   9.525   1.00 18.75 ? 55  MET A CA  1 
ATOM   456  C  C   . MET A 1 56  ? 13.644  6.445   8.583   1.00 18.36 ? 55  MET A C   1 
ATOM   457  O  O   . MET A 1 56  ? 13.617  6.278   7.368   1.00 17.25 ? 55  MET A O   1 
ATOM   458  C  CB  . MET A 1 56  ? 12.447  4.802   10.055  1.00 17.71 ? 55  MET A CB  1 
ATOM   459  C  CG  . MET A 1 56  ? 12.498  3.474   10.796  1.00 18.67 ? 55  MET A CG  1 
ATOM   460  S  SD  . MET A 1 56  ? 10.883  2.916   11.361  1.00 19.67 ? 55  MET A SD  1 
ATOM   461  C  CE  . MET A 1 56  ? 11.296  1.317   12.017  1.00 21.29 ? 55  MET A CE  1 
ATOM   462  N  N   . LYS A 1 57  ? 13.548  7.648   9.141   1.00 19.39 ? 56  LYS A N   1 
ATOM   463  C  CA  . LYS A 1 57  ? 13.382  8.841   8.319   1.00 19.39 ? 56  LYS A CA  1 
ATOM   464  C  C   . LYS A 1 57  ? 14.634  9.191   7.518   1.00 19.11 ? 56  LYS A C   1 
ATOM   465  O  O   . LYS A 1 57  ? 14.548  9.816   6.461   1.00 20.34 ? 56  LYS A O   1 
ATOM   466  C  CB  . LYS A 1 57  ? 12.987  10.036  9.190   1.00 22.12 ? 56  LYS A CB  1 
ATOM   467  C  CG  . LYS A 1 57  ? 11.567  9.980   9.723   1.00 24.44 ? 56  LYS A CG  1 
ATOM   468  C  CD  . LYS A 1 57  ? 11.263  11.203  10.577  1.00 29.23 ? 56  LYS A CD  1 
ATOM   469  C  CE  . LYS A 1 57  ? 9.826   11.202  11.062  1.00 31.67 ? 56  LYS A CE  1 
ATOM   470  N  NZ  . LYS A 1 57  ? 9.532   12.398  11.899  1.00 34.03 ? 56  LYS A NZ  1 
ATOM   471  N  N   . ALA A 1 58  ? 15.795  8.776   8.014   1.00 20.22 ? 57  ALA A N   1 
ATOM   472  C  CA  . ALA A 1 58  ? 17.053  9.071   7.340   1.00 20.31 ? 57  ALA A CA  1 
ATOM   473  C  C   . ALA A 1 58  ? 17.480  7.996   6.350   1.00 20.48 ? 57  ALA A C   1 
ATOM   474  O  O   . ALA A 1 58  ? 18.409  8.205   5.563   1.00 22.88 ? 57  ALA A O   1 
ATOM   475  C  CB  . ALA A 1 58  ? 18.149  9.281   8.376   1.00 20.52 ? 57  ALA A CB  1 
ATOM   476  N  N   . SER A 1 59  ? 16.795  6.855   6.379   1.00 17.96 ? 58  SER A N   1 
ATOM   477  C  CA  . SER A 1 59  ? 17.124  5.731   5.503   1.00 16.20 ? 58  SER A CA  1 
ATOM   478  C  C   . SER A 1 59  ? 16.755  5.906   4.037   1.00 16.88 ? 58  SER A C   1 
ATOM   479  O  O   . SER A 1 59  ? 15.584  6.084   3.694   1.00 16.76 ? 58  SER A O   1 
ATOM   480  C  CB  . SER A 1 59  ? 16.464  4.450   6.016   1.00 15.22 ? 58  SER A CB  1 
ATOM   481  O  OG  . SER A 1 59  ? 16.643  3.395   5.084   1.00 16.74 ? 58  SER A OG  1 
ATOM   482  N  N   . GLU A 1 60  ? 17.761  5.826   3.173   1.00 15.25 ? 59  GLU A N   1 
ATOM   483  C  CA  . GLU A 1 60  ? 17.535  5.951   1.746   1.00 16.42 ? 59  GLU A CA  1 
ATOM   484  C  C   . GLU A 1 60  ? 16.808  4.711   1.237   1.00 14.83 ? 59  GLU A C   1 
ATOM   485  O  O   . GLU A 1 60  ? 15.945  4.805   0.362   1.00 15.09 ? 59  GLU A O   1 
ATOM   486  C  CB  . GLU A 1 60  ? 18.865  6.107   1.006   1.00 18.01 ? 59  GLU A CB  1 
ATOM   487  C  CG  . GLU A 1 60  ? 18.705  6.419   -0.468  1.00 26.07 ? 59  GLU A CG  1 
ATOM   488  C  CD  . GLU A 1 60  ? 17.905  7.687   -0.700  1.00 30.07 ? 59  GLU A CD  1 
ATOM   489  O  OE1 . GLU A 1 60  ? 18.290  8.744   -0.158  1.00 33.87 ? 59  GLU A OE1 1 
ATOM   490  O  OE2 . GLU A 1 60  ? 16.890  7.626   -1.424  1.00 35.04 ? 59  GLU A OE2 1 
ATOM   491  N  N   . ASP A 1 61  ? 17.153  3.547   1.782   1.00 14.10 ? 60  ASP A N   1 
ATOM   492  C  CA  . ASP A 1 61  ? 16.511  2.306   1.360   1.00 14.04 ? 60  ASP A CA  1 
ATOM   493  C  C   . ASP A 1 61  ? 15.024  2.315   1.680   1.00 13.35 ? 60  ASP A C   1 
ATOM   494  O  O   . ASP A 1 61  ? 14.206  1.901   0.862   1.00 13.11 ? 60  ASP A O   1 
ATOM   495  C  CB  . ASP A 1 61  ? 17.160  1.091   2.036   1.00 15.54 ? 60  ASP A CB  1 
ATOM   496  C  CG  . ASP A 1 61  ? 18.494  0.716   1.414   1.00 18.27 ? 60  ASP A CG  1 
ATOM   497  O  OD1 . ASP A 1 61  ? 18.549  0.562   0.175   1.00 18.66 ? 60  ASP A OD1 1 
ATOM   498  O  OD2 . ASP A 1 61  ? 19.479  0.567   2.167   1.00 18.46 ? 60  ASP A OD2 1 
ATOM   499  N  N   . LEU A 1 62  ? 14.671  2.782   2.873   1.00 11.98 ? 61  LEU A N   1 
ATOM   500  C  CA  . LEU A 1 62  ? 13.268  2.824   3.257   1.00 12.78 ? 61  LEU A CA  1 
ATOM   501  C  C   . LEU A 1 62  ? 12.522  3.790   2.341   1.00 13.03 ? 61  LEU A C   1 
ATOM   502  O  O   . LEU A 1 62  ? 11.436  3.479   1.856   1.00 12.19 ? 61  LEU A O   1 
ATOM   503  C  CB  . LEU A 1 62  ? 13.126  3.243   4.720   1.00 13.43 ? 61  LEU A CB  1 
ATOM   504  C  CG  . LEU A 1 62  ? 11.716  3.152   5.317   1.00 12.38 ? 61  LEU A CG  1 
ATOM   505  C  CD1 . LEU A 1 62  ? 11.827  2.859   6.810   1.00 13.61 ? 61  LEU A CD1 1 
ATOM   506  C  CD2 . LEU A 1 62  ? 10.945  4.433   5.058   1.00 14.05 ? 61  LEU A CD2 1 
ATOM   507  N  N   . LYS A 1 63  ? 13.113  4.955   2.100   1.00 11.68 ? 62  LYS A N   1 
ATOM   508  C  CA  . LYS A 1 63  ? 12.508  5.970   1.241   1.00 12.90 ? 62  LYS A CA  1 
ATOM   509  C  C   . LYS A 1 63  ? 12.271  5.431   -0.170  1.00 11.57 ? 62  LYS A C   1 
ATOM   510  O  O   . LYS A 1 63  ? 11.188  5.600   -0.742  1.00 13.03 ? 62  LYS A O   1 
ATOM   511  C  CB  . LYS A 1 63  ? 13.415  7.205   1.179   1.00 14.70 ? 62  LYS A CB  1 
ATOM   512  C  CG  . LYS A 1 63  ? 12.857  8.366   0.366   1.00 16.77 ? 62  LYS A CG  1 
ATOM   513  C  CD  . LYS A 1 63  ? 13.850  9.534   0.364   1.00 20.88 ? 62  LYS A CD  1 
ATOM   514  C  CE  . LYS A 1 63  ? 13.289  10.763  -0.327  1.00 26.30 ? 62  LYS A CE  1 
ATOM   515  N  NZ  . LYS A 1 63  ? 14.265  11.897  -0.303  1.00 30.93 ? 62  LYS A NZ  1 
ATOM   516  N  N   . LYS A 1 64  ? 13.284  4.784   -0.735  1.00 13.47 ? 63  LYS A N   1 
ATOM   517  C  CA  . LYS A 1 64  ? 13.163  4.228   -2.077  1.00 13.46 ? 63  LYS A CA  1 
ATOM   518  C  C   . LYS A 1 64  ? 12.066  3.176   -2.152  1.00 13.32 ? 63  LYS A C   1 
ATOM   519  O  O   . LYS A 1 64  ? 11.320  3.115   -3.128  1.00 12.93 ? 63  LYS A O   1 
ATOM   520  C  CB  . LYS A 1 64  ? 14.495  3.620   -2.519  1.00 16.16 ? 63  LYS A CB  1 
ATOM   521  C  CG  . LYS A 1 64  ? 15.592  4.656   -2.721  1.00 20.32 ? 63  LYS A CG  1 
ATOM   522  C  CD  . LYS A 1 64  ? 16.859  4.027   -3.282  1.00 23.91 ? 63  LYS A CD  1 
ATOM   523  C  CE  . LYS A 1 64  ? 16.630  3.509   -4.692  1.00 28.72 ? 63  LYS A CE  1 
ATOM   524  N  NZ  . LYS A 1 64  ? 17.861  2.899   -5.274  1.00 31.19 ? 63  LYS A NZ  1 
ATOM   525  N  N   . HIS A 1 65  ? 11.955  2.346   -1.117  1.00 13.33 ? 64  HIS A N   1 
ATOM   526  C  CA  . HIS A 1 65  ? 10.921  1.328   -1.138  1.00 13.58 ? 64  HIS A CA  1 
ATOM   527  C  C   . HIS A 1 65  ? 9.535   1.962   -1.074  1.00 13.05 ? 64  HIS A C   1 
ATOM   528  O  O   . HIS A 1 65  ? 8.598   1.473   -1.711  1.00 13.45 ? 64  HIS A O   1 
ATOM   529  C  CB  . HIS A 1 65  ? 11.074  0.340   0.010   1.00 14.15 ? 64  HIS A CB  1 
ATOM   530  C  CG  . HIS A 1 65  ? 10.137  -0.820  -0.100  1.00 13.35 ? 64  HIS A CG  1 
ATOM   531  N  ND1 . HIS A 1 65  ? 10.187  -1.702  -1.158  1.00 16.37 ? 64  HIS A ND1 1 
ATOM   532  C  CD2 . HIS A 1 65  ? 9.076   -1.192  0.654   1.00 16.41 ? 64  HIS A CD2 1 
ATOM   533  C  CE1 . HIS A 1 65  ? 9.196   -2.571  -1.050  1.00 16.30 ? 64  HIS A CE1 1 
ATOM   534  N  NE2 . HIS A 1 65  ? 8.507   -2.283  0.040   1.00 15.34 ? 64  HIS A NE2 1 
ATOM   535  N  N   . GLY A 1 66  ? 9.403   3.037   -0.302  1.00 12.27 ? 65  GLY A N   1 
ATOM   536  C  CA  . GLY A 1 66  ? 8.121   3.715   -0.198  1.00 13.45 ? 65  GLY A CA  1 
ATOM   537  C  C   . GLY A 1 66  ? 7.702   4.235   -1.563  1.00 13.69 ? 65  GLY A C   1 
ATOM   538  O  O   . GLY A 1 66  ? 6.522   4.206   -1.913  1.00 13.81 ? 65  GLY A O   1 
ATOM   539  N  N   . VAL A 1 67  ? 8.666   4.717   -2.340  1.00 13.91 ? 66  VAL A N   1 
ATOM   540  C  CA  . VAL A 1 67  ? 8.364   5.227   -3.668  1.00 15.14 ? 66  VAL A CA  1 
ATOM   541  C  C   . VAL A 1 67  ? 7.936   4.088   -4.589  1.00 15.07 ? 66  VAL A C   1 
ATOM   542  O  O   . VAL A 1 67  ? 7.008   4.241   -5.382  1.00 14.27 ? 66  VAL A O   1 
ATOM   543  C  CB  . VAL A 1 67  ? 9.587   5.943   -4.281  1.00 14.58 ? 66  VAL A CB  1 
ATOM   544  C  CG1 . VAL A 1 67  ? 9.307   6.317   -5.729  1.00 16.53 ? 66  VAL A CG1 1 
ATOM   545  C  CG2 . VAL A 1 67  ? 9.911   7.183   -3.469  1.00 16.49 ? 66  VAL A CG2 1 
ATOM   546  N  N   . THR A 1 68  ? 8.606   2.945   -4.479  1.00 14.49 ? 67  THR A N   1 
ATOM   547  C  CA  . THR A 1 68  ? 8.266   1.788   -5.294  1.00 14.66 ? 67  THR A CA  1 
ATOM   548  C  C   . THR A 1 68  ? 6.831   1.352   -5.003  1.00 14.60 ? 67  THR A C   1 
ATOM   549  O  O   . THR A 1 68  ? 6.041   1.121   -5.924  1.00 15.77 ? 67  THR A O   1 
ATOM   550  C  CB  . THR A 1 68  ? 9.222   0.610   -5.001  1.00 16.04 ? 67  THR A CB  1 
ATOM   551  O  OG1 . THR A 1 68  ? 10.525  0.924   -5.515  1.00 17.91 ? 67  THR A OG1 1 
ATOM   552  C  CG2 . THR A 1 68  ? 8.721   -0.672  -5.653  1.00 17.06 ? 67  THR A CG2 1 
ATOM   553  N  N   . VAL A 1 69  ? 6.495   1.254   -3.721  1.00 14.36 ? 68  VAL A N   1 
ATOM   554  C  CA  . VAL A 1 69  ? 5.158   0.840   -3.310  1.00 15.43 ? 68  VAL A CA  1 
ATOM   555  C  C   . VAL A 1 69  ? 4.059   1.780   -3.805  1.00 15.39 ? 68  VAL A C   1 
ATOM   556  O  O   . VAL A 1 69  ? 3.075   1.335   -4.403  1.00 15.87 ? 68  VAL A O   1 
ATOM   557  C  CB  . VAL A 1 69  ? 5.062   0.730   -1.770  1.00 14.59 ? 68  VAL A CB  1 
ATOM   558  C  CG1 . VAL A 1 69  ? 3.628   0.449   -1.349  1.00 16.02 ? 68  VAL A CG1 1 
ATOM   559  C  CG2 . VAL A 1 69  ? 5.981   -0.375  -1.271  1.00 15.03 ? 68  VAL A CG2 1 
ATOM   560  N  N   . LEU A 1 70  ? 4.217   3.078   -3.569  1.00 15.28 ? 69  LEU A N   1 
ATOM   561  C  CA  . LEU A 1 70  ? 3.196   4.026   -3.990  1.00 14.52 ? 69  LEU A CA  1 
ATOM   562  C  C   . LEU A 1 70  ? 3.108   4.181   -5.501  1.00 15.06 ? 69  LEU A C   1 
ATOM   563  O  O   . LEU A 1 70  ? 2.028   4.415   -6.038  1.00 15.21 ? 69  LEU A O   1 
ATOM   564  C  CB  . LEU A 1 70  ? 3.430   5.388   -3.323  1.00 14.05 ? 69  LEU A CB  1 
ATOM   565  C  CG  . LEU A 1 70  ? 3.326   5.382   -1.795  1.00 14.19 ? 69  LEU A CG  1 
ATOM   566  C  CD1 . LEU A 1 70  ? 3.430   6.810   -1.271  1.00 15.82 ? 69  LEU A CD1 1 
ATOM   567  C  CD2 . LEU A 1 70  ? 2.009   4.744   -1.367  1.00 16.00 ? 69  LEU A CD2 1 
ATOM   568  N  N   . THR A 1 71  ? 4.238   4.056   -6.191  1.00 14.65 ? 70  THR A N   1 
ATOM   569  C  CA  . THR A 1 71  ? 4.233   4.167   -7.646  1.00 16.90 ? 70  THR A CA  1 
ATOM   570  C  C   . THR A 1 71  ? 3.424   2.999   -8.207  1.00 17.52 ? 70  THR A C   1 
ATOM   571  O  O   . THR A 1 71  ? 2.579   3.180   -9.086  1.00 17.25 ? 70  THR A O   1 
ATOM   572  C  CB  . THR A 1 71  ? 5.662   4.118   -8.220  1.00 20.25 ? 70  THR A CB  1 
ATOM   573  O  OG1 . THR A 1 71  ? 6.405   5.245   -7.741  1.00 24.81 ? 70  THR A OG1 1 
ATOM   574  C  CG2 . THR A 1 71  ? 5.627   4.159   -9.740  1.00 22.70 ? 70  THR A CG2 1 
ATOM   575  N  N   . GLY A 1 72  ? 3.687   1.803   -7.687  1.00 16.97 ? 71  GLY A N   1 
ATOM   576  C  CA  . GLY A 1 72  ? 2.971   0.622   -8.135  1.00 16.70 ? 71  GLY A CA  1 
ATOM   577  C  C   . GLY A 1 72  ? 1.496   0.678   -7.788  1.00 16.67 ? 71  GLY A C   1 
ATOM   578  O  O   . GLY A 1 72  ? 0.637   0.378   -8.623  1.00 16.16 ? 71  GLY A O   1 
ATOM   579  N  N   . LEU A 1 73  ? 1.191   1.072   -6.557  1.00 14.55 ? 72  LEU A N   1 
ATOM   580  C  CA  . LEU A 1 73  ? -0.196  1.158   -6.123  1.00 15.75 ? 72  LEU A CA  1 
ATOM   581  C  C   . LEU A 1 73  ? -0.959  2.215   -6.917  1.00 16.04 ? 72  LEU A C   1 
ATOM   582  O  O   . LEU A 1 73  ? -2.116  2.010   -7.275  1.00 16.18 ? 72  LEU A O   1 
ATOM   583  C  CB  . LEU A 1 73  ? -0.266  1.459   -4.619  1.00 15.78 ? 72  LEU A CB  1 
ATOM   584  C  CG  . LEU A 1 73  ? -1.664  1.480   -3.996  1.00 15.55 ? 72  LEU A CG  1 
ATOM   585  C  CD1 . LEU A 1 73  ? -2.400  0.178   -4.294  1.00 18.18 ? 72  LEU A CD1 1 
ATOM   586  C  CD2 . LEU A 1 73  ? -1.537  1.693   -2.487  1.00 15.35 ? 72  LEU A CD2 1 
ATOM   587  N  N   . GLY A 1 74  ? -0.314  3.346   -7.189  1.00 15.55 ? 73  GLY A N   1 
ATOM   588  C  CA  . GLY A 1 74  ? -0.961  4.398   -7.956  1.00 16.37 ? 73  GLY A CA  1 
ATOM   589  C  C   . GLY A 1 74  ? -1.398  3.897   -9.321  1.00 15.88 ? 73  GLY A C   1 
ATOM   590  O  O   . GLY A 1 74  ? -2.500  4.201   -9.783  1.00 15.98 ? 73  GLY A O   1 
ATOM   591  N  N   . ALA A 1 75  ? -0.526  3.124   -9.962  1.00 16.27 ? 74  ALA A N   1 
ATOM   592  C  CA  . ALA A 1 75  ? -0.809  2.573   -11.288 1.00 17.47 ? 74  ALA A CA  1 
ATOM   593  C  C   . ALA A 1 75  ? -2.035  1.668   -11.241 1.00 17.21 ? 74  ALA A C   1 
ATOM   594  O  O   . ALA A 1 75  ? -2.875  1.685   -12.144 1.00 18.21 ? 74  ALA A O   1 
ATOM   595  C  CB  . ALA A 1 75  ? 0.401   1.792   -11.790 1.00 17.11 ? 74  ALA A CB  1 
ATOM   596  N  N   . ILE A 1 76  ? -2.134  0.879   -10.177 1.00 17.08 ? 75  ILE A N   1 
ATOM   597  C  CA  . ILE A 1 76  ? -3.250  -0.035  -9.995  1.00 17.03 ? 75  ILE A CA  1 
ATOM   598  C  C   . ILE A 1 76  ? -4.556  0.703   -9.711  1.00 16.79 ? 75  ILE A C   1 
ATOM   599  O  O   . ILE A 1 76  ? -5.583  0.421   -10.334 1.00 16.24 ? 75  ILE A O   1 
ATOM   600  C  CB  . ILE A 1 76  ? -2.946  -1.028  -8.851  1.00 19.15 ? 75  ILE A CB  1 
ATOM   601  C  CG1 . ILE A 1 76  ? -1.854  -2.002  -9.306  1.00 20.75 ? 75  ILE A CG1 1 
ATOM   602  C  CG2 . ILE A 1 76  ? -4.211  -1.771  -8.430  1.00 17.78 ? 75  ILE A CG2 1 
ATOM   603  C  CD1 . ILE A 1 76  ? -1.359  -2.928  -8.217  1.00 24.17 ? 75  ILE A CD1 1 
ATOM   604  N  N   . LEU A 1 77  ? -4.519  1.661   -8.787  1.00 14.90 ? 76  LEU A N   1 
ATOM   605  C  CA  . LEU A 1 77  ? -5.715  2.420   -8.437  1.00 14.44 ? 76  LEU A CA  1 
ATOM   606  C  C   . LEU A 1 77  ? -6.299  3.182   -9.625  1.00 16.86 ? 76  LEU A C   1 
ATOM   607  O  O   . LEU A 1 77  ? -7.518  3.279   -9.769  1.00 16.02 ? 76  LEU A O   1 
ATOM   608  C  CB  . LEU A 1 77  ? -5.410  3.391   -7.290  1.00 15.48 ? 76  LEU A CB  1 
ATOM   609  C  CG  . LEU A 1 77  ? -5.117  2.742   -5.928  1.00 14.52 ? 76  LEU A CG  1 
ATOM   610  C  CD1 . LEU A 1 77  ? -4.736  3.822   -4.921  1.00 14.47 ? 76  LEU A CD1 1 
ATOM   611  C  CD2 . LEU A 1 77  ? -6.335  1.972   -5.438  1.00 15.78 ? 76  LEU A CD2 1 
ATOM   612  N  N   . LYS A 1 78  ? -5.438  3.720   -10.482 1.00 16.39 ? 77  LYS A N   1 
ATOM   613  C  CA  . LYS A 1 78  ? -5.917  4.473   -11.637 1.00 17.45 ? 77  LYS A CA  1 
ATOM   614  C  C   . LYS A 1 78  ? -6.685  3.616   -12.631 1.00 17.38 ? 77  LYS A C   1 
ATOM   615  O  O   . LYS A 1 78  ? -7.414  4.140   -13.474 1.00 19.70 ? 77  LYS A O   1 
ATOM   616  C  CB  . LYS A 1 78  ? -4.746  5.173   -12.329 1.00 16.35 ? 77  LYS A CB  1 
ATOM   617  C  CG  . LYS A 1 78  ? -4.190  6.316   -11.495 1.00 20.05 ? 77  LYS A CG  1 
ATOM   618  C  CD  . LYS A 1 78  ? -2.928  6.898   -12.088 1.00 22.57 ? 77  LYS A CD  1 
ATOM   619  C  CE  . LYS A 1 78  ? -2.355  7.964   -11.168 1.00 24.48 ? 77  LYS A CE  1 
ATOM   620  N  NZ  . LYS A 1 78  ? -1.083  8.519   -11.691 1.00 26.21 ? 77  LYS A NZ  1 
ATOM   621  N  N   . LYS A 1 79  ? -6.527  2.300   -12.531 1.00 16.72 ? 78  LYS A N   1 
ATOM   622  C  CA  . LYS A 1 79  ? -7.226  1.379   -13.420 1.00 18.59 ? 78  LYS A CA  1 
ATOM   623  C  C   . LYS A 1 79  ? -8.669  1.163   -12.964 1.00 18.51 ? 78  LYS A C   1 
ATOM   624  O  O   . LYS A 1 79  ? -9.466  0.540   -13.670 1.00 18.66 ? 78  LYS A O   1 
ATOM   625  C  CB  . LYS A 1 79  ? -6.494  0.037   -13.472 1.00 19.90 ? 78  LYS A CB  1 
ATOM   626  C  CG  . LYS A 1 79  ? -5.087  0.122   -14.049 1.00 22.92 ? 78  LYS A CG  1 
ATOM   627  C  CD  . LYS A 1 79  ? -5.107  0.627   -15.480 1.00 27.15 ? 78  LYS A CD  1 
ATOM   628  C  CE  . LYS A 1 79  ? -5.807  -0.360  -16.401 1.00 30.74 ? 78  LYS A CE  1 
ATOM   629  N  NZ  . LYS A 1 79  ? -5.849  0.119   -17.812 1.00 34.88 ? 78  LYS A NZ  1 
ATOM   630  N  N   . LYS A 1 80  ? -9.003  1.677   -11.783 1.00 17.92 ? 79  LYS A N   1 
ATOM   631  C  CA  . LYS A 1 80  ? -10.352 1.563   -11.230 1.00 18.66 ? 79  LYS A CA  1 
ATOM   632  C  C   . LYS A 1 80  ? -10.932 0.148   -11.247 1.00 18.33 ? 79  LYS A C   1 
ATOM   633  O  O   . LYS A 1 80  ? -12.079 -0.059  -11.660 1.00 18.92 ? 79  LYS A O   1 
ATOM   634  C  CB  . LYS A 1 80  ? -11.301 2.524   -11.961 1.00 19.45 ? 79  LYS A CB  1 
ATOM   635  C  CG  . LYS A 1 80  ? -10.900 3.988   -11.823 1.00 20.86 ? 79  LYS A CG  1 
ATOM   636  C  CD  . LYS A 1 80  ? -11.953 4.959   -12.361 1.00 22.43 ? 79  LYS A CD  1 
ATOM   637  C  CE  . LYS A 1 80  ? -12.116 4.866   -13.866 1.00 24.12 ? 79  LYS A CE  1 
ATOM   638  N  NZ  . LYS A 1 80  ? -12.920 6.012   -14.389 1.00 22.98 ? 79  LYS A NZ  1 
ATOM   639  N  N   . GLY A 1 81  ? -10.138 -0.819  -10.800 1.00 18.09 ? 80  GLY A N   1 
ATOM   640  C  CA  . GLY A 1 81  ? -10.601 -2.195  -10.754 1.00 20.71 ? 80  GLY A CA  1 
ATOM   641  C  C   . GLY A 1 81  ? -10.151 -3.095  -11.894 1.00 22.18 ? 80  GLY A C   1 
ATOM   642  O  O   . GLY A 1 81  ? -10.028 -4.305  -11.707 1.00 24.16 ? 80  GLY A O   1 
ATOM   643  N  N   . HIS A 1 82  ? -9.925  -2.519  -13.074 1.00 23.85 ? 81  HIS A N   1 
ATOM   644  C  CA  . HIS A 1 82  ? -9.487  -3.297  -14.237 1.00 24.25 ? 81  HIS A CA  1 
ATOM   645  C  C   . HIS A 1 82  ? -7.961  -3.280  -14.240 1.00 23.35 ? 81  HIS A C   1 
ATOM   646  O  O   . HIS A 1 82  ? -7.326  -2.762  -15.160 1.00 24.39 ? 81  HIS A O   1 
ATOM   647  C  CB  . HIS A 1 82  ? -10.025 -2.668  -15.521 1.00 27.32 ? 81  HIS A CB  1 
ATOM   648  C  CG  . HIS A 1 82  ? -11.507 -2.452  -15.512 1.00 31.87 ? 81  HIS A CG  1 
ATOM   649  N  ND1 . HIS A 1 82  ? -12.119 -1.520  -14.704 1.00 34.05 ? 81  HIS A ND1 1 
ATOM   650  C  CD2 . HIS A 1 82  ? -12.500 -3.064  -16.201 1.00 33.74 ? 81  HIS A CD2 1 
ATOM   651  C  CE1 . HIS A 1 82  ? -13.427 -1.567  -14.894 1.00 34.46 ? 81  HIS A CE1 1 
ATOM   652  N  NE2 . HIS A 1 82  ? -13.683 -2.496  -15.797 1.00 35.31 ? 81  HIS A NE2 1 
ATOM   653  N  N   . HIS A 1 83  ? -7.387  -3.877  -13.204 1.00 23.04 ? 82  HIS A N   1 
ATOM   654  C  CA  . HIS A 1 83  ? -5.942  -3.890  -12.999 1.00 21.97 ? 82  HIS A CA  1 
ATOM   655  C  C   . HIS A 1 83  ? -5.256  -5.243  -13.149 1.00 24.08 ? 82  HIS A C   1 
ATOM   656  O  O   . HIS A 1 83  ? -4.164  -5.442  -12.615 1.00 22.92 ? 82  HIS A O   1 
ATOM   657  C  CB  . HIS A 1 83  ? -5.677  -3.352  -11.595 1.00 20.90 ? 82  HIS A CB  1 
ATOM   658  C  CG  . HIS A 1 83  ? -6.483  -4.041  -10.537 1.00 19.37 ? 82  HIS A CG  1 
ATOM   659  N  ND1 . HIS A 1 83  ? -7.111  -3.363  -9.515  1.00 20.04 ? 82  HIS A ND1 1 
ATOM   660  C  CD2 . HIS A 1 83  ? -6.775  -5.352  -10.353 1.00 19.26 ? 82  HIS A CD2 1 
ATOM   661  C  CE1 . HIS A 1 83  ? -7.754  -4.225  -8.745  1.00 19.87 ? 82  HIS A CE1 1 
ATOM   662  N  NE2 . HIS A 1 83  ? -7.566  -5.438  -9.232  1.00 20.35 ? 82  HIS A NE2 1 
ATOM   663  N  N   . GLU A 1 84  ? -5.873  -6.165  -13.880 1.00 25.51 ? 83  GLU A N   1 
ATOM   664  C  CA  . GLU A 1 84  ? -5.294  -7.494  -14.043 1.00 28.28 ? 83  GLU A CA  1 
ATOM   665  C  C   . GLU A 1 84  ? -3.853  -7.461  -14.555 1.00 28.22 ? 83  GLU A C   1 
ATOM   666  O  O   . GLU A 1 84  ? -2.983  -8.144  -14.015 1.00 28.88 ? 83  GLU A O   1 
ATOM   667  C  CB  . GLU A 1 84  ? -6.168  -8.337  -14.981 1.00 30.06 ? 83  GLU A CB  1 
ATOM   668  C  CG  . GLU A 1 84  ? -6.012  -9.844  -14.789 1.00 34.37 ? 83  GLU A CG  1 
ATOM   669  C  CD  . GLU A 1 84  ? -4.701  -10.379 -15.332 1.00 36.73 ? 83  GLU A CD  1 
ATOM   670  O  OE1 . GLU A 1 84  ? -4.322  -11.512 -14.967 1.00 35.58 ? 83  GLU A OE1 1 
ATOM   671  O  OE2 . GLU A 1 84  ? -4.057  -9.670  -16.135 1.00 38.93 ? 83  GLU A OE2 1 
ATOM   672  N  N   . ALA A 1 85  ? -3.603  -6.663  -15.588 1.00 27.99 ? 84  ALA A N   1 
ATOM   673  C  CA  . ALA A 1 85  ? -2.271  -6.558  -16.179 1.00 28.26 ? 84  ALA A CA  1 
ATOM   674  C  C   . ALA A 1 85  ? -1.205  -6.074  -15.200 1.00 27.79 ? 84  ALA A C   1 
ATOM   675  O  O   . ALA A 1 85  ? -0.077  -6.568  -15.208 1.00 28.27 ? 84  ALA A O   1 
ATOM   676  C  CB  . ALA A 1 85  ? -2.314  -5.634  -17.393 1.00 29.29 ? 84  ALA A CB  1 
ATOM   677  N  N   . GLU A 1 86  ? -1.556  -5.106  -14.364 1.00 27.10 ? 85  GLU A N   1 
ATOM   678  C  CA  . GLU A 1 86  ? -0.610  -4.567  -13.395 1.00 27.69 ? 85  GLU A CA  1 
ATOM   679  C  C   . GLU A 1 86  ? -0.531  -5.418  -12.130 1.00 27.28 ? 85  GLU A C   1 
ATOM   680  O  O   . GLU A 1 86  ? 0.500   -5.464  -11.460 1.00 28.63 ? 85  GLU A O   1 
ATOM   681  C  CB  . GLU A 1 86  ? -1.002  -3.133  -13.013 1.00 27.62 ? 85  GLU A CB  1 
ATOM   682  C  CG  . GLU A 1 86  ? -0.992  -2.138  -14.171 1.00 30.05 ? 85  GLU A CG  1 
ATOM   683  C  CD  . GLU A 1 86  ? -2.206  -2.260  -15.074 1.00 29.91 ? 85  GLU A CD  1 
ATOM   684  O  OE1 . GLU A 1 86  ? -2.218  -1.610  -16.143 1.00 32.50 ? 85  GLU A OE1 1 
ATOM   685  O  OE2 . GLU A 1 86  ? -3.154  -2.991  -14.715 1.00 29.55 ? 85  GLU A OE2 1 
ATOM   686  N  N   . LEU A 1 87  ? -1.620  -6.106  -11.816 1.00 26.37 ? 86  LEU A N   1 
ATOM   687  C  CA  . LEU A 1 87  ? -1.676  -6.915  -10.610 1.00 25.48 ? 86  LEU A CA  1 
ATOM   688  C  C   . LEU A 1 87  ? -0.988  -8.278  -10.683 1.00 25.08 ? 86  LEU A C   1 
ATOM   689  O  O   . LEU A 1 87  ? -0.385  -8.713  -9.702  1.00 25.04 ? 86  LEU A O   1 
ATOM   690  C  CB  . LEU A 1 87  ? -3.136  -7.094  -10.188 1.00 27.24 ? 86  LEU A CB  1 
ATOM   691  C  CG  . LEU A 1 87  ? -3.375  -7.503  -8.736  1.00 27.04 ? 86  LEU A CG  1 
ATOM   692  C  CD1 . LEU A 1 87  ? -2.690  -6.518  -7.806  1.00 31.76 ? 86  LEU A CD1 1 
ATOM   693  C  CD2 . LEU A 1 87  ? -4.863  -7.529  -8.464  1.00 30.69 ? 86  LEU A CD2 1 
ATOM   694  N  N   . LYS A 1 88  ? -1.065  -8.948  -11.829 1.00 24.20 ? 87  LYS A N   1 
ATOM   695  C  CA  . LYS A 1 88  ? -0.444  -10.266 -11.969 1.00 24.35 ? 87  LYS A CA  1 
ATOM   696  C  C   . LYS A 1 88  ? 1.029   -10.297 -11.556 1.00 24.07 ? 87  LYS A C   1 
ATOM   697  O  O   . LYS A 1 88  ? 1.423   -11.112 -10.724 1.00 24.12 ? 87  LYS A O   1 
ATOM   698  C  CB  . LYS A 1 88  ? -0.584  -10.796 -13.401 1.00 24.72 ? 87  LYS A CB  1 
ATOM   699  C  CG  . LYS A 1 88  ? 0.049   -12.175 -13.589 1.00 25.78 ? 87  LYS A CG  1 
ATOM   700  C  CD  . LYS A 1 88  ? -0.188  -12.749 -14.979 1.00 26.59 ? 87  LYS A CD  1 
ATOM   701  C  CE  . LYS A 1 88  ? 0.450   -14.130 -15.098 1.00 28.90 ? 87  LYS A CE  1 
ATOM   702  N  NZ  . LYS A 1 88  ? 0.243   -14.752 -16.438 1.00 27.98 ? 87  LYS A NZ  1 
ATOM   703  N  N   . PRO A 1 89  ? 1.865   -9.419  -12.137 1.00 23.71 ? 88  PRO A N   1 
ATOM   704  C  CA  . PRO A 1 89  ? 3.283   -9.423  -11.762 1.00 22.78 ? 88  PRO A CA  1 
ATOM   705  C  C   . PRO A 1 89  ? 3.521   -9.140  -10.278 1.00 22.46 ? 88  PRO A C   1 
ATOM   706  O  O   . PRO A 1 89  ? 4.380   -9.756  -9.645  1.00 20.23 ? 88  PRO A O   1 
ATOM   707  C  CB  . PRO A 1 89  ? 3.889   -8.356  -12.680 1.00 23.65 ? 88  PRO A CB  1 
ATOM   708  C  CG  . PRO A 1 89  ? 2.727   -7.452  -12.987 1.00 25.29 ? 88  PRO A CG  1 
ATOM   709  C  CD  . PRO A 1 89  ? 1.603   -8.431  -13.196 1.00 24.24 ? 88  PRO A CD  1 
ATOM   710  N  N   . LEU A 1 90  ? 2.751   -8.212  -9.721  1.00 21.43 ? 89  LEU A N   1 
ATOM   711  C  CA  . LEU A 1 90  ? 2.884   -7.870  -8.312  1.00 21.58 ? 89  LEU A CA  1 
ATOM   712  C  C   . LEU A 1 90  ? 2.527   -9.075  -7.442  1.00 21.58 ? 89  LEU A C   1 
ATOM   713  O  O   . LEU A 1 90  ? 3.270   -9.431  -6.528  1.00 20.61 ? 89  LEU A O   1 
ATOM   714  C  CB  . LEU A 1 90  ? 1.978   -6.683  -7.971  1.00 22.90 ? 89  LEU A CB  1 
ATOM   715  C  CG  . LEU A 1 90  ? 1.986   -6.142  -6.538  1.00 24.53 ? 89  LEU A CG  1 
ATOM   716  C  CD1 . LEU A 1 90  ? 1.354   -4.759  -6.524  1.00 25.60 ? 89  LEU A CD1 1 
ATOM   717  C  CD2 . LEU A 1 90  ? 1.233   -7.081  -5.609  1.00 26.23 ? 89  LEU A CD2 1 
ATOM   718  N  N   . ALA A 1 91  ? 1.393   -9.703  -7.735  1.00 21.55 ? 90  ALA A N   1 
ATOM   719  C  CA  . ALA A 1 91  ? 0.935   -10.859 -6.972  1.00 23.14 ? 90  ALA A CA  1 
ATOM   720  C  C   . ALA A 1 91  ? 1.911   -12.024 -7.040  1.00 23.31 ? 90  ALA A C   1 
ATOM   721  O  O   . ALA A 1 91  ? 2.261   -12.608 -6.015  1.00 23.26 ? 90  ALA A O   1 
ATOM   722  C  CB  . ALA A 1 91  ? -0.437  -11.303 -7.467  1.00 22.48 ? 90  ALA A CB  1 
ATOM   723  N  N   . GLN A 1 92  ? 2.346   -12.366 -8.248  1.00 24.72 ? 91  GLN A N   1 
ATOM   724  C  CA  . GLN A 1 92  ? 3.281   -13.469 -8.433  1.00 26.99 ? 91  GLN A CA  1 
ATOM   725  C  C   . GLN A 1 92  ? 4.578   -13.201 -7.678  1.00 26.59 ? 91  GLN A C   1 
ATOM   726  O  O   . GLN A 1 92  ? 5.112   -14.085 -7.006  1.00 25.90 ? 91  GLN A O   1 
ATOM   727  C  CB  . GLN A 1 92  ? 3.571   -13.671 -9.925  1.00 30.24 ? 91  GLN A CB  1 
ATOM   728  C  CG  . GLN A 1 92  ? 4.434   -14.887 -10.251 1.00 36.18 ? 91  GLN A CG  1 
ATOM   729  C  CD  . GLN A 1 92  ? 5.866   -14.742 -9.774  1.00 37.81 ? 91  GLN A CD  1 
ATOM   730  O  OE1 . GLN A 1 92  ? 6.552   -13.783 -10.123 1.00 41.02 ? 91  GLN A OE1 1 
ATOM   731  N  NE2 . GLN A 1 92  ? 6.323   -15.695 -8.973  1.00 40.91 ? 91  GLN A NE2 1 
ATOM   732  N  N   . SER A 1 93  ? 5.086   -11.979 -7.794  1.00 25.15 ? 92  SER A N   1 
ATOM   733  C  CA  . SER A 1 93  ? 6.317   -11.585 -7.120  1.00 25.02 ? 92  SER A CA  1 
ATOM   734  C  C   . SER A 1 93  ? 6.190   -11.691 -5.600  1.00 24.62 ? 92  SER A C   1 
ATOM   735  O  O   . SER A 1 93  ? 7.081   -12.211 -4.928  1.00 25.42 ? 92  SER A O   1 
ATOM   736  C  CB  . SER A 1 93  ? 6.681   -10.148 -7.509  1.00 26.53 ? 92  SER A CB  1 
ATOM   737  O  OG  . SER A 1 93  ? 7.748   -9.656  -6.718  1.00 33.15 ? 92  SER A OG  1 
ATOM   738  N  N   . HIS A 1 94  ? 5.081   -11.197 -5.060  1.00 22.80 ? 93  HIS A N   1 
ATOM   739  C  CA  . HIS A 1 94  ? 4.856   -11.235 -3.619  1.00 21.66 ? 93  HIS A CA  1 
ATOM   740  C  C   . HIS A 1 94  ? 4.680   -12.638 -3.057  1.00 22.11 ? 93  HIS A C   1 
ATOM   741  O  O   . HIS A 1 94  ? 5.069   -12.911 -1.924  1.00 19.86 ? 93  HIS A O   1 
ATOM   742  C  CB  . HIS A 1 94  ? 3.636   -10.388 -3.251  1.00 21.33 ? 93  HIS A CB  1 
ATOM   743  C  CG  . HIS A 1 94  ? 3.930   -8.924  -3.164  1.00 21.44 ? 93  HIS A CG  1 
ATOM   744  N  ND1 . HIS A 1 94  ? 4.353   -8.185  -4.248  1.00 22.60 ? 93  HIS A ND1 1 
ATOM   745  C  CD2 . HIS A 1 94  ? 3.894   -8.070  -2.115  1.00 22.68 ? 93  HIS A CD2 1 
ATOM   746  C  CE1 . HIS A 1 94  ? 4.566   -6.938  -3.868  1.00 23.01 ? 93  HIS A CE1 1 
ATOM   747  N  NE2 . HIS A 1 94  ? 4.296   -6.841  -2.578  1.00 22.46 ? 93  HIS A NE2 1 
ATOM   748  N  N   . ALA A 1 95  ? 4.099   -13.525 -3.854  1.00 22.62 ? 94  ALA A N   1 
ATOM   749  C  CA  . ALA A 1 95  ? 3.876   -14.890 -3.406  1.00 24.42 ? 94  ALA A CA  1 
ATOM   750  C  C   . ALA A 1 95  ? 5.145   -15.731 -3.435  1.00 25.82 ? 94  ALA A C   1 
ATOM   751  O  O   . ALA A 1 95  ? 5.540   -16.309 -2.421  1.00 25.87 ? 94  ALA A O   1 
ATOM   752  C  CB  . ALA A 1 95  ? 2.803   -15.545 -4.263  1.00 24.45 ? 94  ALA A CB  1 
ATOM   753  N  N   . THR A 1 96  ? 5.786   -15.778 -4.597  1.00 26.56 ? 95  THR A N   1 
ATOM   754  C  CA  . THR A 1 96  ? 6.985   -16.589 -4.788  1.00 29.23 ? 95  THR A CA  1 
ATOM   755  C  C   . THR A 1 96  ? 8.310   -15.962 -4.369  1.00 29.28 ? 95  THR A C   1 
ATOM   756  O  O   . THR A 1 96  ? 9.114   -16.604 -3.689  1.00 30.41 ? 95  THR A O   1 
ATOM   757  C  CB  . THR A 1 96  ? 7.105   -17.020 -6.264  1.00 29.97 ? 95  THR A CB  1 
ATOM   758  O  OG1 . THR A 1 96  ? 5.858   -17.573 -6.702  1.00 31.17 ? 95  THR A OG1 1 
ATOM   759  C  CG2 . THR A 1 96  ? 8.198   -18.067 -6.428  1.00 31.33 ? 95  THR A CG2 1 
ATOM   760  N  N   . LYS A 1 97  ? 8.545   -14.718 -4.771  1.00 29.45 ? 96  LYS A N   1 
ATOM   761  C  CA  . LYS A 1 97  ? 9.807   -14.059 -4.449  1.00 29.07 ? 96  LYS A CA  1 
ATOM   762  C  C   . LYS A 1 97  ? 9.925   -13.475 -3.045  1.00 28.63 ? 96  LYS A C   1 
ATOM   763  O  O   . LYS A 1 97  ? 10.871  -13.785 -2.319  1.00 28.78 ? 96  LYS A O   1 
ATOM   764  C  CB  . LYS A 1 97  ? 10.097  -12.963 -5.480  1.00 30.90 ? 96  LYS A CB  1 
ATOM   765  C  CG  . LYS A 1 97  ? 11.413  -12.238 -5.252  1.00 32.94 ? 96  LYS A CG  1 
ATOM   766  C  CD  . LYS A 1 97  ? 11.753  -11.318 -6.410  1.00 36.63 ? 96  LYS A CD  1 
ATOM   767  C  CE  . LYS A 1 97  ? 11.957  -12.101 -7.697  1.00 38.35 ? 96  LYS A CE  1 
ATOM   768  N  NZ  . LYS A 1 97  ? 12.340  -11.215 -8.829  1.00 40.33 ? 96  LYS A NZ  1 
ATOM   769  N  N   . HIS A 1 98  ? 8.971   -12.636 -2.658  1.00 27.42 ? 97  HIS A N   1 
ATOM   770  C  CA  . HIS A 1 98  ? 9.018   -11.994 -1.349  1.00 26.36 ? 97  HIS A CA  1 
ATOM   771  C  C   . HIS A 1 98  ? 8.320   -12.758 -0.223  1.00 25.73 ? 97  HIS A C   1 
ATOM   772  O  O   . HIS A 1 98  ? 8.659   -12.580 0.948   1.00 25.98 ? 97  HIS A O   1 
ATOM   773  C  CB  . HIS A 1 98  ? 8.430   -10.584 -1.451  1.00 27.11 ? 97  HIS A CB  1 
ATOM   774  C  CG  . HIS A 1 98  ? 8.877   -9.836  -2.668  1.00 26.95 ? 97  HIS A CG  1 
ATOM   775  N  ND1 . HIS A 1 98  ? 10.204  -9.717  -3.023  1.00 27.19 ? 97  HIS A ND1 1 
ATOM   776  C  CD2 . HIS A 1 98  ? 8.173   -9.185  -3.624  1.00 27.57 ? 97  HIS A CD2 1 
ATOM   777  C  CE1 . HIS A 1 98  ? 10.297  -9.030  -4.147  1.00 27.73 ? 97  HIS A CE1 1 
ATOM   778  N  NE2 . HIS A 1 98  ? 9.080   -8.694  -4.532  1.00 28.85 ? 97  HIS A NE2 1 
ATOM   779  N  N   . LYS A 1 99  ? 7.354   -13.602 -0.577  1.00 23.87 ? 98  LYS A N   1 
ATOM   780  C  CA  . LYS A 1 99  ? 6.594   -14.384 0.403   1.00 24.63 ? 98  LYS A CA  1 
ATOM   781  C  C   . LYS A 1 99  ? 5.906   -13.463 1.410   1.00 22.33 ? 98  LYS A C   1 
ATOM   782  O  O   . LYS A 1 99  ? 6.167   -13.528 2.614   1.00 21.50 ? 98  LYS A O   1 
ATOM   783  C  CB  . LYS A 1 99  ? 7.507   -15.359 1.154   1.00 28.57 ? 98  LYS A CB  1 
ATOM   784  C  CG  . LYS A 1 99  ? 8.274   -16.327 0.264   1.00 33.19 ? 98  LYS A CG  1 
ATOM   785  C  CD  . LYS A 1 99  ? 8.816   -17.509 1.067   1.00 36.33 ? 98  LYS A CD  1 
ATOM   786  C  CE  . LYS A 1 99  ? 9.587   -17.064 2.308   1.00 39.21 ? 98  LYS A CE  1 
ATOM   787  N  NZ  . LYS A 1 99  ? 10.749  -16.191 1.979   1.00 41.20 ? 98  LYS A NZ  1 
ATOM   788  N  N   . ILE A 1 100 ? 5.022   -12.611 0.907   1.00 20.32 ? 99  ILE A N   1 
ATOM   789  C  CA  . ILE A 1 100 ? 4.299   -11.662 1.745   1.00 18.83 ? 99  ILE A CA  1 
ATOM   790  C  C   . ILE A 1 100 ? 2.876   -12.144 2.015   1.00 18.15 ? 99  ILE A C   1 
ATOM   791  O  O   . ILE A 1 100 ? 2.051   -12.222 1.107   1.00 19.30 ? 99  ILE A O   1 
ATOM   792  C  CB  . ILE A 1 100 ? 4.231   -10.266 1.069   1.00 18.22 ? 99  ILE A CB  1 
ATOM   793  C  CG1 . ILE A 1 100 ? 5.644   -9.794  0.718   1.00 18.93 ? 99  ILE A CG1 1 
ATOM   794  C  CG2 . ILE A 1 100 ? 3.525   -9.269  1.983   1.00 19.42 ? 99  ILE A CG2 1 
ATOM   795  C  CD1 . ILE A 1 100 ? 6.606   -9.795  1.888   1.00 17.66 ? 99  ILE A CD1 1 
ATOM   796  N  N   . PRO A 1 101 ? 2.572   -12.478 3.276   1.00 18.45 ? 100 PRO A N   1 
ATOM   797  C  CA  . PRO A 1 101 ? 1.224   -12.951 3.593   1.00 17.77 ? 100 PRO A CA  1 
ATOM   798  C  C   . PRO A 1 101 ? 0.144   -11.885 3.427   1.00 17.86 ? 100 PRO A C   1 
ATOM   799  O  O   . PRO A 1 101 ? 0.406   -10.682 3.535   1.00 15.07 ? 100 PRO A O   1 
ATOM   800  C  CB  . PRO A 1 101 ? 1.355   -13.424 5.037   1.00 18.46 ? 100 PRO A CB  1 
ATOM   801  C  CG  . PRO A 1 101 ? 2.434   -12.548 5.590   1.00 20.72 ? 100 PRO A CG  1 
ATOM   802  C  CD  . PRO A 1 101 ? 3.439   -12.508 4.465   1.00 18.67 ? 100 PRO A CD  1 
ATOM   803  N  N   . ILE A 1 102 ? -1.073  -12.337 3.155   1.00 15.25 ? 101 ILE A N   1 
ATOM   804  C  CA  . ILE A 1 102 ? -2.200  -11.435 2.985   1.00 16.65 ? 101 ILE A CA  1 
ATOM   805  C  C   . ILE A 1 102 ? -2.339  -10.523 4.203   1.00 16.22 ? 101 ILE A C   1 
ATOM   806  O  O   . ILE A 1 102 ? -2.651  -9.339  4.065   1.00 15.43 ? 101 ILE A O   1 
ATOM   807  C  CB  . ILE A 1 102 ? -3.509  -12.232 2.778   1.00 16.61 ? 101 ILE A CB  1 
ATOM   808  C  CG1 . ILE A 1 102 ? -3.480  -12.912 1.405   1.00 16.92 ? 101 ILE A CG1 1 
ATOM   809  C  CG2 . ILE A 1 102 ? -4.724  -11.314 2.910   1.00 18.47 ? 101 ILE A CG2 1 
ATOM   810  C  CD1 . ILE A 1 102 ? -4.528  -13.998 1.232   1.00 20.96 ? 101 ILE A CD1 1 
ATOM   811  N  N   . LYS A 1 103 ? -2.101  -11.058 5.398   1.00 14.67 ? 102 LYS A N   1 
ATOM   812  C  CA  . LYS A 1 103 ? -2.224  -10.236 6.594   1.00 15.07 ? 102 LYS A CA  1 
ATOM   813  C  C   . LYS A 1 103 ? -1.301  -9.014  6.551   1.00 14.66 ? 102 LYS A C   1 
ATOM   814  O  O   . LYS A 1 103 ? -1.643  -7.967  7.081   1.00 14.65 ? 102 LYS A O   1 
ATOM   815  C  CB  . LYS A 1 103 ? -1.962  -11.066 7.865   1.00 17.50 ? 102 LYS A CB  1 
ATOM   816  C  CG  . LYS A 1 103 ? -0.572  -11.667 7.993   1.00 21.07 ? 102 LYS A CG  1 
ATOM   817  C  CD  . LYS A 1 103 ? -0.414  -12.373 9.338   1.00 23.93 ? 102 LYS A CD  1 
ATOM   818  C  CE  . LYS A 1 103 ? 0.981   -12.953 9.504   1.00 25.52 ? 102 LYS A CE  1 
ATOM   819  N  NZ  . LYS A 1 103 ? 1.175   -13.562 10.855  1.00 27.61 ? 102 LYS A NZ  1 
ATOM   820  N  N   . TYR A 1 104 ? -0.138  -9.142  5.914   1.00 12.90 ? 103 TYR A N   1 
ATOM   821  C  CA  . TYR A 1 104 ? 0.777   -7.998  5.823   1.00 13.22 ? 103 TYR A CA  1 
ATOM   822  C  C   . TYR A 1 104 ? 0.197   -6.933  4.893   1.00 13.89 ? 103 TYR A C   1 
ATOM   823  O  O   . TYR A 1 104 ? 0.364   -5.735  5.130   1.00 13.86 ? 103 TYR A O   1 
ATOM   824  C  CB  . TYR A 1 104 ? 2.152   -8.443  5.308   1.00 14.03 ? 103 TYR A CB  1 
ATOM   825  C  CG  . TYR A 1 104 ? 3.046   -9.101  6.342   1.00 13.80 ? 103 TYR A CG  1 
ATOM   826  C  CD1 . TYR A 1 104 ? 2.529   -9.628  7.530   1.00 15.15 ? 103 TYR A CD1 1 
ATOM   827  C  CD2 . TYR A 1 104 ? 4.416   -9.214  6.119   1.00 15.04 ? 103 TYR A CD2 1 
ATOM   828  C  CE1 . TYR A 1 104 ? 3.362   -10.250 8.466   1.00 15.81 ? 103 TYR A CE1 1 
ATOM   829  C  CE2 . TYR A 1 104 ? 5.252   -9.830  7.040   1.00 14.87 ? 103 TYR A CE2 1 
ATOM   830  C  CZ  . TYR A 1 104 ? 4.723   -10.349 8.210   1.00 17.15 ? 103 TYR A CZ  1 
ATOM   831  O  OH  . TYR A 1 104 ? 5.557   -10.978 9.108   1.00 19.68 ? 103 TYR A OH  1 
ATOM   832  N  N   . LEU A 1 105 ? -0.476  -7.372  3.832   1.00 12.17 ? 104 LEU A N   1 
ATOM   833  C  CA  . LEU A 1 105 ? -1.093  -6.439  2.900   1.00 12.74 ? 104 LEU A CA  1 
ATOM   834  C  C   . LEU A 1 105 ? -2.223  -5.709  3.622   1.00 12.93 ? 104 LEU A C   1 
ATOM   835  O  O   . LEU A 1 105 ? -2.513  -4.556  3.328   1.00 13.34 ? 104 LEU A O   1 
ATOM   836  C  CB  . LEU A 1 105 ? -1.629  -7.186  1.677   1.00 14.28 ? 104 LEU A CB  1 
ATOM   837  C  CG  . LEU A 1 105 ? -0.567  -7.839  0.786   1.00 17.90 ? 104 LEU A CG  1 
ATOM   838  C  CD1 . LEU A 1 105 ? -1.256  -8.720  -0.246  1.00 20.98 ? 104 LEU A CD1 1 
ATOM   839  C  CD2 . LEU A 1 105 ? 0.287   -6.775  0.106   1.00 19.44 ? 104 LEU A CD2 1 
ATOM   840  N  N   . GLU A 1 106 ? -2.869  -6.391  4.568   1.00 14.00 ? 105 GLU A N   1 
ATOM   841  C  CA  . GLU A 1 106 ? -3.930  -5.753  5.341   1.00 13.24 ? 105 GLU A CA  1 
ATOM   842  C  C   . GLU A 1 106 ? -3.284  -4.689  6.231   1.00 13.66 ? 105 GLU A C   1 
ATOM   843  O  O   . GLU A 1 106 ? -3.806  -3.584  6.370   1.00 12.80 ? 105 GLU A O   1 
ATOM   844  C  CB  . GLU A 1 106 ? -4.678  -6.787  6.197   1.00 14.89 ? 105 GLU A CB  1 
ATOM   845  C  CG  . GLU A 1 106 ? -5.377  -7.840  5.353   1.00 14.80 ? 105 GLU A CG  1 
ATOM   846  C  CD  . GLU A 1 106 ? -6.071  -8.918  6.164   1.00 16.94 ? 105 GLU A CD  1 
ATOM   847  O  OE1 . GLU A 1 106 ? -5.679  -9.154  7.326   1.00 18.26 ? 105 GLU A OE1 1 
ATOM   848  O  OE2 . GLU A 1 106 ? -7.002  -9.546  5.618   1.00 19.07 ? 105 GLU A OE2 1 
ATOM   849  N  N   . PHE A 1 107 ? -2.130  -5.020  6.813   1.00 13.41 ? 106 PHE A N   1 
ATOM   850  C  CA  . PHE A 1 107 ? -1.418  -4.078  7.678   1.00 12.71 ? 106 PHE A CA  1 
ATOM   851  C  C   . PHE A 1 107 ? -1.006  -2.818  6.917   1.00 12.02 ? 106 PHE A C   1 
ATOM   852  O  O   . PHE A 1 107 ? -1.165  -1.705  7.425   1.00 11.19 ? 106 PHE A O   1 
ATOM   853  C  CB  . PHE A 1 107 ? -0.144  -4.695  8.274   1.00 12.07 ? 106 PHE A CB  1 
ATOM   854  C  CG  . PHE A 1 107 ? -0.382  -5.863  9.197   1.00 13.05 ? 106 PHE A CG  1 
ATOM   855  C  CD1 . PHE A 1 107 ? -1.588  -6.029  9.872   1.00 15.33 ? 106 PHE A CD1 1 
ATOM   856  C  CD2 . PHE A 1 107 ? 0.636   -6.791  9.406   1.00 14.39 ? 106 PHE A CD2 1 
ATOM   857  C  CE1 . PHE A 1 107 ? -1.773  -7.109  10.747  1.00 15.77 ? 106 PHE A CE1 1 
ATOM   858  C  CE2 . PHE A 1 107 ? 0.463   -7.868  10.275  1.00 15.52 ? 106 PHE A CE2 1 
ATOM   859  C  CZ  . PHE A 1 107 ? -0.747  -8.023  10.945  1.00 15.76 ? 106 PHE A CZ  1 
ATOM   860  N  N   . ILE A 1 108 ? -0.458  -2.976  5.715   1.00 12.45 ? 107 ILE A N   1 
ATOM   861  C  CA  . ILE A 1 108 ? -0.041  -1.780  4.991   1.00 11.81 ? 107 ILE A CA  1 
ATOM   862  C  C   . ILE A 1 108 ? -1.253  -0.986  4.503   1.00 14.03 ? 107 ILE A C   1 
ATOM   863  O  O   . ILE A 1 108 ? -1.181  0.235   4.354   1.00 11.06 ? 107 ILE A O   1 
ATOM   864  C  CB  . ILE A 1 108 ? 0.920   -2.115  3.816   1.00 12.58 ? 107 ILE A CB  1 
ATOM   865  C  CG1 . ILE A 1 108 ? 1.672   -0.843  3.405   1.00 12.99 ? 107 ILE A CG1 1 
ATOM   866  C  CG2 . ILE A 1 108 ? 0.161   -2.695  2.640   1.00 12.74 ? 107 ILE A CG2 1 
ATOM   867  C  CD1 . ILE A 1 108 ? 2.825   -1.082  2.446   1.00 12.11 ? 107 ILE A CD1 1 
ATOM   868  N  N   . SER A 1 109 ? -2.374  -1.664  4.269   1.00 12.37 ? 108 SER A N   1 
ATOM   869  C  CA  . SER A 1 109 ? -3.591  -0.973  3.842   1.00 13.66 ? 108 SER A CA  1 
ATOM   870  C  C   . SER A 1 109 ? -4.029  -0.045  4.975   1.00 13.83 ? 108 SER A C   1 
ATOM   871  O  O   . SER A 1 109 ? -4.429  1.095   4.739   1.00 12.93 ? 108 SER A O   1 
ATOM   872  C  CB  . SER A 1 109 ? -4.698  -1.983  3.526   1.00 12.27 ? 108 SER A CB  1 
ATOM   873  O  OG  . SER A 1 109 ? -4.393  -2.726  2.358   1.00 12.49 ? 108 SER A OG  1 
ATOM   874  N  N   . GLU A 1 110 ? -3.942  -0.537  6.208   1.00 13.00 ? 109 GLU A N   1 
ATOM   875  C  CA  . GLU A 1 110 ? -4.306  0.261   7.378   1.00 14.29 ? 109 GLU A CA  1 
ATOM   876  C  C   . GLU A 1 110 ? -3.395  1.484   7.469   1.00 13.06 ? 109 GLU A C   1 
ATOM   877  O  O   . GLU A 1 110 ? -3.852  2.590   7.753   1.00 14.99 ? 109 GLU A O   1 
ATOM   878  C  CB  . GLU A 1 110 ? -4.158  -0.583  8.652   1.00 16.93 ? 109 GLU A CB  1 
ATOM   879  C  CG  . GLU A 1 110 ? -4.648  0.066   9.949   1.00 23.13 ? 109 GLU A CG  1 
ATOM   880  C  CD  . GLU A 1 110 ? -3.800  1.241   10.417  1.00 26.06 ? 109 GLU A CD  1 
ATOM   881  O  OE1 . GLU A 1 110 ? -2.552  1.154   10.361  1.00 28.20 ? 109 GLU A OE1 1 
ATOM   882  O  OE2 . GLU A 1 110 ? -4.385  2.253   10.866  1.00 29.40 ? 109 GLU A OE2 1 
ATOM   883  N  N   . ALA A 1 111 ? -2.103  1.278   7.217   1.00 13.27 ? 110 ALA A N   1 
ATOM   884  C  CA  . ALA A 1 111 ? -1.125  2.359   7.282   1.00 12.19 ? 110 ALA A CA  1 
ATOM   885  C  C   . ALA A 1 111 ? -1.404  3.434   6.241   1.00 12.20 ? 110 ALA A C   1 
ATOM   886  O  O   . ALA A 1 111 ? -1.289  4.627   6.524   1.00 12.35 ? 110 ALA A O   1 
ATOM   887  C  CB  . ALA A 1 111 ? 0.280   1.801   7.099   1.00 13.22 ? 110 ALA A CB  1 
ATOM   888  N  N   . ILE A 1 112 ? -1.765  3.006   5.036   1.00 12.08 ? 111 ILE A N   1 
ATOM   889  C  CA  . ILE A 1 112 ? -2.068  3.942   3.956   1.00 11.29 ? 111 ILE A CA  1 
ATOM   890  C  C   . ILE A 1 112 ? -3.258  4.820   4.335   1.00 11.97 ? 111 ILE A C   1 
ATOM   891  O  O   . ILE A 1 112 ? -3.204  6.042   4.198   1.00 13.34 ? 111 ILE A O   1 
ATOM   892  C  CB  . ILE A 1 112 ? -2.390  3.175   2.650   1.00 12.20 ? 111 ILE A CB  1 
ATOM   893  C  CG1 . ILE A 1 112 ? -1.115  2.540   2.101   1.00 13.18 ? 111 ILE A CG1 1 
ATOM   894  C  CG2 . ILE A 1 112 ? -2.995  4.121   1.629   1.00 12.34 ? 111 ILE A CG2 1 
ATOM   895  C  CD1 . ILE A 1 112 ? -1.375  1.457   1.079   1.00 13.46 ? 111 ILE A CD1 1 
ATOM   896  N  N   . ILE A 1 113 ? -4.326  4.190   4.810   1.00 13.17 ? 112 ILE A N   1 
ATOM   897  C  CA  . ILE A 1 113 ? -5.528  4.919   5.200   1.00 14.37 ? 112 ILE A CA  1 
ATOM   898  C  C   . ILE A 1 113 ? -5.209  5.914   6.311   1.00 15.05 ? 112 ILE A C   1 
ATOM   899  O  O   . ILE A 1 113 ? -5.616  7.073   6.254   1.00 13.87 ? 112 ILE A O   1 
ATOM   900  C  CB  . ILE A 1 113 ? -6.629  3.941   5.686   1.00 16.34 ? 112 ILE A CB  1 
ATOM   901  C  CG1 . ILE A 1 113 ? -7.079  3.058   4.522   1.00 19.17 ? 112 ILE A CG1 1 
ATOM   902  C  CG2 . ILE A 1 113 ? -7.818  4.714   6.252   1.00 16.67 ? 112 ILE A CG2 1 
ATOM   903  C  CD1 . ILE A 1 113 ? -7.827  3.799   3.453   1.00 22.77 ? 112 ILE A CD1 1 
ATOM   904  N  N   . HIS A 1 114 ? -4.462  5.461   7.312   1.00 14.06 ? 113 HIS A N   1 
ATOM   905  C  CA  . HIS A 1 114 ? -4.108  6.325   8.426   1.00 15.25 ? 113 HIS A CA  1 
ATOM   906  C  C   . HIS A 1 114 ? -3.296  7.544   7.986   1.00 14.40 ? 113 HIS A C   1 
ATOM   907  O  O   . HIS A 1 114 ? -3.595  8.673   8.382   1.00 14.40 ? 113 HIS A O   1 
ATOM   908  C  CB  . HIS A 1 114 ? -3.326  5.540   9.483   1.00 16.80 ? 113 HIS A CB  1 
ATOM   909  C  CG  . HIS A 1 114 ? -2.894  6.377   10.642  1.00 18.87 ? 113 HIS A CG  1 
ATOM   910  N  ND1 . HIS A 1 114 ? -1.775  7.178   10.601  1.00 21.00 ? 113 HIS A ND1 1 
ATOM   911  C  CD2 . HIS A 1 114 ? -3.471  6.594   11.848  1.00 19.71 ? 113 HIS A CD2 1 
ATOM   912  C  CE1 . HIS A 1 114 ? -1.680  7.853   11.732  1.00 20.03 ? 113 HIS A CE1 1 
ATOM   913  N  NE2 . HIS A 1 114 ? -2.697  7.520   12.504  1.00 21.30 ? 113 HIS A NE2 1 
ATOM   914  N  N   . VAL A 1 115 ? -2.275  7.322   7.169   1.00 14.17 ? 114 VAL A N   1 
ATOM   915  C  CA  . VAL A 1 115 ? -1.446  8.431   6.709   1.00 13.24 ? 114 VAL A CA  1 
ATOM   916  C  C   . VAL A 1 115 ? -2.213  9.406   5.816   1.00 14.97 ? 114 VAL A C   1 
ATOM   917  O  O   . VAL A 1 115 ? -2.021  10.624  5.907   1.00 13.97 ? 114 VAL A O   1 
ATOM   918  C  CB  . VAL A 1 115 ? -0.195  7.906   5.974   1.00 13.03 ? 114 VAL A CB  1 
ATOM   919  C  CG1 . VAL A 1 115 ? 0.531   9.051   5.283   1.00 12.42 ? 114 VAL A CG1 1 
ATOM   920  C  CG2 . VAL A 1 115 ? 0.731   7.229   6.974   1.00 14.41 ? 114 VAL A CG2 1 
ATOM   921  N  N   . LEU A 1 116 ? -3.089  8.887   4.963   1.00 12.97 ? 115 LEU A N   1 
ATOM   922  C  CA  . LEU A 1 116 ? -3.850  9.779   4.099   1.00 14.43 ? 115 LEU A CA  1 
ATOM   923  C  C   . LEU A 1 116 ? -4.787  10.647  4.935   1.00 15.81 ? 115 LEU A C   1 
ATOM   924  O  O   . LEU A 1 116 ? -4.994  11.821  4.621   1.00 14.94 ? 115 LEU A O   1 
ATOM   925  C  CB  . LEU A 1 116 ? -4.622  8.976   3.043   1.00 14.23 ? 115 LEU A CB  1 
ATOM   926  C  CG  . LEU A 1 116 ? -3.876  8.740   1.721   1.00 18.89 ? 115 LEU A CG  1 
ATOM   927  C  CD1 . LEU A 1 116 ? -2.451  8.267   1.971   1.00 22.21 ? 115 LEU A CD1 1 
ATOM   928  C  CD2 . LEU A 1 116 ? -4.653  7.718   0.895   1.00 19.99 ? 115 LEU A CD2 1 
ATOM   929  N  N   . HIS A 1 117 ? -5.337  10.083  6.006   1.00 14.52 ? 116 HIS A N   1 
ATOM   930  C  CA  . HIS A 1 117 ? -6.225  10.845  6.879   1.00 17.34 ? 116 HIS A CA  1 
ATOM   931  C  C   . HIS A 1 117 ? -5.428  11.886  7.661   1.00 18.52 ? 116 HIS A C   1 
ATOM   932  O  O   . HIS A 1 117 ? -5.878  13.020  7.843   1.00 21.02 ? 116 HIS A O   1 
ATOM   933  C  CB  . HIS A 1 117 ? -6.932  9.927   7.874   1.00 19.27 ? 116 HIS A CB  1 
ATOM   934  C  CG  . HIS A 1 117 ? -7.689  10.669  8.931   1.00 21.70 ? 116 HIS A CG  1 
ATOM   935  N  ND1 . HIS A 1 117 ? -8.838  11.381  8.664   1.00 22.35 ? 116 HIS A ND1 1 
ATOM   936  C  CD2 . HIS A 1 117 ? -7.434  10.847  10.249  1.00 23.99 ? 116 HIS A CD2 1 
ATOM   937  C  CE1 . HIS A 1 117 ? -9.261  11.962  9.771   1.00 23.89 ? 116 HIS A CE1 1 
ATOM   938  N  NE2 . HIS A 1 117 ? -8.427  11.654  10.749  1.00 27.18 ? 116 HIS A NE2 1 
ATOM   939  N  N   . SER A 1 118 ? -4.245  11.495  8.124   1.00 17.31 ? 117 SER A N   1 
ATOM   940  C  CA  . SER A 1 118 ? -3.394  12.387  8.900   1.00 17.74 ? 117 SER A CA  1 
ATOM   941  C  C   . SER A 1 118 ? -2.869  13.570  8.094   1.00 18.26 ? 117 SER A C   1 
ATOM   942  O  O   . SER A 1 118 ? -2.806  14.694  8.601   1.00 20.24 ? 117 SER A O   1 
ATOM   943  C  CB  . SER A 1 118 ? -2.216  11.602  9.489   1.00 20.07 ? 117 SER A CB  1 
ATOM   944  O  OG  . SER A 1 118 ? -1.311  12.467  10.156  1.00 23.32 ? 117 SER A OG  1 
ATOM   945  N  N   . ARG A 1 119 ? -2.504  13.325  6.839   1.00 16.62 ? 118 ARG A N   1 
ATOM   946  C  CA  . ARG A 1 119 ? -1.966  14.380  5.988   1.00 16.38 ? 118 ARG A CA  1 
ATOM   947  C  C   . ARG A 1 119 ? -3.014  15.174  5.212   1.00 16.61 ? 118 ARG A C   1 
ATOM   948  O  O   . ARG A 1 119 ? -2.747  16.294  4.772   1.00 17.37 ? 118 ARG A O   1 
ATOM   949  C  CB  . ARG A 1 119 ? -0.946  13.787  5.009   1.00 15.35 ? 118 ARG A CB  1 
ATOM   950  C  CG  . ARG A 1 119 ? 0.284   13.199  5.682   1.00 17.21 ? 118 ARG A CG  1 
ATOM   951  C  CD  . ARG A 1 119 ? 1.274   12.629  4.676   1.00 19.10 ? 118 ARG A CD  1 
ATOM   952  N  NE  . ARG A 1 119 ? 1.809   13.652  3.783   1.00 22.93 ? 118 ARG A NE  1 
ATOM   953  C  CZ  . ARG A 1 119 ? 3.107   13.878  3.596   1.00 21.35 ? 118 ARG A CZ  1 
ATOM   954  N  NH1 . ARG A 1 119 ? 4.016   13.160  4.238   1.00 22.70 ? 118 ARG A NH1 1 
ATOM   955  N  NH2 . ARG A 1 119 ? 3.496   14.826  2.756   1.00 21.61 ? 118 ARG A NH2 1 
ATOM   956  N  N   . HIS A 1 120 ? -4.204  14.605  5.046   1.00 15.92 ? 119 HIS A N   1 
ATOM   957  C  CA  . HIS A 1 120 ? -5.264  15.277  4.297   1.00 16.99 ? 119 HIS A CA  1 
ATOM   958  C  C   . HIS A 1 120 ? -6.612  15.198  5.015   1.00 17.91 ? 119 HIS A C   1 
ATOM   959  O  O   . HIS A 1 120 ? -7.615  14.802  4.425   1.00 18.67 ? 119 HIS A O   1 
ATOM   960  C  CB  . HIS A 1 120 ? -5.361  14.646  2.904   1.00 16.14 ? 119 HIS A CB  1 
ATOM   961  C  CG  . HIS A 1 120 ? -4.038  14.527  2.210   1.00 16.01 ? 119 HIS A CG  1 
ATOM   962  N  ND1 . HIS A 1 120 ? -3.349  15.619  1.733   1.00 15.47 ? 119 HIS A ND1 1 
ATOM   963  C  CD2 . HIS A 1 120 ? -3.249  13.453  1.967   1.00 16.90 ? 119 HIS A CD2 1 
ATOM   964  C  CE1 . HIS A 1 120 ? -2.194  15.228  1.226   1.00 16.09 ? 119 HIS A CE1 1 
ATOM   965  N  NE2 . HIS A 1 120 ? -2.109  13.916  1.356   1.00 16.89 ? 119 HIS A NE2 1 
ATOM   966  N  N   . PRO A 1 121 ? -6.656  15.609  6.294   1.00 18.70 ? 120 PRO A N   1 
ATOM   967  C  CA  . PRO A 1 121 ? -7.889  15.571  7.091   1.00 19.46 ? 120 PRO A CA  1 
ATOM   968  C  C   . PRO A 1 121 ? -9.035  16.426  6.563   1.00 20.29 ? 120 PRO A C   1 
ATOM   969  O  O   . PRO A 1 121 ? -10.202 16.081  6.736   1.00 21.36 ? 120 PRO A O   1 
ATOM   970  C  CB  . PRO A 1 121 ? -7.419  16.022  8.474   1.00 21.33 ? 120 PRO A CB  1 
ATOM   971  C  CG  . PRO A 1 121 ? -6.320  16.975  8.151   1.00 20.27 ? 120 PRO A CG  1 
ATOM   972  C  CD  . PRO A 1 121 ? -5.566  16.251  7.051   1.00 19.57 ? 120 PRO A CD  1 
ATOM   973  N  N   . GLY A 1 122 ? -8.704  17.534  5.913   1.00 20.81 ? 121 GLY A N   1 
ATOM   974  C  CA  . GLY A 1 122 ? -9.742  18.406  5.392   1.00 20.70 ? 121 GLY A CA  1 
ATOM   975  C  C   . GLY A 1 122 ? -10.526 17.841  4.225   1.00 20.45 ? 121 GLY A C   1 
ATOM   976  O  O   . GLY A 1 122 ? -11.646 18.275  3.963   1.00 22.14 ? 121 GLY A O   1 
ATOM   977  N  N   . ASP A 1 123 ? -9.954  16.870  3.525   1.00 19.05 ? 122 ASP A N   1 
ATOM   978  C  CA  . ASP A 1 123 ? -10.633 16.291  2.371   1.00 18.78 ? 122 ASP A CA  1 
ATOM   979  C  C   . ASP A 1 123 ? -10.787 14.769  2.362   1.00 19.08 ? 122 ASP A C   1 
ATOM   980  O  O   . ASP A 1 123 ? -11.663 14.245  1.674   1.00 19.40 ? 122 ASP A O   1 
ATOM   981  C  CB  . ASP A 1 123 ? -9.942  16.759  1.090   1.00 20.79 ? 122 ASP A CB  1 
ATOM   982  C  CG  . ASP A 1 123 ? -8.442  16.560  1.132   1.00 20.67 ? 122 ASP A CG  1 
ATOM   983  O  OD1 . ASP A 1 123 ? -7.982  15.456  0.778   1.00 21.12 ? 122 ASP A OD1 1 
ATOM   984  O  OD2 . ASP A 1 123 ? -7.722  17.507  1.527   1.00 24.29 ? 122 ASP A OD2 1 
ATOM   985  N  N   . PHE A 1 124 ? -9.957  14.063  3.126   1.00 16.62 ? 123 PHE A N   1 
ATOM   986  C  CA  . PHE A 1 124 ? -10.031 12.603  3.184   1.00 15.88 ? 123 PHE A CA  1 
ATOM   987  C  C   . PHE A 1 124 ? -10.937 12.207  4.350   1.00 16.85 ? 123 PHE A C   1 
ATOM   988  O  O   . PHE A 1 124 ? -10.469 11.750  5.395   1.00 17.66 ? 123 PHE A O   1 
ATOM   989  C  CB  . PHE A 1 124 ? -8.621  12.022  3.368   1.00 15.76 ? 123 PHE A CB  1 
ATOM   990  C  CG  . PHE A 1 124 ? -8.533  10.531  3.155   1.00 15.13 ? 123 PHE A CG  1 
ATOM   991  C  CD1 . PHE A 1 124 ? -8.764  9.979   1.895   1.00 14.34 ? 123 PHE A CD1 1 
ATOM   992  C  CD2 . PHE A 1 124 ? -8.196  9.683   4.203   1.00 16.35 ? 123 PHE A CD2 1 
ATOM   993  C  CE1 . PHE A 1 124 ? -8.656  8.597   1.687   1.00 16.08 ? 123 PHE A CE1 1 
ATOM   994  C  CE2 . PHE A 1 124 ? -8.086  8.300   4.005   1.00 17.73 ? 123 PHE A CE2 1 
ATOM   995  C  CZ  . PHE A 1 124 ? -8.317  7.760   2.746   1.00 15.77 ? 123 PHE A CZ  1 
ATOM   996  N  N   . GLY A 1 125 ? -12.241 12.398  4.160   1.00 15.86 ? 124 GLY A N   1 
ATOM   997  C  CA  . GLY A 1 125 ? -13.213 12.079  5.190   1.00 16.55 ? 124 GLY A CA  1 
ATOM   998  C  C   . GLY A 1 125 ? -13.745 10.658  5.155   1.00 16.57 ? 124 GLY A C   1 
ATOM   999  O  O   . GLY A 1 125 ? -13.123 9.769   4.576   1.00 15.88 ? 124 GLY A O   1 
ATOM   1000 N  N   . ALA A 1 126 ? -14.907 10.447  5.769   1.00 15.53 ? 125 ALA A N   1 
ATOM   1001 C  CA  . ALA A 1 126 ? -15.526 9.126   5.828   1.00 15.38 ? 125 ALA A CA  1 
ATOM   1002 C  C   . ALA A 1 126 ? -15.789 8.531   4.448   1.00 14.93 ? 125 ALA A C   1 
ATOM   1003 O  O   . ALA A 1 126 ? -15.562 7.340   4.231   1.00 15.84 ? 125 ALA A O   1 
ATOM   1004 C  CB  . ALA A 1 126 ? -16.832 9.201   6.613   1.00 17.33 ? 125 ALA A CB  1 
ATOM   1005 N  N   . ASP A 1 127 ? -16.268 9.356   3.520   1.00 16.27 ? 126 ASP A N   1 
ATOM   1006 C  CA  . ASP A 1 127 ? -16.568 8.879   2.169   1.00 15.64 ? 126 ASP A CA  1 
ATOM   1007 C  C   . ASP A 1 127 ? -15.307 8.422   1.444   1.00 14.56 ? 126 ASP A C   1 
ATOM   1008 O  O   . ASP A 1 127 ? -15.268 7.334   0.876   1.00 15.17 ? 126 ASP A O   1 
ATOM   1009 C  CB  . ASP A 1 127 ? -17.263 9.977   1.355   1.00 15.79 ? 126 ASP A CB  1 
ATOM   1010 C  CG  . ASP A 1 127 ? -18.661 10.293  1.863   1.00 17.62 ? 126 ASP A CG  1 
ATOM   1011 O  OD1 . ASP A 1 127 ? -19.039 9.794   2.942   1.00 16.13 ? 126 ASP A OD1 1 
ATOM   1012 O  OD2 . ASP A 1 127 ? -19.373 11.047  1.173   1.00 18.45 ? 126 ASP A OD2 1 
ATOM   1013 N  N   . ALA A 1 128 ? -14.276 9.256   1.471   1.00 14.17 ? 127 ALA A N   1 
ATOM   1014 C  CA  . ALA A 1 128 ? -13.013 8.923   0.814   1.00 13.85 ? 127 ALA A CA  1 
ATOM   1015 C  C   . ALA A 1 128 ? -12.319 7.748   1.496   1.00 15.53 ? 127 ALA A C   1 
ATOM   1016 O  O   . ALA A 1 128 ? -11.722 6.899   0.826   1.00 14.65 ? 127 ALA A O   1 
ATOM   1017 C  CB  . ALA A 1 128 ? -12.099 10.136  0.803   1.00 14.46 ? 127 ALA A CB  1 
ATOM   1018 N  N   . GLN A 1 129 ? -12.386 7.695   2.822   1.00 14.72 ? 128 GLN A N   1 
ATOM   1019 C  CA  . GLN A 1 129 ? -11.769 6.590   3.552   1.00 15.30 ? 128 GLN A CA  1 
ATOM   1020 C  C   . GLN A 1 129 ? -12.483 5.293   3.197   1.00 15.46 ? 128 GLN A C   1 
ATOM   1021 O  O   . GLN A 1 129 ? -11.844 4.259   2.998   1.00 14.98 ? 128 GLN A O   1 
ATOM   1022 C  CB  . GLN A 1 129 ? -11.847 6.827   5.059   1.00 16.62 ? 128 GLN A CB  1 
ATOM   1023 C  CG  . GLN A 1 129 ? -11.065 8.043   5.511   1.00 21.10 ? 128 GLN A CG  1 
ATOM   1024 C  CD  . GLN A 1 129 ? -11.278 8.378   6.973   1.00 23.59 ? 128 GLN A CD  1 
ATOM   1025 O  OE1 . GLN A 1 129 ? -11.080 9.523   7.390   1.00 25.02 ? 128 GLN A OE1 1 
ATOM   1026 N  NE2 . GLN A 1 129 ? -11.674 7.387   7.761   1.00 24.73 ? 128 GLN A NE2 1 
ATOM   1027 N  N   . GLY A 1 130 ? -13.812 5.350   3.127   1.00 15.22 ? 129 GLY A N   1 
ATOM   1028 C  CA  . GLY A 1 130 ? -14.571 4.163   2.783   1.00 15.49 ? 129 GLY A CA  1 
ATOM   1029 C  C   . GLY A 1 130 ? -14.272 3.705   1.367   1.00 13.29 ? 129 GLY A C   1 
ATOM   1030 O  O   . GLY A 1 130 ? -14.191 2.502   1.098   1.00 15.60 ? 129 GLY A O   1 
ATOM   1031 N  N   . ALA A 1 131 ? -14.107 4.661   0.458   1.00 13.85 ? 130 ALA A N   1 
ATOM   1032 C  CA  . ALA A 1 131 ? -13.809 4.335   -0.927  1.00 13.28 ? 130 ALA A CA  1 
ATOM   1033 C  C   . ALA A 1 131 ? -12.415 3.724   -1.027  1.00 12.88 ? 130 ALA A C   1 
ATOM   1034 O  O   . ALA A 1 131 ? -12.219 2.714   -1.701  1.00 12.90 ? 130 ALA A O   1 
ATOM   1035 C  CB  . ALA A 1 131 ? -13.903 5.583   -1.787  1.00 13.93 ? 130 ALA A CB  1 
ATOM   1036 N  N   . MET A 1 132 ? -11.447 4.334   -0.349  1.00 13.60 ? 131 MET A N   1 
ATOM   1037 C  CA  . MET A 1 132 ? -10.085 3.816   -0.379  1.00 13.86 ? 131 MET A CA  1 
ATOM   1038 C  C   . MET A 1 132 ? -10.045 2.430   0.263   1.00 13.75 ? 131 MET A C   1 
ATOM   1039 O  O   . MET A 1 132 ? -9.316  1.546   -0.197  1.00 13.55 ? 131 MET A O   1 
ATOM   1040 C  CB  . MET A 1 132 ? -9.124  4.764   0.340   1.00 12.77 ? 131 MET A CB  1 
ATOM   1041 C  CG  . MET A 1 132 ? -7.662  4.324   0.286   1.00 13.91 ? 131 MET A CG  1 
ATOM   1042 S  SD  . MET A 1 132 ? -6.980  4.197   -1.381  1.00 15.12 ? 131 MET A SD  1 
ATOM   1043 C  CE  . MET A 1 132 ? -6.766  5.954   -1.770  1.00 14.33 ? 131 MET A CE  1 
ATOM   1044 N  N   . ASN A 1 133 ? -10.829 2.233   1.322   1.00 14.11 ? 132 ASN A N   1 
ATOM   1045 C  CA  . ASN A 1 133 ? -10.881 0.934   1.988   1.00 14.71 ? 132 ASN A CA  1 
ATOM   1046 C  C   . ASN A 1 133 ? -11.367 -0.130  0.998   1.00 14.48 ? 132 ASN A C   1 
ATOM   1047 O  O   . ASN A 1 133 ? -10.791 -1.217  0.913   1.00 14.40 ? 132 ASN A O   1 
ATOM   1048 C  CB  . ASN A 1 133 ? -11.822 0.993   3.197   1.00 17.83 ? 132 ASN A CB  1 
ATOM   1049 C  CG  . ASN A 1 133 ? -12.012 -0.361  3.858   1.00 22.97 ? 132 ASN A CG  1 
ATOM   1050 O  OD1 . ASN A 1 133 ? -11.042 -1.042  4.194   1.00 28.80 ? 132 ASN A OD1 1 
ATOM   1051 N  ND2 . ASN A 1 133 ? -13.264 -0.754  4.055   1.00 27.60 ? 132 ASN A ND2 1 
ATOM   1052 N  N   . LYS A 1 134 ? -12.421 0.187   0.252   1.00 14.78 ? 133 LYS A N   1 
ATOM   1053 C  CA  . LYS A 1 134 ? -12.966 -0.738  -0.739  1.00 15.97 ? 133 LYS A CA  1 
ATOM   1054 C  C   . LYS A 1 134 ? -11.938 -1.015  -1.836  1.00 13.82 ? 133 LYS A C   1 
ATOM   1055 O  O   . LYS A 1 134 ? -11.752 -2.156  -2.247  1.00 15.29 ? 133 LYS A O   1 
ATOM   1056 C  CB  . LYS A 1 134 ? -14.239 -0.163  -1.376  1.00 17.80 ? 133 LYS A CB  1 
ATOM   1057 C  CG  . LYS A 1 134 ? -15.402 0.038   -0.419  1.00 20.94 ? 133 LYS A CG  1 
ATOM   1058 C  CD  . LYS A 1 134 ? -16.590 0.653   -1.146  1.00 24.34 ? 133 LYS A CD  1 
ATOM   1059 C  CE  . LYS A 1 134 ? -17.756 0.887   -0.203  1.00 28.78 ? 133 LYS A CE  1 
ATOM   1060 N  NZ  . LYS A 1 134 ? -18.932 1.457   -0.920  1.00 30.79 ? 133 LYS A NZ  1 
ATOM   1061 N  N   . ALA A 1 135 ? -11.268 0.033   -2.303  1.00 14.68 ? 134 ALA A N   1 
ATOM   1062 C  CA  . ALA A 1 135 ? -10.272 -0.118  -3.362  1.00 13.68 ? 134 ALA A CA  1 
ATOM   1063 C  C   . ALA A 1 135 ? -9.129  -1.029  -2.927  1.00 14.18 ? 134 ALA A C   1 
ATOM   1064 O  O   . ALA A 1 135 ? -8.694  -1.896  -3.682  1.00 13.69 ? 134 ALA A O   1 
ATOM   1065 C  CB  . ALA A 1 135 ? -9.729  1.244   -3.770  1.00 14.60 ? 134 ALA A CB  1 
ATOM   1066 N  N   . LEU A 1 136 ? -8.647  -0.835  -1.704  1.00 14.02 ? 135 LEU A N   1 
ATOM   1067 C  CA  . LEU A 1 136 ? -7.561  -1.668  -1.208  1.00 12.70 ? 135 LEU A CA  1 
ATOM   1068 C  C   . LEU A 1 136 ? -8.061  -3.080  -0.927  1.00 14.60 ? 135 LEU A C   1 
ATOM   1069 O  O   . LEU A 1 136 ? -7.314  -4.043  -1.071  1.00 13.86 ? 135 LEU A O   1 
ATOM   1070 C  CB  . LEU A 1 136 ? -6.930  -1.041  0.040   1.00 14.06 ? 135 LEU A CB  1 
ATOM   1071 C  CG  . LEU A 1 136 ? -6.262  0.316   -0.238  1.00 13.52 ? 135 LEU A CG  1 
ATOM   1072 C  CD1 . LEU A 1 136 ? -5.776  0.935   1.069   1.00 14.01 ? 135 LEU A CD1 1 
ATOM   1073 C  CD2 . LEU A 1 136 ? -5.101  0.120   -1.209  1.00 17.13 ? 135 LEU A CD2 1 
ATOM   1074 N  N   . GLU A 1 137 ? -9.329  -3.211  -0.537  1.00 14.26 ? 136 GLU A N   1 
ATOM   1075 C  CA  . GLU A 1 137 ? -9.878  -4.539  -0.276  1.00 16.52 ? 136 GLU A CA  1 
ATOM   1076 C  C   . GLU A 1 137 ? -9.951  -5.316  -1.586  1.00 15.36 ? 136 GLU A C   1 
ATOM   1077 O  O   . GLU A 1 137 ? -9.666  -6.516  -1.621  1.00 15.92 ? 136 GLU A O   1 
ATOM   1078 C  CB  . GLU A 1 137 ? -11.273 -4.458  0.341   1.00 17.09 ? 136 GLU A CB  1 
ATOM   1079 C  CG  . GLU A 1 137 ? -11.818 -5.818  0.764   1.00 21.71 ? 136 GLU A CG  1 
ATOM   1080 C  CD  . GLU A 1 137 ? -13.190 -5.734  1.408   1.00 26.61 ? 136 GLU A CD  1 
ATOM   1081 O  OE1 . GLU A 1 137 ? -13.365 -4.917  2.335   1.00 26.81 ? 136 GLU A OE1 1 
ATOM   1082 O  OE2 . GLU A 1 137 ? -14.091 -6.494  0.991   1.00 29.77 ? 136 GLU A OE2 1 
ATOM   1083 N  N   . LEU A 1 138 ? -10.338 -4.633  -2.660  1.00 16.23 ? 137 LEU A N   1 
ATOM   1084 C  CA  . LEU A 1 138 ? -10.425 -5.261  -3.979  1.00 15.99 ? 137 LEU A CA  1 
ATOM   1085 C  C   . LEU A 1 138 ? -9.025  -5.713  -4.377  1.00 16.22 ? 137 LEU A C   1 
ATOM   1086 O  O   . LEU A 1 138 ? -8.817  -6.829  -4.861  1.00 16.53 ? 137 LEU A O   1 
ATOM   1087 C  CB  . LEU A 1 138 ? -10.965 -4.260  -5.003  1.00 18.43 ? 137 LEU A CB  1 
ATOM   1088 C  CG  . LEU A 1 138 ? -11.065 -4.736  -6.450  1.00 20.07 ? 137 LEU A CG  1 
ATOM   1089 C  CD1 . LEU A 1 138 ? -11.997 -5.938  -6.529  1.00 22.40 ? 137 LEU A CD1 1 
ATOM   1090 C  CD2 . LEU A 1 138 ? -11.579 -3.595  -7.318  1.00 21.07 ? 137 LEU A CD2 1 
ATOM   1091 N  N   . PHE A 1 139 ? -8.067  -4.816  -4.170  1.00 15.64 ? 138 PHE A N   1 
ATOM   1092 C  CA  . PHE A 1 139 ? -6.657  -5.050  -4.448  1.00 16.67 ? 138 PHE A CA  1 
ATOM   1093 C  C   . PHE A 1 139 ? -6.202  -6.326  -3.736  1.00 16.62 ? 138 PHE A C   1 
ATOM   1094 O  O   . PHE A 1 139 ? -5.625  -7.224  -4.354  1.00 16.00 ? 138 PHE A O   1 
ATOM   1095 C  CB  . PHE A 1 139 ? -5.866  -3.828  -3.952  1.00 16.32 ? 138 PHE A CB  1 
ATOM   1096 C  CG  . PHE A 1 139 ? -4.375  -4.026  -3.886  1.00 17.48 ? 138 PHE A CG  1 
ATOM   1097 C  CD1 . PHE A 1 139 ? -3.618  -4.176  -5.043  1.00 21.42 ? 138 PHE A CD1 1 
ATOM   1098 C  CD2 . PHE A 1 139 ? -3.718  -3.994  -2.656  1.00 19.65 ? 138 PHE A CD2 1 
ATOM   1099 C  CE1 . PHE A 1 139 ? -2.225  -4.280  -4.977  1.00 22.77 ? 138 PHE A CE1 1 
ATOM   1100 C  CE2 . PHE A 1 139 ? -2.330  -4.098  -2.579  1.00 21.59 ? 138 PHE A CE2 1 
ATOM   1101 C  CZ  . PHE A 1 139 ? -1.582  -4.241  -3.740  1.00 23.23 ? 138 PHE A CZ  1 
ATOM   1102 N  N   . ARG A 1 140 ? -6.477  -6.416  -2.437  1.00 16.57 ? 139 ARG A N   1 
ATOM   1103 C  CA  . ARG A 1 140 ? -6.076  -7.590  -1.669  1.00 15.84 ? 139 ARG A CA  1 
ATOM   1104 C  C   . ARG A 1 140 ? -6.814  -8.856  -2.100  1.00 17.88 ? 139 ARG A C   1 
ATOM   1105 O  O   . ARG A 1 140 ? -6.222  -9.935  -2.158  1.00 19.01 ? 139 ARG A O   1 
ATOM   1106 C  CB  . ARG A 1 140 ? -6.292  -7.350  -0.175  1.00 14.27 ? 139 ARG A CB  1 
ATOM   1107 C  CG  . ARG A 1 140 ? -5.465  -6.211  0.406   1.00 14.60 ? 139 ARG A CG  1 
ATOM   1108 C  CD  . ARG A 1 140 ? -5.476  -6.289  1.917   1.00 13.78 ? 139 ARG A CD  1 
ATOM   1109 N  NE  . ARG A 1 140 ? -6.842  -6.304  2.442   1.00 14.88 ? 139 ARG A NE  1 
ATOM   1110 C  CZ  . ARG A 1 140 ? -7.573  -5.216  2.666   1.00 15.77 ? 139 ARG A CZ  1 
ATOM   1111 N  NH1 . ARG A 1 140 ? -7.075  -4.011  2.424   1.00 16.15 ? 139 ARG A NH1 1 
ATOM   1112 N  NH2 . ARG A 1 140 ? -8.814  -5.339  3.115   1.00 16.96 ? 139 ARG A NH2 1 
ATOM   1113 N  N   . LYS A 1 141 ? -8.104  -8.723  -2.398  1.00 19.47 ? 140 LYS A N   1 
ATOM   1114 C  CA  . LYS A 1 141 ? -8.909  -9.864  -2.828  1.00 21.36 ? 140 LYS A CA  1 
ATOM   1115 C  C   . LYS A 1 141 ? -8.337  -10.446 -4.111  1.00 20.24 ? 140 LYS A C   1 
ATOM   1116 O  O   . LYS A 1 141 ? -8.177  -11.662 -4.238  1.00 19.43 ? 140 LYS A O   1 
ATOM   1117 C  CB  . LYS A 1 141 ? -10.361 -9.433  -3.055  1.00 23.43 ? 140 LYS A CB  1 
ATOM   1118 C  CG  . LYS A 1 141 ? -11.273 -10.529 -3.588  1.00 29.28 ? 140 LYS A CG  1 
ATOM   1119 C  CD  . LYS A 1 141 ? -12.701 -10.019 -3.752  1.00 32.53 ? 140 LYS A CD  1 
ATOM   1120 C  CE  . LYS A 1 141 ? -13.629 -11.096 -4.296  1.00 35.26 ? 140 LYS A CE  1 
ATOM   1121 N  NZ  . LYS A 1 141 ? -13.262 -11.508 -5.681  1.00 37.29 ? 140 LYS A NZ  1 
ATOM   1122 N  N   . ASP A 1 142 ? -8.026  -9.574  -5.065  1.00 19.64 ? 141 ASP A N   1 
ATOM   1123 C  CA  . ASP A 1 142 ? -7.474  -10.032 -6.331  1.00 19.44 ? 141 ASP A CA  1 
ATOM   1124 C  C   . ASP A 1 142 ? -6.074  -10.626 -6.170  1.00 19.69 ? 141 ASP A C   1 
ATOM   1125 O  O   . ASP A 1 142 ? -5.724  -11.567 -6.882  1.00 20.83 ? 141 ASP A O   1 
ATOM   1126 C  CB  . ASP A 1 142 ? -7.477  -8.894  -7.358  1.00 21.82 ? 141 ASP A CB  1 
ATOM   1127 C  CG  . ASP A 1 142 ? -8.879  -8.554  -7.844  1.00 22.02 ? 141 ASP A CG  1 
ATOM   1128 O  OD1 . ASP A 1 142 ? -9.823  -9.318  -7.540  1.00 22.54 ? 141 ASP A OD1 1 
ATOM   1129 O  OD2 . ASP A 1 142 ? -9.042  -7.532  -8.546  1.00 23.40 ? 141 ASP A OD2 1 
ATOM   1130 N  N   . ILE A 1 143 ? -5.270  -10.090 -5.253  1.00 19.33 ? 142 ILE A N   1 
ATOM   1131 C  CA  . ILE A 1 143 ? -3.938  -10.647 -5.026  1.00 19.65 ? 142 ILE A CA  1 
ATOM   1132 C  C   . ILE A 1 143 ? -4.099  -12.032 -4.402  1.00 20.30 ? 142 ILE A C   1 
ATOM   1133 O  O   . ILE A 1 143 ? -3.411  -12.978 -4.788  1.00 19.90 ? 142 ILE A O   1 
ATOM   1134 C  CB  . ILE A 1 143 ? -3.093  -9.771  -4.065  1.00 19.33 ? 142 ILE A CB  1 
ATOM   1135 C  CG1 . ILE A 1 143 ? -2.697  -8.469  -4.763  1.00 19.70 ? 142 ILE A CG1 1 
ATOM   1136 C  CG2 . ILE A 1 143 ? -1.845  -10.529 -3.619  1.00 19.04 ? 142 ILE A CG2 1 
ATOM   1137 C  CD1 . ILE A 1 143 ? -1.937  -7.514  -3.870  1.00 22.47 ? 142 ILE A CD1 1 
ATOM   1138 N  N   . ALA A 1 144 ? -5.018  -12.142 -3.447  1.00 19.33 ? 143 ALA A N   1 
ATOM   1139 C  CA  . ALA A 1 144 ? -5.291  -13.405 -2.764  1.00 21.43 ? 143 ALA A CA  1 
ATOM   1140 C  C   . ALA A 1 144 ? -5.716  -14.466 -3.767  1.00 21.56 ? 143 ALA A C   1 
ATOM   1141 O  O   . ALA A 1 144 ? -5.362  -15.638 -3.631  1.00 22.95 ? 143 ALA A O   1 
ATOM   1142 C  CB  . ALA A 1 144 ? -6.379  -13.212 -1.722  1.00 20.51 ? 143 ALA A CB  1 
ATOM   1143 N  N   . ALA A 1 145 ? -6.486  -14.050 -4.769  1.00 21.41 ? 144 ALA A N   1 
ATOM   1144 C  CA  . ALA A 1 145 ? -6.952  -14.967 -5.801  1.00 21.71 ? 144 ALA A CA  1 
ATOM   1145 C  C   . ALA A 1 145 ? -5.764  -15.505 -6.588  1.00 21.98 ? 144 ALA A C   1 
ATOM   1146 O  O   . ALA A 1 145 ? -5.705  -16.696 -6.894  1.00 23.33 ? 144 ALA A O   1 
ATOM   1147 C  CB  . ALA A 1 145 ? -7.926  -14.257 -6.729  1.00 22.24 ? 144 ALA A CB  1 
ATOM   1148 N  N   . LYS A 1 146 ? -4.822  -14.626 -6.924  1.00 22.59 ? 145 LYS A N   1 
ATOM   1149 C  CA  . LYS A 1 146 ? -3.629  -15.032 -7.663  1.00 22.81 ? 145 LYS A CA  1 
ATOM   1150 C  C   . LYS A 1 146 ? -2.769  -15.933 -6.780  1.00 23.94 ? 145 LYS A C   1 
ATOM   1151 O  O   . LYS A 1 146 ? -2.160  -16.893 -7.257  1.00 23.52 ? 145 LYS A O   1 
ATOM   1152 C  CB  . LYS A 1 146 ? -2.819  -13.806 -8.093  1.00 23.72 ? 145 LYS A CB  1 
ATOM   1153 C  CG  . LYS A 1 146 ? -3.467  -12.965 -9.187  1.00 26.97 ? 145 LYS A CG  1 
ATOM   1154 C  CD  . LYS A 1 146 ? -3.512  -13.716 -10.509 1.00 29.52 ? 145 LYS A CD  1 
ATOM   1155 C  CE  . LYS A 1 146 ? -4.065  -12.840 -11.621 1.00 30.39 ? 145 LYS A CE  1 
ATOM   1156 N  NZ  . LYS A 1 146 ? -4.077  -13.553 -12.926 1.00 31.52 ? 145 LYS A NZ  1 
ATOM   1157 N  N   . TYR A 1 147 ? -2.709  -15.606 -5.491  1.00 23.79 ? 146 TYR A N   1 
ATOM   1158 C  CA  . TYR A 1 147 ? -1.941  -16.396 -4.534  1.00 23.48 ? 146 TYR A CA  1 
ATOM   1159 C  C   . TYR A 1 147 ? -2.464  -17.832 -4.563  1.00 23.15 ? 146 TYR A C   1 
ATOM   1160 O  O   . TYR A 1 147 ? -1.705  -18.786 -4.759  1.00 22.93 ? 146 TYR A O   1 
ATOM   1161 C  CB  . TYR A 1 147 ? -2.118  -15.836 -3.117  1.00 22.68 ? 146 TYR A CB  1 
ATOM   1162 C  CG  . TYR A 1 147 ? -1.181  -14.708 -2.711  1.00 22.46 ? 146 TYR A CG  1 
ATOM   1163 C  CD1 . TYR A 1 147 ? -0.392  -14.033 -3.644  1.00 21.42 ? 146 TYR A CD1 1 
ATOM   1164 C  CD2 . TYR A 1 147 ? -1.101  -14.312 -1.376  1.00 22.73 ? 146 TYR A CD2 1 
ATOM   1165 C  CE1 . TYR A 1 147 ? 0.459   -12.988 -3.250  1.00 21.82 ? 146 TYR A CE1 1 
ATOM   1166 C  CE2 . TYR A 1 147 ? -0.261  -13.275 -0.974  1.00 23.39 ? 146 TYR A CE2 1 
ATOM   1167 C  CZ  . TYR A 1 147 ? 0.513   -12.619 -1.912  1.00 21.92 ? 146 TYR A CZ  1 
ATOM   1168 O  OH  . TYR A 1 147 ? 1.333   -11.594 -1.496  1.00 26.20 ? 146 TYR A OH  1 
ATOM   1169 N  N   . LYS A 1 148 ? -3.770  -17.970 -4.359  1.00 23.21 ? 147 LYS A N   1 
ATOM   1170 C  CA  . LYS A 1 148 ? -4.417  -19.280 -4.347  1.00 25.67 ? 147 LYS A CA  1 
ATOM   1171 C  C   . LYS A 1 148 ? -4.143  -20.067 -5.619  1.00 25.49 ? 147 LYS A C   1 
ATOM   1172 O  O   . LYS A 1 148 ? -3.886  -21.272 -5.570  1.00 25.79 ? 147 LYS A O   1 
ATOM   1173 C  CB  . LYS A 1 148 ? -5.927  -19.123 -4.161  1.00 26.93 ? 147 LYS A CB  1 
ATOM   1174 C  CG  . LYS A 1 148 ? -6.341  -18.577 -2.806  1.00 31.61 ? 147 LYS A CG  1 
ATOM   1175 C  CD  . LYS A 1 148 ? -5.817  -19.448 -1.679  1.00 35.09 ? 147 LYS A CD  1 
ATOM   1176 C  CE  . LYS A 1 148 ? -6.527  -19.146 -0.374  1.00 36.90 ? 147 LYS A CE  1 
ATOM   1177 N  NZ  . LYS A 1 148 ? -5.944  -19.916 0.759   1.00 39.02 ? 147 LYS A NZ  1 
ATOM   1178 N  N   . GLU A 1 149 ? -4.207  -19.386 -6.758  1.00 27.00 ? 148 GLU A N   1 
ATOM   1179 C  CA  . GLU A 1 149 ? -3.961  -20.018 -8.049  1.00 28.76 ? 148 GLU A CA  1 
ATOM   1180 C  C   . GLU A 1 149 ? -2.571  -20.646 -8.082  1.00 28.18 ? 148 GLU A C   1 
ATOM   1181 O  O   . GLU A 1 149 ? -2.373  -21.703 -8.683  1.00 28.61 ? 148 GLU A O   1 
ATOM   1182 C  CB  . GLU A 1 149 ? -4.083  -18.983 -9.171  1.00 31.61 ? 148 GLU A CB  1 
ATOM   1183 C  CG  . GLU A 1 149 ? -3.702  -19.507 -10.548 1.00 36.27 ? 148 GLU A CG  1 
ATOM   1184 C  CD  . GLU A 1 149 ? -3.819  -18.450 -11.628 1.00 39.43 ? 148 GLU A CD  1 
ATOM   1185 O  OE1 . GLU A 1 149 ? -3.143  -17.404 -11.520 1.00 41.29 ? 148 GLU A OE1 1 
ATOM   1186 O  OE2 . GLU A 1 149 ? -4.587  -18.664 -12.589 1.00 41.90 ? 148 GLU A OE2 1 
ATOM   1187 N  N   . LEU A 1 150 ? -1.616  -19.986 -7.434  1.00 26.83 ? 149 LEU A N   1 
ATOM   1188 C  CA  . LEU A 1 150 ? -0.238  -20.463 -7.387  1.00 26.70 ? 149 LEU A CA  1 
ATOM   1189 C  C   . LEU A 1 150 ? -0.020  -21.444 -6.241  1.00 25.81 ? 149 LEU A C   1 
ATOM   1190 O  O   . LEU A 1 150 ? 1.051   -22.045 -6.121  1.00 25.71 ? 149 LEU A O   1 
ATOM   1191 C  CB  . LEU A 1 150 ? 0.723   -19.283 -7.221  1.00 28.83 ? 149 LEU A CB  1 
ATOM   1192 C  CG  . LEU A 1 150 ? 0.729   -18.221 -8.321  1.00 31.55 ? 149 LEU A CG  1 
ATOM   1193 C  CD1 . LEU A 1 150 ? 1.660   -17.086 -7.925  1.00 33.34 ? 149 LEU A CD1 1 
ATOM   1194 C  CD2 . LEU A 1 150 ? 1.171   -18.845 -9.633  1.00 33.41 ? 149 LEU A CD2 1 
ATOM   1195 N  N   . GLY A 1 151 ? -1.033  -21.597 -5.394  1.00 25.30 ? 150 GLY A N   1 
ATOM   1196 C  CA  . GLY A 1 151 ? -0.923  -22.505 -4.269  1.00 25.35 ? 150 GLY A CA  1 
ATOM   1197 C  C   . GLY A 1 151 ? -0.301  -21.875 -3.035  1.00 26.07 ? 150 GLY A C   1 
ATOM   1198 O  O   . GLY A 1 151 ? -0.099  -22.553 -2.029  1.00 24.90 ? 150 GLY A O   1 
ATOM   1199 N  N   . TYR A 1 152 ? 0.011   -20.582 -3.109  1.00 26.26 ? 151 TYR A N   1 
ATOM   1200 C  CA  . TYR A 1 152 ? 0.607   -19.868 -1.981  1.00 26.69 ? 151 TYR A CA  1 
ATOM   1201 C  C   . TYR A 1 152 ? -0.479  -19.548 -0.957  1.00 29.08 ? 151 TYR A C   1 
ATOM   1202 O  O   . TYR A 1 152 ? -1.460  -18.876 -1.273  1.00 29.19 ? 151 TYR A O   1 
ATOM   1203 C  CB  . TYR A 1 152 ? 1.268   -18.570 -2.460  1.00 26.59 ? 151 TYR A CB  1 
ATOM   1204 C  CG  . TYR A 1 152 ? 1.885   -17.747 -1.349  1.00 27.53 ? 151 TYR A CG  1 
ATOM   1205 C  CD1 . TYR A 1 152 ? 1.574   -16.394 -1.205  1.00 27.06 ? 151 TYR A CD1 1 
ATOM   1206 C  CD2 . TYR A 1 152 ? 2.772   -18.318 -0.435  1.00 28.28 ? 151 TYR A CD2 1 
ATOM   1207 C  CE1 . TYR A 1 152 ? 2.128   -15.630 -0.178  1.00 27.56 ? 151 TYR A CE1 1 
ATOM   1208 C  CE2 . TYR A 1 152 ? 3.331   -17.562 0.599   1.00 28.76 ? 151 TYR A CE2 1 
ATOM   1209 C  CZ  . TYR A 1 152 ? 3.003   -16.222 0.720   1.00 27.89 ? 151 TYR A CZ  1 
ATOM   1210 O  OH  . TYR A 1 152 ? 3.531   -15.473 1.747   1.00 28.87 ? 151 TYR A OH  1 
ATOM   1211 N  N   . GLN A 1 153 ? -0.298  -20.029 0.268   1.00 30.96 ? 152 GLN A N   1 
ATOM   1212 C  CA  . GLN A 1 153 ? -1.275  -19.811 1.329   1.00 35.59 ? 152 GLN A CA  1 
ATOM   1213 C  C   . GLN A 1 153 ? -0.904  -18.646 2.241   1.00 38.05 ? 152 GLN A C   1 
ATOM   1214 O  O   . GLN A 1 153 ? -1.289  -18.618 3.411   1.00 38.94 ? 152 GLN A O   1 
ATOM   1215 C  CB  . GLN A 1 153 ? -1.424  -21.085 2.164   1.00 36.12 ? 152 GLN A CB  1 
ATOM   1216 C  CG  . GLN A 1 153 ? -1.775  -22.324 1.353   1.00 37.21 ? 152 GLN A CG  1 
ATOM   1217 C  CD  . GLN A 1 153 ? -3.077  -22.171 0.593   1.00 38.38 ? 152 GLN A CD  1 
ATOM   1218 O  OE1 . GLN A 1 153 ? -4.108  -21.830 1.172   1.00 38.49 ? 152 GLN A OE1 1 
ATOM   1219 N  NE2 . GLN A 1 153 ? -3.039  -22.429 -0.710  1.00 38.03 ? 152 GLN A NE2 1 
ATOM   1220 N  N   . GLY A 1 154 ? -0.162  -17.684 1.700   1.00 39.65 ? 153 GLY A N   1 
ATOM   1221 C  CA  . GLY A 1 154 ? 0.249   -16.532 2.483   1.00 42.35 ? 153 GLY A CA  1 
ATOM   1222 C  C   . GLY A 1 154 ? -0.903  -15.783 3.126   1.00 42.42 ? 153 GLY A C   1 
ATOM   1223 O  O   . GLY A 1 154 ? -0.869  -15.584 4.356   1.00 43.40 ? 153 GLY A O   1 
ATOM   1224 O  OXT . GLY A 1 154 ? -1.836  -15.383 2.401   1.00 43.84 ? 153 GLY A OXT 1 
HETATM 1225 P  P   . PO4 B 2 .   ? -13.158 -7.030  -14.417 1.00 88.99 ? 155 PO4 A P   1 
HETATM 1226 O  O1  . PO4 B 2 .   ? -11.720 -6.685  -14.275 1.00 88.79 ? 155 PO4 A O1  1 
HETATM 1227 O  O2  . PO4 B 2 .   ? -13.988 -5.865  -14.021 1.00 88.71 ? 155 PO4 A O2  1 
HETATM 1228 O  O3  . PO4 B 2 .   ? -13.477 -8.187  -13.541 1.00 88.58 ? 155 PO4 A O3  1 
HETATM 1229 O  O4  . PO4 B 2 .   ? -13.445 -7.386  -15.831 1.00 88.74 ? 155 PO4 A O4  1 
HETATM 1230 P  P   . PO4 C 2 .   ? 0.085   10.747  13.375  1.00 44.09 ? 156 PO4 A P   1 
HETATM 1231 O  O1  . PO4 C 2 .   ? 1.138   10.297  12.431  1.00 45.60 ? 156 PO4 A O1  1 
HETATM 1232 O  O2  . PO4 C 2 .   ? 0.720   11.419  14.539  1.00 45.16 ? 156 PO4 A O2  1 
HETATM 1233 O  O3  . PO4 C 2 .   ? -0.692  9.575   13.848  1.00 45.52 ? 156 PO4 A O3  1 
HETATM 1234 O  O4  . PO4 C 2 .   ? -0.824  11.699  12.690  1.00 44.20 ? 156 PO4 A O4  1 
HETATM 1235 P  P   . PO4 D 2 .   ? -4.129  19.036  1.373   1.00 31.98 ? 157 PO4 A P   1 
HETATM 1236 O  O1  . PO4 D 2 .   ? -2.765  18.619  0.962   1.00 35.21 ? 157 PO4 A O1  1 
HETATM 1237 O  O2  . PO4 D 2 .   ? -4.031  20.046  2.457   1.00 35.96 ? 157 PO4 A O2  1 
HETATM 1238 O  O3  . PO4 D 2 .   ? -4.882  17.856  1.863   1.00 30.37 ? 157 PO4 A O3  1 
HETATM 1239 O  O4  . PO4 D 2 .   ? -4.837  19.628  0.208   1.00 34.35 ? 157 PO4 A O4  1 
HETATM 1240 P  P   . PO4 E 2 .   ? -9.483  20.618  -2.645  1.00 55.64 ? 158 PO4 A P   1 
HETATM 1241 O  O1  . PO4 E 2 .   ? -10.296 21.218  -3.735  1.00 54.25 ? 158 PO4 A O1  1 
HETATM 1242 O  O2  . PO4 E 2 .   ? -8.585  19.579  -3.210  1.00 54.59 ? 158 PO4 A O2  1 
HETATM 1243 O  O3  . PO4 E 2 .   ? -10.385 19.999  -1.638  1.00 54.94 ? 158 PO4 A O3  1 
HETATM 1244 O  O4  . PO4 E 2 .   ? -8.668  21.677  -1.995  1.00 55.19 ? 158 PO4 A O4  1 
HETATM 1245 P  P   . PO4 F 2 .   ? 19.353  -1.945  -6.713  1.00 57.22 ? 159 PO4 A P   1 
HETATM 1246 O  O1  . PO4 F 2 .   ? 20.445  -1.051  -7.179  1.00 58.71 ? 159 PO4 A O1  1 
HETATM 1247 O  O2  . PO4 F 2 .   ? 18.632  -1.300  -5.588  1.00 58.20 ? 159 PO4 A O2  1 
HETATM 1248 O  O3  . PO4 F 2 .   ? 19.929  -3.234  -6.260  1.00 57.59 ? 159 PO4 A O3  1 
HETATM 1249 O  O4  . PO4 F 2 .   ? 18.407  -2.194  -7.831  1.00 58.56 ? 159 PO4 A O4  1 
HETATM 1250 P  P   . PO4 G 2 .   ? 11.485  6.054   18.447  1.00 98.12 ? 160 PO4 A P   1 
HETATM 1251 O  O1  . PO4 G 2 .   ? 12.230  4.770   18.426  1.00 98.28 ? 160 PO4 A O1  1 
HETATM 1252 O  O2  . PO4 G 2 .   ? 10.648  6.121   19.673  1.00 98.15 ? 160 PO4 A O2  1 
HETATM 1253 O  O3  . PO4 G 2 .   ? 10.614  6.142   17.248  1.00 98.08 ? 160 PO4 A O3  1 
HETATM 1254 O  O4  . PO4 G 2 .   ? 12.449  7.185   18.444  1.00 98.03 ? 160 PO4 A O4  1 
HETATM 1255 O  OA  . CZM H 3 .   ? 3.725   -3.876  -1.475  1.00 21.56 ? 180 CZM A OA  1 
HETATM 1256 C  CA2 . CZM H 3 .   ? 3.366   -3.193  -2.616  1.00 20.62 ? 180 CZM A CA2 1 
HETATM 1257 C  CA3 . CZM H 3 .   ? 2.087   -2.634  -2.668  1.00 21.31 ? 180 CZM A CA3 1 
HETATM 1258 C  CA4 . CZM H 3 .   ? 1.705   -1.946  -3.814  1.00 22.02 ? 180 CZM A CA4 1 
HETATM 1259 C  CA5 . CZM H 3 .   ? 2.566   -1.811  -4.891  1.00 21.72 ? 180 CZM A CA5 1 
HETATM 1260 C  CA6 . CZM H 3 .   ? 3.832   -2.364  -4.835  1.00 22.42 ? 180 CZM A CA6 1 
HETATM 1261 C  CA1 . CZM H 3 .   ? 4.266   -3.060  -3.721  1.00 20.34 ? 180 CZM A CA1 1 
HETATM 1262 C  CA  . CZM H 3 .   ? 5.579   -3.638  -3.698  1.00 21.06 ? 180 CZM A CA  1 
HETATM 1263 N  NA  . CZM H 3 .   ? 6.061   -4.399  -2.771  1.00 20.44 ? 180 CZM A NA  1 
HETATM 1264 C  CC1 . CZM H 3 .   ? 7.387   -4.942  -2.843  1.00 20.94 ? 180 CZM A CC1 1 
HETATM 1265 C  CC6 . CZM H 3 .   ? 8.259   -4.709  -3.916  1.00 23.65 ? 180 CZM A CC6 1 
HETATM 1266 C  CC5 . CZM H 3 .   ? 9.540   -5.275  -3.945  1.00 23.93 ? 180 CZM A CC5 1 
HETATM 1267 C  CC4 . CZM H 3 .   ? 9.951   -6.091  -2.887  1.00 24.09 ? 180 CZM A CC4 1 
HETATM 1268 C  CC3 . CZM H 3 .   ? 9.078   -6.323  -1.816  1.00 22.45 ? 180 CZM A CC3 1 
HETATM 1269 C  CC2 . CZM H 3 .   ? 7.802   -5.752  -1.785  1.00 21.49 ? 180 CZM A CC2 1 
HETATM 1270 N  NB  . CZM H 3 .   ? 6.902   -5.884  -0.675  1.00 18.58 ? 180 CZM A NB  1 
HETATM 1271 C  CB  . CZM H 3 .   ? 7.338   -6.166  0.508   1.00 19.38 ? 180 CZM A CB  1 
HETATM 1272 C  CB1 . CZM H 3 .   ? 6.570   -6.298  1.717   1.00 18.11 ? 180 CZM A CB1 1 
HETATM 1273 C  CB6 . CZM H 3 .   ? 7.223   -6.521  2.919   1.00 17.77 ? 180 CZM A CB6 1 
HETATM 1274 C  CB5 . CZM H 3 .   ? 6.543   -6.502  4.126   1.00 18.93 ? 180 CZM A CB5 1 
HETATM 1275 C  CB4 . CZM H 3 .   ? 5.177   -6.258  4.142   1.00 18.40 ? 180 CZM A CB4 1 
HETATM 1276 C  CB3 . CZM H 3 .   ? 4.470   -6.042  2.969   1.00 17.90 ? 180 CZM A CB3 1 
HETATM 1277 C  CB2 . CZM H 3 .   ? 5.155   -6.070  1.753   1.00 17.03 ? 180 CZM A CB2 1 
HETATM 1278 O  OB  . CZM H 3 .   ? 4.415   -5.921  0.607   1.00 17.79 ? 180 CZM A OB  1 
HETATM 1279 C  CB7 . CZM H 3 .   ? 3.005   -5.748  3.056   1.00 18.03 ? 180 CZM A CB7 1 
HETATM 1280 C  CA7 . CZM H 3 .   ? 1.110   -2.750  -1.542  1.00 23.30 ? 180 CZM A CA7 1 
HETATM 1281 MN MN  . MN3 I 4 .   ? 5.001   -5.145  -1.024  1.00 18.50 ? 190 MN3 A MN  1 
HETATM 1282 O  O   . HOH J 5 .   ? 8.953   6.677   0.492   1.00 13.97 ? 200 HOH A O   1 
HETATM 1283 O  O   . HOH J 5 .   ? 21.526  -1.101  2.713   1.00 16.65 ? 201 HOH A O   1 
HETATM 1284 O  O   . HOH J 5 .   ? -2.148  -13.900 5.848   1.00 16.69 ? 202 HOH A O   1 
HETATM 1285 O  O   . HOH J 5 .   ? 13.383  7.148   4.749   1.00 16.85 ? 203 HOH A O   1 
HETATM 1286 O  O   . HOH J 5 .   ? -7.810  -0.685  -9.087  1.00 18.10 ? 204 HOH A O   1 
HETATM 1287 O  O   . HOH J 5 .   ? 6.053   13.504  -5.483  1.00 18.31 ? 205 HOH A O   1 
HETATM 1288 O  O   . HOH J 5 .   ? 5.790   -3.337  0.315   1.00 18.75 ? 206 HOH A O   1 
HETATM 1289 O  O   . HOH J 5 .   ? 15.539  -5.046  1.777   1.00 19.93 ? 207 HOH A O   1 
HETATM 1290 O  O   . HOH J 5 .   ? -15.014 -10.209 -12.422 1.00 20.64 ? 208 HOH A O   1 
HETATM 1291 O  O   . HOH J 5 .   ? 8.824   14.780  -2.244  1.00 21.12 ? 209 HOH A O   1 
HETATM 1292 O  O   . HOH J 5 .   ? 11.387  -6.028  13.534  1.00 21.21 ? 210 HOH A O   1 
HETATM 1293 O  O   . HOH J 5 .   ? 3.947   6.207   12.636  1.00 21.59 ? 211 HOH A O   1 
HETATM 1294 O  O   . HOH J 5 .   ? 0.506   16.215  -0.602  1.00 22.01 ? 212 HOH A O   1 
HETATM 1295 O  O   . HOH J 5 .   ? -17.639 2.574   -11.182 1.00 22.30 ? 213 HOH A O   1 
HETATM 1296 O  O   . HOH J 5 .   ? 4.254   7.562   10.074  1.00 22.30 ? 214 HOH A O   1 
HETATM 1297 O  O   . HOH J 5 .   ? -0.893  -17.888 6.007   1.00 22.38 ? 215 HOH A O   1 
HETATM 1298 O  O   . HOH J 5 .   ? -7.597  -9.024  2.967   1.00 22.72 ? 216 HOH A O   1 
HETATM 1299 O  O   . HOH J 5 .   ? -0.439  -0.687  9.997   1.00 23.23 ? 217 HOH A O   1 
HETATM 1300 O  O   . HOH J 5 .   ? -16.225 12.154  -6.312  1.00 23.43 ? 218 HOH A O   1 
HETATM 1301 O  O   . HOH J 5 .   ? 1.568   11.183  8.239   1.00 23.57 ? 219 HOH A O   1 
HETATM 1302 O  O   . HOH J 5 .   ? -17.469 5.698   0.194   1.00 23.85 ? 220 HOH A O   1 
HETATM 1303 O  O   . HOH J 5 .   ? -15.734 -0.828  -9.182  1.00 23.86 ? 221 HOH A O   1 
HETATM 1304 O  O   . HOH J 5 .   ? 14.665  -2.963  -0.110  1.00 23.95 ? 222 HOH A O   1 
HETATM 1305 O  O   . HOH J 5 .   ? -8.780  -1.879  3.071   1.00 24.44 ? 223 HOH A O   1 
HETATM 1306 O  O   . HOH J 5 .   ? -8.754  -2.074  -6.618  1.00 24.45 ? 224 HOH A O   1 
HETATM 1307 O  O   . HOH J 5 .   ? 14.601  -0.255  -0.769  1.00 24.55 ? 225 HOH A O   1 
HETATM 1308 O  O   . HOH J 5 .   ? -19.943 9.612   -1.314  1.00 24.75 ? 226 HOH A O   1 
HETATM 1309 O  O   . HOH J 5 .   ? -17.764 12.649  -0.461  1.00 24.77 ? 227 HOH A O   1 
HETATM 1310 O  O   . HOH J 5 .   ? -5.360  -11.780 7.964   1.00 24.82 ? 228 HOH A O   1 
HETATM 1311 O  O   . HOH J 5 .   ? -6.294  3.027   9.242   1.00 24.94 ? 229 HOH A O   1 
HETATM 1312 O  O   . HOH J 5 .   ? -6.627  16.309  -5.721  1.00 25.27 ? 230 HOH A O   1 
HETATM 1313 O  O   . HOH J 5 .   ? 11.015  -8.458  14.738  1.00 25.50 ? 231 HOH A O   1 
HETATM 1314 O  O   . HOH J 5 .   ? -21.083 7.731   -8.881  1.00 25.65 ? 232 HOH A O   1 
HETATM 1315 O  O   . HOH J 5 .   ? 10.607  -7.839  1.002   1.00 25.74 ? 233 HOH A O   1 
HETATM 1316 O  O   . HOH J 5 .   ? 1.034   -7.738  14.258  1.00 25.99 ? 234 HOH A O   1 
HETATM 1317 O  O   . HOH J 5 .   ? -19.065 9.496   -3.868  1.00 26.16 ? 235 HOH A O   1 
HETATM 1318 O  O   . HOH J 5 .   ? -0.544  -15.617 11.427  1.00 26.22 ? 236 HOH A O   1 
HETATM 1319 O  O   . HOH J 5 .   ? -2.686  -2.007  11.602  1.00 26.55 ? 237 HOH A O   1 
HETATM 1320 O  O   . HOH J 5 .   ? -9.892  -13.554 -3.288  1.00 26.75 ? 238 HOH A O   1 
HETATM 1321 O  O   . HOH J 5 .   ? 1.505   6.943   13.193  1.00 26.75 ? 239 HOH A O   1 
HETATM 1322 O  O   . HOH J 5 .   ? -13.748 13.665  -5.771  1.00 26.79 ? 240 HOH A O   1 
HETATM 1323 O  O   . HOH J 5 .   ? -11.079 -3.875  4.135   1.00 26.81 ? 241 HOH A O   1 
HETATM 1324 O  O   . HOH J 5 .   ? 19.593  -0.611  8.799   1.00 26.83 ? 242 HOH A O   1 
HETATM 1325 O  O   . HOH J 5 .   ? 0.854   15.934  2.292   1.00 27.00 ? 243 HOH A O   1 
HETATM 1326 O  O   . HOH J 5 .   ? 1.363   7.003   -7.762  1.00 27.02 ? 244 HOH A O   1 
HETATM 1327 O  O   . HOH J 5 .   ? -5.005  10.359  -9.479  1.00 27.08 ? 245 HOH A O   1 
HETATM 1328 O  O   . HOH J 5 .   ? 19.125  5.987   8.613   1.00 27.24 ? 246 HOH A O   1 
HETATM 1329 O  O   . HOH J 5 .   ? -8.926  20.064  2.277   1.00 27.27 ? 247 HOH A O   1 
HETATM 1330 O  O   . HOH J 5 .   ? -8.772  14.215  -1.448  1.00 27.41 ? 248 HOH A O   1 
HETATM 1331 O  O   . HOH J 5 .   ? 6.620   -0.086  17.640  1.00 27.47 ? 249 HOH A O   1 
HETATM 1332 O  O   . HOH J 5 .   ? 13.659  -6.406  11.667  1.00 27.53 ? 250 HOH A O   1 
HETATM 1333 O  O   . HOH J 5 .   ? -15.844 3.602   -12.934 1.00 27.57 ? 251 HOH A O   1 
HETATM 1334 O  O   . HOH J 5 .   ? -2.698  -16.901 0.502   1.00 27.66 ? 252 HOH A O   1 
HETATM 1335 O  O   . HOH J 5 .   ? -13.026 13.382  -0.427  1.00 27.68 ? 253 HOH A O   1 
HETATM 1336 O  O   . HOH J 5 .   ? -2.284  2.868   -14.451 1.00 27.71 ? 254 HOH A O   1 
HETATM 1337 O  O   . HOH J 5 .   ? -10.092 1.381   -16.172 1.00 27.78 ? 255 HOH A O   1 
HETATM 1338 O  O   . HOH J 5 .   ? -14.031 1.106   -13.363 1.00 28.16 ? 256 HOH A O   1 
HETATM 1339 O  O   . HOH J 5 .   ? -4.056  -8.419  9.177   1.00 28.27 ? 257 HOH A O   1 
HETATM 1340 O  O   . HOH J 5 .   ? -19.782 7.051   -0.203  1.00 28.29 ? 258 HOH A O   1 
HETATM 1341 O  O   . HOH J 5 .   ? -10.619 12.307  -1.825  1.00 28.30 ? 259 HOH A O   1 
HETATM 1342 O  O   . HOH J 5 .   ? 1.324   -12.693 -18.348 1.00 28.45 ? 260 HOH A O   1 
HETATM 1343 O  O   . HOH J 5 .   ? -4.642  -22.763 -3.306  1.00 28.80 ? 261 HOH A O   1 
HETATM 1344 O  O   . HOH J 5 .   ? -13.210 19.582  5.746   1.00 28.89 ? 262 HOH A O   1 
HETATM 1345 O  O   . HOH J 5 .   ? 14.749  -8.742  1.921   1.00 28.91 ? 263 HOH A O   1 
HETATM 1346 O  O   . HOH J 5 .   ? 18.267  7.299   16.124  1.00 28.92 ? 264 HOH A O   1 
HETATM 1347 O  O   . HOH J 5 .   ? 10.940  12.570  1.833   1.00 29.30 ? 265 HOH A O   1 
HETATM 1348 O  O   . HOH J 5 .   ? 17.043  -0.023  -1.974  1.00 29.42 ? 266 HOH A O   1 
HETATM 1349 O  O   . HOH J 5 .   ? 14.379  -10.938 4.972   1.00 30.00 ? 267 HOH A O   1 
HETATM 1350 O  O   . HOH J 5 .   ? 20.524  6.750   4.072   1.00 30.02 ? 268 HOH A O   1 
HETATM 1351 O  O   . HOH J 5 .   ? -20.851 7.988   -5.318  1.00 30.65 ? 269 HOH A O   1 
HETATM 1352 O  O   . HOH J 5 .   ? 8.136   -11.108 8.674   1.00 30.92 ? 270 HOH A O   1 
HETATM 1353 O  O   . HOH J 5 .   ? 9.794   -1.327  14.199  1.00 31.05 ? 271 HOH A O   1 
HETATM 1354 O  O   . HOH J 5 .   ? -16.059 -0.446  -13.837 1.00 31.09 ? 272 HOH A O   1 
HETATM 1355 O  O   . HOH J 5 .   ? 1.599   8.318   10.394  1.00 31.29 ? 273 HOH A O   1 
HETATM 1356 O  O   . HOH J 5 .   ? 10.952  -10.837 1.066   1.00 31.34 ? 274 HOH A O   1 
HETATM 1357 O  O   . HOH J 5 .   ? 11.494  -3.583  14.990  1.00 31.38 ? 275 HOH A O   1 
HETATM 1358 O  O   . HOH J 5 .   ? -6.329  18.753  4.509   1.00 31.50 ? 276 HOH A O   1 
HETATM 1359 O  O   . HOH J 5 .   ? -18.320 12.127  -4.881  1.00 31.58 ? 277 HOH A O   1 
HETATM 1360 O  O   . HOH J 5 .   ? -11.004 4.922   8.089   1.00 31.71 ? 278 HOH A O   1 
HETATM 1361 O  O   . HOH J 5 .   ? 20.917  7.096   10.233  1.00 31.78 ? 279 HOH A O   1 
HETATM 1362 O  O   . HOH J 5 .   ? -10.826 -6.545  -10.281 1.00 32.14 ? 280 HOH A O   1 
HETATM 1363 O  O   . HOH J 5 .   ? -1.103  0.754   14.765  1.00 32.28 ? 281 HOH A O   1 
HETATM 1364 O  O   . HOH J 5 .   ? 0.337   6.003   -12.013 1.00 32.39 ? 282 HOH A O   1 
HETATM 1365 O  O   . HOH J 5 .   ? 2.707   -4.094  -10.935 1.00 32.45 ? 283 HOH A O   1 
HETATM 1366 O  O   . HOH J 5 .   ? 7.259   -7.064  -6.632  1.00 32.50 ? 284 HOH A O   1 
HETATM 1367 O  O   . HOH J 5 .   ? -10.263 -7.831  3.371   1.00 32.63 ? 285 HOH A O   1 
HETATM 1368 O  O   . HOH J 5 .   ? -8.201  6.738   -14.089 1.00 32.64 ? 286 HOH A O   1 
HETATM 1369 O  O   . HOH J 5 .   ? -6.709  -11.818 -9.493  1.00 32.76 ? 287 HOH A O   1 
HETATM 1370 O  O   . HOH J 5 .   ? 9.454   -15.268 -8.966  1.00 32.92 ? 288 HOH A O   1 
HETATM 1371 O  O   . HOH J 5 .   ? -15.515 0.773   3.104   1.00 32.97 ? 289 HOH A O   1 
HETATM 1372 O  O   . HOH J 5 .   ? -2.935  11.675  -10.392 1.00 33.13 ? 290 HOH A O   1 
HETATM 1373 O  O   . HOH J 5 .   ? 9.167   4.415   -9.090  1.00 33.38 ? 291 HOH A O   1 
HETATM 1374 O  O   . HOH J 5 .   ? 0.910   13.788  9.111   1.00 33.61 ? 292 HOH A O   1 
HETATM 1375 O  O   . HOH J 5 .   ? 1.667   -1.441  -10.696 1.00 33.66 ? 293 HOH A O   1 
HETATM 1376 O  O   . HOH J 5 .   ? -13.191 -4.973  -10.789 1.00 33.79 ? 294 HOH A O   1 
HETATM 1377 O  O   . HOH J 5 .   ? -8.275  -5.943  -15.651 1.00 33.87 ? 295 HOH A O   1 
HETATM 1378 O  O   . HOH J 5 .   ? -4.382  -3.527  10.121  1.00 33.90 ? 296 HOH A O   1 
HETATM 1379 O  O   . HOH J 5 .   ? 4.519   -12.895 11.008  1.00 34.00 ? 297 HOH A O   1 
HETATM 1380 O  O   . HOH J 5 .   ? 15.840  9.864   4.042   1.00 34.07 ? 298 HOH A O   1 
HETATM 1381 O  O   . HOH J 5 .   ? -2.252  17.540  8.474   1.00 34.36 ? 299 HOH A O   1 
HETATM 1382 O  O   . HOH J 5 .   ? 14.142  8.629   16.818  1.00 34.37 ? 300 HOH A O   1 
HETATM 1383 O  O   . HOH J 5 .   ? 2.379   5.354   -10.692 1.00 34.43 ? 301 HOH A O   1 
HETATM 1384 O  O   . HOH J 5 .   ? -0.991  -9.450  14.708  1.00 34.49 ? 302 HOH A O   1 
HETATM 1385 O  O   . HOH J 5 .   ? -0.620  1.009   -15.737 1.00 34.52 ? 303 HOH A O   1 
HETATM 1386 O  O   . HOH J 5 .   ? -14.918 -2.266  -5.277  1.00 34.63 ? 304 HOH A O   1 
HETATM 1387 O  O   . HOH J 5 .   ? -15.613 5.208   6.178   1.00 34.79 ? 305 HOH A O   1 
HETATM 1388 O  O   . HOH J 5 .   ? 3.303   -22.264 -7.498  1.00 35.07 ? 306 HOH A O   1 
HETATM 1389 O  O   . HOH J 5 .   ? 4.459   13.029  -8.902  1.00 35.09 ? 307 HOH A O   1 
HETATM 1390 O  O   . HOH J 5 .   ? 13.694  12.473  4.483   1.00 35.20 ? 308 HOH A O   1 
HETATM 1391 O  O   . HOH J 5 .   ? -1.472  18.675  -3.584  1.00 35.39 ? 309 HOH A O   1 
HETATM 1392 O  O   . HOH J 5 .   ? 12.739  -0.655  -5.179  1.00 35.40 ? 310 HOH A O   1 
HETATM 1393 O  O   . HOH J 5 .   ? -8.163  1.220   8.397   1.00 35.45 ? 311 HOH A O   1 
HETATM 1394 O  O   . HOH J 5 .   ? -2.200  9.140   15.981  1.00 35.48 ? 312 HOH A O   1 
HETATM 1395 O  O   . HOH J 5 .   ? -4.093  -10.134 11.317  1.00 35.59 ? 313 HOH A O   1 
HETATM 1396 O  O   . HOH J 5 .   ? -2.545  -15.240 -15.894 1.00 35.95 ? 314 HOH A O   1 
HETATM 1397 O  O   . HOH J 5 .   ? 18.236  12.282  5.871   1.00 35.97 ? 315 HOH A O   1 
HETATM 1398 O  O   . HOH J 5 .   ? -7.097  16.133  -8.587  1.00 36.08 ? 316 HOH A O   1 
HETATM 1399 O  O   . HOH J 5 .   ? 20.882  -4.280  6.575   1.00 36.15 ? 317 HOH A O   1 
HETATM 1400 O  O   . HOH J 5 .   ? -10.880 -2.111  6.778   1.00 36.20 ? 318 HOH A O   1 
HETATM 1401 O  O   . HOH J 5 .   ? -12.654 14.701  -3.512  1.00 36.29 ? 319 HOH A O   1 
HETATM 1402 O  O   . HOH J 5 .   ? 8.166   12.169  5.739   1.00 36.46 ? 320 HOH A O   1 
HETATM 1403 O  O   . HOH J 5 .   ? 12.182  -13.229 9.437   1.00 36.47 ? 321 HOH A O   1 
HETATM 1404 O  O   . HOH J 5 .   ? 6.420   9.162   10.221  1.00 36.54 ? 322 HOH A O   1 
HETATM 1405 O  O   . HOH J 5 .   ? -5.044  -3.691  -16.492 1.00 36.57 ? 323 HOH A O   1 
HETATM 1406 O  O   . HOH J 5 .   ? 0.018   15.427  -8.448  1.00 36.58 ? 324 HOH A O   1 
HETATM 1407 O  O   . HOH J 5 .   ? 7.638   19.336  15.884  1.00 36.58 ? 325 HOH A O   1 
HETATM 1408 O  O   . HOH J 5 .   ? 6.748   0.497   -8.423  1.00 36.59 ? 326 HOH A O   1 
HETATM 1409 O  O   . HOH J 5 .   ? 16.361  11.518  10.627  1.00 36.92 ? 327 HOH A O   1 
HETATM 1410 O  O   . HOH J 5 .   ? 2.055   -21.528 1.044   1.00 37.01 ? 328 HOH A O   1 
HETATM 1411 O  O   . HOH J 5 .   ? -8.975  -10.213 7.102   1.00 37.08 ? 329 HOH A O   1 
HETATM 1412 O  O   . HOH J 5 .   ? -5.707  -21.836 -11.738 1.00 37.34 ? 330 HOH A O   1 
HETATM 1413 O  O   . HOH J 5 .   ? -12.484 -9.269  -8.109  1.00 37.35 ? 331 HOH A O   1 
HETATM 1414 O  O   . HOH J 5 .   ? 1.887   -11.143 11.970  1.00 37.38 ? 332 HOH A O   1 
HETATM 1415 O  O   . HOH J 5 .   ? -0.260  4.846   -14.246 1.00 37.56 ? 333 HOH A O   1 
HETATM 1416 O  O   . HOH J 5 .   ? -3.764  -8.595  13.701  1.00 37.57 ? 334 HOH A O   1 
HETATM 1417 O  O   . HOH J 5 .   ? -4.367  4.332   -15.744 1.00 37.61 ? 335 HOH A O   1 
HETATM 1418 O  O   . HOH J 5 .   ? 8.604   -12.691 -9.611  1.00 37.78 ? 336 HOH A O   1 
HETATM 1419 O  O   . HOH J 5 .   ? 15.982  12.558  8.250   1.00 37.83 ? 337 HOH A O   1 
HETATM 1420 O  O   . HOH J 5 .   ? 20.401  1.103   13.253  1.00 37.92 ? 338 HOH A O   1 
HETATM 1421 O  O   . HOH J 5 .   ? -7.805  -15.969 -0.213  1.00 38.32 ? 339 HOH A O   1 
HETATM 1422 O  O   . HOH J 5 .   ? 5.828   -12.196 -11.906 1.00 38.34 ? 340 HOH A O   1 
HETATM 1423 O  O   . HOH J 5 .   ? -7.712  -1.100  5.973   1.00 38.42 ? 341 HOH A O   1 
HETATM 1424 O  O   . HOH J 5 .   ? 7.011   -3.367  -6.730  1.00 38.42 ? 342 HOH A O   1 
HETATM 1425 O  O   . HOH J 5 .   ? 19.484  -3.109  8.379   1.00 38.46 ? 343 HOH A O   1 
HETATM 1426 O  O   . HOH J 5 .   ? 16.297  7.817   -4.101  1.00 38.46 ? 344 HOH A O   1 
HETATM 1427 O  O   . HOH J 5 .   ? -13.813 3.123   6.089   1.00 38.56 ? 345 HOH A O   1 
HETATM 1428 O  O   . HOH J 5 .   ? 3.516   -7.350  15.938  1.00 38.59 ? 346 HOH A O   1 
HETATM 1429 O  O   . HOH J 5 .   ? 5.377   7.345   14.450  1.00 38.63 ? 347 HOH A O   1 
HETATM 1430 O  O   . HOH J 5 .   ? -10.980 8.241   -14.126 1.00 38.64 ? 348 HOH A O   1 
HETATM 1431 O  O   . HOH J 5 .   ? -7.184  -3.803  6.361   1.00 38.70 ? 349 HOH A O   1 
HETATM 1432 O  O   . HOH J 5 .   ? -7.594  -12.091 9.607   1.00 38.87 ? 350 HOH A O   1 
HETATM 1433 O  O   . HOH J 5 .   ? -15.952 11.095  -13.288 1.00 39.26 ? 351 HOH A O   1 
HETATM 1434 O  O   . HOH J 5 .   ? 2.380   -15.678 -12.462 1.00 39.37 ? 352 HOH A O   1 
HETATM 1435 O  O   . HOH J 5 .   ? 15.172  -8.632  12.029  1.00 39.38 ? 353 HOH A O   1 
HETATM 1436 O  O   . HOH J 5 .   ? -5.621  -6.486  10.161  1.00 39.44 ? 354 HOH A O   1 
HETATM 1437 O  O   . HOH J 5 .   ? -6.509  8.819   -13.781 1.00 39.60 ? 355 HOH A O   1 
HETATM 1438 O  O   . HOH J 5 .   ? -1.365  17.665  -6.060  1.00 39.65 ? 356 HOH A O   1 
HETATM 1439 O  O   . HOH J 5 .   ? -3.554  10.996  13.025  1.00 39.70 ? 357 HOH A O   1 
HETATM 1440 O  O   . HOH J 5 .   ? 20.856  -7.383  6.778   1.00 39.71 ? 358 HOH A O   1 
HETATM 1441 O  O   . HOH J 5 .   ? 5.394   -1.605  -7.656  1.00 39.72 ? 359 HOH A O   1 
HETATM 1442 O  O   . HOH J 5 .   ? -16.547 -6.357  2.721   1.00 39.86 ? 360 HOH A O   1 
HETATM 1443 O  O   . HOH J 5 .   ? -3.180  -20.183 -14.560 1.00 39.94 ? 361 HOH A O   1 
HETATM 1444 O  O   . HOH J 5 .   ? 14.399  14.716  0.701   1.00 40.01 ? 362 HOH A O   1 
HETATM 1445 O  O   . HOH J 5 .   ? 4.590   -16.717 3.880   1.00 40.12 ? 363 HOH A O   1 
HETATM 1446 O  O   . HOH J 5 .   ? -16.924 12.825  -8.880  1.00 40.45 ? 364 HOH A O   1 
HETATM 1447 O  O   . HOH J 5 .   ? 0.809   -8.879  -16.324 1.00 40.50 ? 365 HOH A O   1 
HETATM 1448 O  O   . HOH J 5 .   ? 12.796  -11.420 2.855   1.00 40.52 ? 366 HOH A O   1 
HETATM 1449 O  O   . HOH J 5 .   ? 12.616  -6.991  -0.507  1.00 40.57 ? 367 HOH A O   1 
HETATM 1450 O  O   . HOH J 5 .   ? 21.604  0.158   -5.031  1.00 40.84 ? 368 HOH A O   1 
HETATM 1451 O  O   . HOH J 5 .   ? -10.035 -4.477  -18.517 1.00 40.86 ? 369 HOH A O   1 
HETATM 1452 O  O   . HOH J 5 .   ? -21.021 2.362   -3.541  1.00 40.87 ? 370 HOH A O   1 
HETATM 1453 O  O   . HOH J 5 .   ? 4.155   13.942  7.810   1.00 40.96 ? 371 HOH A O   1 
HETATM 1454 O  O   . HOH J 5 .   ? -13.201 1.656   -16.355 1.00 41.07 ? 372 HOH A O   1 
HETATM 1455 O  O   . HOH J 5 .   ? 7.024   14.992  3.884   1.00 41.08 ? 373 HOH A O   1 
HETATM 1456 O  O   . HOH J 5 .   ? -0.567  17.508  3.844   1.00 41.08 ? 374 HOH A O   1 
HETATM 1457 O  O   . HOH J 5 .   ? -11.379 20.149  -5.925  1.00 41.43 ? 375 HOH A O   1 
HETATM 1458 O  O   . HOH J 5 .   ? 1.863   -24.163 0.565   1.00 42.01 ? 376 HOH A O   1 
HETATM 1459 O  O   . HOH J 5 .   ? -14.707 -13.458 -7.131  1.00 42.26 ? 377 HOH A O   1 
HETATM 1460 O  O   . HOH J 5 .   ? -2.955  15.539  11.118  1.00 42.28 ? 378 HOH A O   1 
HETATM 1461 O  O   . HOH J 5 .   ? 11.539  -14.264 0.262   1.00 42.45 ? 379 HOH A O   1 
HETATM 1462 O  O   . HOH J 5 .   ? 8.782   -12.446 13.843  1.00 42.55 ? 380 HOH A O   1 
HETATM 1463 O  O   . HOH J 5 .   ? 2.200   -15.770 8.453   1.00 42.87 ? 381 HOH A O   1 
HETATM 1464 O  O   . HOH J 5 .   ? -19.876 -6.721  -4.937  1.00 42.95 ? 382 HOH A O   1 
HETATM 1465 O  O   . HOH J 5 .   ? -4.268  7.550   -15.624 1.00 43.01 ? 383 HOH A O   1 
HETATM 1466 O  O   . HOH J 5 .   ? -2.635  9.555   -15.105 1.00 43.01 ? 384 HOH A O   1 
HETATM 1467 O  O   . HOH J 5 .   ? -1.579  18.057  -1.220  1.00 43.16 ? 385 HOH A O   1 
HETATM 1468 O  O   . HOH J 5 .   ? 9.616   14.317  7.206   1.00 43.20 ? 386 HOH A O   1 
HETATM 1469 O  O   . HOH J 5 .   ? 19.995  5.215   17.312  1.00 43.41 ? 387 HOH A O   1 
HETATM 1470 O  O   . HOH J 5 .   ? 9.001   18.381  13.754  1.00 43.65 ? 388 HOH A O   1 
HETATM 1471 O  O   . HOH J 5 .   ? -6.511  23.219  -4.653  1.00 43.88 ? 389 HOH A O   1 
HETATM 1472 O  O   . HOH J 5 .   ? 1.777   -19.418 5.089   1.00 43.92 ? 390 HOH A O   1 
HETATM 1473 O  O   . HOH J 5 .   ? 20.834  11.801  8.280   1.00 44.14 ? 391 HOH A O   1 
HETATM 1474 O  O   . HOH J 5 .   ? 9.418   0.004   16.531  1.00 44.32 ? 392 HOH A O   1 
HETATM 1475 O  O   . HOH J 5 .   ? -0.197  -15.197 -10.707 1.00 44.44 ? 393 HOH A O   1 
HETATM 1476 O  O   . HOH J 5 .   ? -8.591  -7.967  -11.768 1.00 44.53 ? 394 HOH A O   1 
HETATM 1477 O  O   . HOH J 5 .   ? -11.285 -5.752  -16.747 1.00 44.72 ? 395 HOH A O   1 
HETATM 1478 O  O   . HOH J 5 .   ? -8.263  13.783  -9.432  1.00 45.19 ? 396 HOH A O   1 
HETATM 1479 O  O   . HOH J 5 .   ? -4.768  -4.078  -19.051 1.00 45.47 ? 397 HOH A O   1 
HETATM 1480 O  O   . HOH J 5 .   ? -11.844 -14.014 -5.923  1.00 45.65 ? 398 HOH A O   1 
HETATM 1481 O  O   . HOH J 5 .   ? 12.505  -0.923  -2.742  1.00 45.92 ? 399 HOH A O   1 
HETATM 1482 O  O   . HOH J 5 .   ? 3.251   -15.539 13.006  1.00 46.58 ? 400 HOH A O   1 
HETATM 1483 O  O   . HOH J 5 .   ? -1.697  -10.354 -17.150 1.00 47.86 ? 401 HOH A O   1 
HETATM 1484 O  O   . HOH J 5 .   ? 12.482  -4.389  -1.196  1.00 47.92 ? 402 HOH A O   1 
HETATM 1485 O  O   . HOH J 5 .   ? -9.570  -8.392  -14.975 1.00 49.26 ? 403 HOH A O   1 
HETATM 1486 O  O   . HOH J 5 .   ? 9.807   15.345  13.744  1.00 49.77 ? 404 HOH A O   1 
HETATM 1487 O  O   . HOH J 5 .   ? -9.216  8.473   10.563  1.00 50.31 ? 405 HOH A O   1 
HETATM 1488 O  O   . HOH J 5 .   ? -10.962 2.210   5.809   1.00 51.19 ? 406 HOH A O   1 
HETATM 1489 O  O   . HOH J 5 .   ? -16.815 -12.452 -3.442  1.00 51.24 ? 407 HOH A O   1 
HETATM 1490 O  O   . HOH J 5 .   ? -7.924  -18.429 -6.688  1.00 53.62 ? 408 HOH A O   1 
# 
loop_
_pdbx_poly_seq_scheme.asym_id 
_pdbx_poly_seq_scheme.entity_id 
_pdbx_poly_seq_scheme.seq_id 
_pdbx_poly_seq_scheme.mon_id 
_pdbx_poly_seq_scheme.ndb_seq_num 
_pdbx_poly_seq_scheme.pdb_seq_num 
_pdbx_poly_seq_scheme.auth_seq_num 
_pdbx_poly_seq_scheme.pdb_mon_id 
_pdbx_poly_seq_scheme.auth_mon_id 
_pdbx_poly_seq_scheme.pdb_strand_id 
_pdbx_poly_seq_scheme.pdb_ins_code 
_pdbx_poly_seq_scheme.hetero 
A 1 1   MET 1   0   0   MET MET A . n 
A 1 2   VAL 2   1   1   VAL VAL A . n 
A 1 3   LEU 3   2   2   LEU LEU A . n 
A 1 4   SER 4   3   3   SER SER A . n 
A 1 5   GLU 5   4   4   GLU GLU A . n 
A 1 6   GLY 6   5   5   GLY GLY A . n 
A 1 7   GLU 7   6   6   GLU GLU A . n 
A 1 8   TRP 8   7   7   TRP TRP A . n 
A 1 9   GLN 9   8   8   GLN GLN A . n 
A 1 10  LEU 10  9   9   LEU LEU A . n 
A 1 11  VAL 11  10  10  VAL VAL A . n 
A 1 12  LEU 12  11  11  LEU LEU A . n 
A 1 13  HIS 13  12  12  HIS HIS A . n 
A 1 14  VAL 14  13  13  VAL VAL A . n 
A 1 15  TRP 15  14  14  TRP TRP A . n 
A 1 16  ALA 16  15  15  ALA ALA A . n 
A 1 17  LYS 17  16  16  LYS LYS A . n 
A 1 18  VAL 18  17  17  VAL VAL A . n 
A 1 19  GLU 19  18  18  GLU GLU A . n 
A 1 20  ALA 20  19  19  ALA ALA A . n 
A 1 21  ASP 21  20  20  ASP ASP A . n 
A 1 22  VAL 22  21  21  VAL VAL A . n 
A 1 23  ALA 23  22  22  ALA ALA A . n 
A 1 24  GLY 24  23  23  GLY GLY A . n 
A 1 25  HIS 25  24  24  HIS HIS A . n 
A 1 26  GLY 26  25  25  GLY GLY A . n 
A 1 27  GLN 27  26  26  GLN GLN A . n 
A 1 28  ASP 28  27  27  ASP ASP A . n 
A 1 29  ILE 29  28  28  ILE ILE A . n 
A 1 30  LEU 30  29  29  LEU LEU A . n 
A 1 31  ILE 31  30  30  ILE ILE A . n 
A 1 32  ARG 32  31  31  ARG ARG A . n 
A 1 33  LEU 33  32  32  LEU LEU A . n 
A 1 34  PHE 34  33  33  PHE PHE A . n 
A 1 35  LYS 35  34  34  LYS LYS A . n 
A 1 36  SER 36  35  35  SER SER A . n 
A 1 37  HIS 37  36  36  HIS HIS A . n 
A 1 38  PRO 38  37  37  PRO PRO A . n 
A 1 39  GLU 39  38  38  GLU GLU A . n 
A 1 40  THR 40  39  39  THR THR A . n 
A 1 41  LEU 41  40  40  LEU LEU A . n 
A 1 42  GLU 42  41  41  GLU GLU A . n 
A 1 43  LYS 43  42  42  LYS LYS A . n 
A 1 44  PHE 44  43  43  PHE PHE A . n 
A 1 45  ASP 45  44  44  ASP ASP A . n 
A 1 46  ARG 46  45  45  ARG ARG A . n 
A 1 47  PHE 47  46  46  PHE PHE A . n 
A 1 48  LYS 48  47  47  LYS LYS A . n 
A 1 49  HIS 49  48  48  HIS HIS A . n 
A 1 50  LEU 50  49  49  LEU LEU A . n 
A 1 51  LYS 51  50  50  LYS LYS A . n 
A 1 52  THR 52  51  51  THR THR A . n 
A 1 53  GLU 53  52  52  GLU GLU A . n 
A 1 54  ALA 54  53  53  ALA ALA A . n 
A 1 55  GLU 55  54  54  GLU GLU A . n 
A 1 56  MET 56  55  55  MET MET A . n 
A 1 57  LYS 57  56  56  LYS LYS A . n 
A 1 58  ALA 58  57  57  ALA ALA A . n 
A 1 59  SER 59  58  58  SER SER A . n 
A 1 60  GLU 60  59  59  GLU GLU A . n 
A 1 61  ASP 61  60  60  ASP ASP A . n 
A 1 62  LEU 62  61  61  LEU LEU A . n 
A 1 63  LYS 63  62  62  LYS LYS A . n 
A 1 64  LYS 64  63  63  LYS LYS A . n 
A 1 65  HIS 65  64  64  HIS HIS A . n 
A 1 66  GLY 66  65  65  GLY GLY A . n 
A 1 67  VAL 67  66  66  VAL VAL A . n 
A 1 68  THR 68  67  67  THR THR A . n 
A 1 69  VAL 69  68  68  VAL VAL A . n 
A 1 70  LEU 70  69  69  LEU LEU A . n 
A 1 71  THR 71  70  70  THR THR A . n 
A 1 72  GLY 72  71  71  GLY GLY A . n 
A 1 73  LEU 73  72  72  LEU LEU A . n 
A 1 74  GLY 74  73  73  GLY GLY A . n 
A 1 75  ALA 75  74  74  ALA ALA A . n 
A 1 76  ILE 76  75  75  ILE ILE A . n 
A 1 77  LEU 77  76  76  LEU LEU A . n 
A 1 78  LYS 78  77  77  LYS LYS A . n 
A 1 79  LYS 79  78  78  LYS LYS A . n 
A 1 80  LYS 80  79  79  LYS LYS A . n 
A 1 81  GLY 81  80  80  GLY GLY A . n 
A 1 82  HIS 82  81  81  HIS HIS A . n 
A 1 83  HIS 83  82  82  HIS HIS A . n 
A 1 84  GLU 84  83  83  GLU GLU A . n 
A 1 85  ALA 85  84  84  ALA ALA A . n 
A 1 86  GLU 86  85  85  GLU GLU A . n 
A 1 87  LEU 87  86  86  LEU LEU A . n 
A 1 88  LYS 88  87  87  LYS LYS A . n 
A 1 89  PRO 89  88  88  PRO PRO A . n 
A 1 90  LEU 90  89  89  LEU LEU A . n 
A 1 91  ALA 91  90  90  ALA ALA A . n 
A 1 92  GLN 92  91  91  GLN GLN A . n 
A 1 93  SER 93  92  92  SER SER A . n 
A 1 94  HIS 94  93  93  HIS HIS A . n 
A 1 95  ALA 95  94  94  ALA ALA A . n 
A 1 96  THR 96  95  95  THR THR A . n 
A 1 97  LYS 97  96  96  LYS LYS A . n 
A 1 98  HIS 98  97  97  HIS HIS A . n 
A 1 99  LYS 99  98  98  LYS LYS A . n 
A 1 100 ILE 100 99  99  ILE ILE A . n 
A 1 101 PRO 101 100 100 PRO PRO A . n 
A 1 102 ILE 102 101 101 ILE ILE A . n 
A 1 103 LYS 103 102 102 LYS LYS A . n 
A 1 104 TYR 104 103 103 TYR TYR A . n 
A 1 105 LEU 105 104 104 LEU LEU A . n 
A 1 106 GLU 106 105 105 GLU GLU A . n 
A 1 107 PHE 107 106 106 PHE PHE A . n 
A 1 108 ILE 108 107 107 ILE ILE A . n 
A 1 109 SER 109 108 108 SER SER A . n 
A 1 110 GLU 110 109 109 GLU GLU A . n 
A 1 111 ALA 111 110 110 ALA ALA A . n 
A 1 112 ILE 112 111 111 ILE ILE A . n 
A 1 113 ILE 113 112 112 ILE ILE A . n 
A 1 114 HIS 114 113 113 HIS HIS A . n 
A 1 115 VAL 115 114 114 VAL VAL A . n 
A 1 116 LEU 116 115 115 LEU LEU A . n 
A 1 117 HIS 117 116 116 HIS HIS A . n 
A 1 118 SER 118 117 117 SER SER A . n 
A 1 119 ARG 119 118 118 ARG ARG A . n 
A 1 120 HIS 120 119 119 HIS HIS A . n 
A 1 121 PRO 121 120 120 PRO PRO A . n 
A 1 122 GLY 122 121 121 GLY GLY A . n 
A 1 123 ASP 123 122 122 ASP ASP A . n 
A 1 124 PHE 124 123 123 PHE PHE A . n 
A 1 125 GLY 125 124 124 GLY GLY A . n 
A 1 126 ALA 126 125 125 ALA ALA A . n 
A 1 127 ASP 127 126 126 ASP ASP A . n 
A 1 128 ALA 128 127 127 ALA ALA A . n 
A 1 129 GLN 129 128 128 GLN GLN A . n 
A 1 130 GLY 130 129 129 GLY GLY A . n 
A 1 131 ALA 131 130 130 ALA ALA A . n 
A 1 132 MET 132 131 131 MET MET A . n 
A 1 133 ASN 133 132 132 ASN ASN A . n 
A 1 134 LYS 134 133 133 LYS LYS A . n 
A 1 135 ALA 135 134 134 ALA ALA A . n 
A 1 136 LEU 136 135 135 LEU LEU A . n 
A 1 137 GLU 137 136 136 GLU GLU A . n 
A 1 138 LEU 138 137 137 LEU LEU A . n 
A 1 139 PHE 139 138 138 PHE PHE A . n 
A 1 140 ARG 140 139 139 ARG ARG A . n 
A 1 141 LYS 141 140 140 LYS LYS A . n 
A 1 142 ASP 142 141 141 ASP ASP A . n 
A 1 143 ILE 143 142 142 ILE ILE A . n 
A 1 144 ALA 144 143 143 ALA ALA A . n 
A 1 145 ALA 145 144 144 ALA ALA A . n 
A 1 146 LYS 146 145 145 LYS LYS A . n 
A 1 147 TYR 147 146 146 TYR TYR A . n 
A 1 148 LYS 148 147 147 LYS LYS A . n 
A 1 149 GLU 149 148 148 GLU GLU A . n 
A 1 150 LEU 150 149 149 LEU LEU A . n 
A 1 151 GLY 151 150 150 GLY GLY A . n 
A 1 152 TYR 152 151 151 TYR TYR A . n 
A 1 153 GLN 153 152 152 GLN GLN A . n 
A 1 154 GLY 154 153 153 GLY GLY A . n 
# 
loop_
_pdbx_nonpoly_scheme.asym_id 
_pdbx_nonpoly_scheme.entity_id 
_pdbx_nonpoly_scheme.mon_id 
_pdbx_nonpoly_scheme.ndb_seq_num 
_pdbx_nonpoly_scheme.pdb_seq_num 
_pdbx_nonpoly_scheme.auth_seq_num 
_pdbx_nonpoly_scheme.pdb_mon_id 
_pdbx_nonpoly_scheme.auth_mon_id 
_pdbx_nonpoly_scheme.pdb_strand_id 
_pdbx_nonpoly_scheme.pdb_ins_code 
B 2 PO4 1   155 155 PO4 PO4 A . 
C 2 PO4 1   156 156 PO4 PO4 A . 
D 2 PO4 1   157 157 PO4 PO4 A . 
E 2 PO4 1   158 158 PO4 PO4 A . 
F 2 PO4 1   159 159 PO4 PO4 A . 
G 2 PO4 1   160 160 PO4 PO4 A . 
H 3 CZM 1   180 180 CZM CZM A . 
I 4 MN3 1   190 190 MN3 MN3 A . 
J 5 HOH 1   200 200 HOH WAT A . 
J 5 HOH 2   201 201 HOH WAT A . 
J 5 HOH 3   202 202 HOH WAT A . 
J 5 HOH 4   203 203 HOH WAT A . 
J 5 HOH 5   204 204 HOH WAT A . 
J 5 HOH 6   205 205 HOH WAT A . 
J 5 HOH 7   206 206 HOH WAT A . 
J 5 HOH 8   207 207 HOH WAT A . 
J 5 HOH 9   208 208 HOH WAT A . 
J 5 HOH 10  209 209 HOH WAT A . 
J 5 HOH 11  210 210 HOH WAT A . 
J 5 HOH 12  211 211 HOH WAT A . 
J 5 HOH 13  212 212 HOH WAT A . 
J 5 HOH 14  213 213 HOH WAT A . 
J 5 HOH 15  214 214 HOH WAT A . 
J 5 HOH 16  215 215 HOH WAT A . 
J 5 HOH 17  216 216 HOH WAT A . 
J 5 HOH 18  217 217 HOH WAT A . 
J 5 HOH 19  218 218 HOH WAT A . 
J 5 HOH 20  219 219 HOH WAT A . 
J 5 HOH 21  220 220 HOH WAT A . 
J 5 HOH 22  221 221 HOH WAT A . 
J 5 HOH 23  222 222 HOH WAT A . 
J 5 HOH 24  223 223 HOH WAT A . 
J 5 HOH 25  224 224 HOH WAT A . 
J 5 HOH 26  225 225 HOH WAT A . 
J 5 HOH 27  226 226 HOH WAT A . 
J 5 HOH 28  227 227 HOH WAT A . 
J 5 HOH 29  228 228 HOH WAT A . 
J 5 HOH 30  229 229 HOH WAT A . 
J 5 HOH 31  230 230 HOH WAT A . 
J 5 HOH 32  231 231 HOH WAT A . 
J 5 HOH 33  232 232 HOH WAT A . 
J 5 HOH 34  233 233 HOH WAT A . 
J 5 HOH 35  234 234 HOH WAT A . 
J 5 HOH 36  235 235 HOH WAT A . 
J 5 HOH 37  236 236 HOH WAT A . 
J 5 HOH 38  237 237 HOH WAT A . 
J 5 HOH 39  238 238 HOH WAT A . 
J 5 HOH 40  239 239 HOH WAT A . 
J 5 HOH 41  240 240 HOH WAT A . 
J 5 HOH 42  241 241 HOH WAT A . 
J 5 HOH 43  242 242 HOH WAT A . 
J 5 HOH 44  243 243 HOH WAT A . 
J 5 HOH 45  244 244 HOH WAT A . 
J 5 HOH 46  245 245 HOH WAT A . 
J 5 HOH 47  246 246 HOH WAT A . 
J 5 HOH 48  247 247 HOH WAT A . 
J 5 HOH 49  248 248 HOH WAT A . 
J 5 HOH 50  249 249 HOH WAT A . 
J 5 HOH 51  250 250 HOH WAT A . 
J 5 HOH 52  251 251 HOH WAT A . 
J 5 HOH 53  252 252 HOH WAT A . 
J 5 HOH 54  253 253 HOH WAT A . 
J 5 HOH 55  254 254 HOH WAT A . 
J 5 HOH 56  255 255 HOH WAT A . 
J 5 HOH 57  256 256 HOH WAT A . 
J 5 HOH 58  257 257 HOH WAT A . 
J 5 HOH 59  258 258 HOH WAT A . 
J 5 HOH 60  259 259 HOH WAT A . 
J 5 HOH 61  260 260 HOH WAT A . 
J 5 HOH 62  261 261 HOH WAT A . 
J 5 HOH 63  262 262 HOH WAT A . 
J 5 HOH 64  263 263 HOH WAT A . 
J 5 HOH 65  264 264 HOH WAT A . 
J 5 HOH 66  265 265 HOH WAT A . 
J 5 HOH 67  266 266 HOH WAT A . 
J 5 HOH 68  267 267 HOH WAT A . 
J 5 HOH 69  268 268 HOH WAT A . 
J 5 HOH 70  269 269 HOH WAT A . 
J 5 HOH 71  270 270 HOH WAT A . 
J 5 HOH 72  271 271 HOH WAT A . 
J 5 HOH 73  272 272 HOH WAT A . 
J 5 HOH 74  273 273 HOH WAT A . 
J 5 HOH 75  274 274 HOH WAT A . 
J 5 HOH 76  275 275 HOH WAT A . 
J 5 HOH 77  276 276 HOH WAT A . 
J 5 HOH 78  277 277 HOH WAT A . 
J 5 HOH 79  278 278 HOH WAT A . 
J 5 HOH 80  279 279 HOH WAT A . 
J 5 HOH 81  280 280 HOH WAT A . 
J 5 HOH 82  281 281 HOH WAT A . 
J 5 HOH 83  282 282 HOH WAT A . 
J 5 HOH 84  283 283 HOH WAT A . 
J 5 HOH 85  284 284 HOH WAT A . 
J 5 HOH 86  285 285 HOH WAT A . 
J 5 HOH 87  286 286 HOH WAT A . 
J 5 HOH 88  287 287 HOH WAT A . 
J 5 HOH 89  288 288 HOH WAT A . 
J 5 HOH 90  289 289 HOH WAT A . 
J 5 HOH 91  290 290 HOH WAT A . 
J 5 HOH 92  291 291 HOH WAT A . 
J 5 HOH 93  292 292 HOH WAT A . 
J 5 HOH 94  293 293 HOH WAT A . 
J 5 HOH 95  294 294 HOH WAT A . 
J 5 HOH 96  295 295 HOH WAT A . 
J 5 HOH 97  296 296 HOH WAT A . 
J 5 HOH 98  297 297 HOH WAT A . 
J 5 HOH 99  298 298 HOH WAT A . 
J 5 HOH 100 299 299 HOH WAT A . 
J 5 HOH 101 300 300 HOH WAT A . 
J 5 HOH 102 301 301 HOH WAT A . 
J 5 HOH 103 302 302 HOH WAT A . 
J 5 HOH 104 303 303 HOH WAT A . 
J 5 HOH 105 304 304 HOH WAT A . 
J 5 HOH 106 305 305 HOH WAT A . 
J 5 HOH 107 306 306 HOH WAT A . 
J 5 HOH 108 307 307 HOH WAT A . 
J 5 HOH 109 308 308 HOH WAT A . 
J 5 HOH 110 309 309 HOH WAT A . 
J 5 HOH 111 310 310 HOH WAT A . 
J 5 HOH 112 311 311 HOH WAT A . 
J 5 HOH 113 312 312 HOH WAT A . 
J 5 HOH 114 313 313 HOH WAT A . 
J 5 HOH 115 314 314 HOH WAT A . 
J 5 HOH 116 315 315 HOH WAT A . 
J 5 HOH 117 316 316 HOH WAT A . 
J 5 HOH 118 317 317 HOH WAT A . 
J 5 HOH 119 318 318 HOH WAT A . 
J 5 HOH 120 319 319 HOH WAT A . 
J 5 HOH 121 320 320 HOH WAT A . 
J 5 HOH 122 321 321 HOH WAT A . 
J 5 HOH 123 322 322 HOH WAT A . 
J 5 HOH 124 323 323 HOH WAT A . 
J 5 HOH 125 324 324 HOH WAT A . 
J 5 HOH 126 325 325 HOH WAT A . 
J 5 HOH 127 326 326 HOH WAT A . 
J 5 HOH 128 327 327 HOH WAT A . 
J 5 HOH 129 328 328 HOH WAT A . 
J 5 HOH 130 329 329 HOH WAT A . 
J 5 HOH 131 330 330 HOH WAT A . 
J 5 HOH 132 331 331 HOH WAT A . 
J 5 HOH 133 332 332 HOH WAT A . 
J 5 HOH 134 333 333 HOH WAT A . 
J 5 HOH 135 334 334 HOH WAT A . 
J 5 HOH 136 335 335 HOH WAT A . 
J 5 HOH 137 336 336 HOH WAT A . 
J 5 HOH 138 337 337 HOH WAT A . 
J 5 HOH 139 338 338 HOH WAT A . 
J 5 HOH 140 339 339 HOH WAT A . 
J 5 HOH 141 340 340 HOH WAT A . 
J 5 HOH 142 341 341 HOH WAT A . 
J 5 HOH 143 342 342 HOH WAT A . 
J 5 HOH 144 343 343 HOH WAT A . 
J 5 HOH 145 344 344 HOH WAT A . 
J 5 HOH 146 345 345 HOH WAT A . 
J 5 HOH 147 346 346 HOH WAT A . 
J 5 HOH 148 347 347 HOH WAT A . 
J 5 HOH 149 348 348 HOH WAT A . 
J 5 HOH 150 349 349 HOH WAT A . 
J 5 HOH 151 350 350 HOH WAT A . 
J 5 HOH 152 351 351 HOH WAT A . 
J 5 HOH 153 352 352 HOH WAT A . 
J 5 HOH 154 353 353 HOH WAT A . 
J 5 HOH 155 354 354 HOH WAT A . 
J 5 HOH 156 355 355 HOH WAT A . 
J 5 HOH 157 356 356 HOH WAT A . 
J 5 HOH 158 357 357 HOH WAT A . 
J 5 HOH 159 358 358 HOH WAT A . 
J 5 HOH 160 359 359 HOH WAT A . 
J 5 HOH 161 360 360 HOH WAT A . 
J 5 HOH 162 361 361 HOH WAT A . 
J 5 HOH 163 362 362 HOH WAT A . 
J 5 HOH 164 363 363 HOH WAT A . 
J 5 HOH 165 364 364 HOH WAT A . 
J 5 HOH 166 365 365 HOH WAT A . 
J 5 HOH 167 366 366 HOH WAT A . 
J 5 HOH 168 367 367 HOH WAT A . 
J 5 HOH 169 368 368 HOH WAT A . 
J 5 HOH 170 369 369 HOH WAT A . 
J 5 HOH 171 370 370 HOH WAT A . 
J 5 HOH 172 371 371 HOH WAT A . 
J 5 HOH 173 372 372 HOH WAT A . 
J 5 HOH 174 373 373 HOH WAT A . 
J 5 HOH 175 374 374 HOH WAT A . 
J 5 HOH 176 375 375 HOH WAT A . 
J 5 HOH 177 376 376 HOH WAT A . 
J 5 HOH 178 377 377 HOH WAT A . 
J 5 HOH 179 378 378 HOH WAT A . 
J 5 HOH 180 379 379 HOH WAT A . 
J 5 HOH 181 380 380 HOH WAT A . 
J 5 HOH 182 381 381 HOH WAT A . 
J 5 HOH 183 382 382 HOH WAT A . 
J 5 HOH 184 383 383 HOH WAT A . 
J 5 HOH 185 384 384 HOH WAT A . 
J 5 HOH 186 385 385 HOH WAT A . 
J 5 HOH 187 386 386 HOH WAT A . 
J 5 HOH 188 387 387 HOH WAT A . 
J 5 HOH 189 388 388 HOH WAT A . 
J 5 HOH 190 389 389 HOH WAT A . 
J 5 HOH 191 390 390 HOH WAT A . 
J 5 HOH 192 391 391 HOH WAT A . 
J 5 HOH 193 392 392 HOH WAT A . 
J 5 HOH 194 393 393 HOH WAT A . 
J 5 HOH 195 394 394 HOH WAT A . 
J 5 HOH 196 395 395 HOH WAT A . 
J 5 HOH 197 396 396 HOH WAT A . 
J 5 HOH 198 397 397 HOH WAT A . 
J 5 HOH 199 398 398 HOH WAT A . 
J 5 HOH 200 399 399 HOH WAT A . 
J 5 HOH 201 400 400 HOH WAT A . 
J 5 HOH 202 401 401 HOH WAT A . 
J 5 HOH 203 402 402 HOH WAT A . 
J 5 HOH 204 403 403 HOH WAT A . 
J 5 HOH 205 404 404 HOH WAT A . 
J 5 HOH 206 405 405 HOH WAT A . 
J 5 HOH 207 406 406 HOH WAT A . 
J 5 HOH 208 407 407 HOH WAT A . 
J 5 HOH 209 408 408 HOH WAT A . 
# 
_pdbx_struct_assembly.id                   1 
_pdbx_struct_assembly.details              author_defined_assembly 
_pdbx_struct_assembly.method_details       ? 
_pdbx_struct_assembly.oligomeric_details   monomeric 
_pdbx_struct_assembly.oligomeric_count     1 
# 
_pdbx_struct_assembly_gen.assembly_id       1 
_pdbx_struct_assembly_gen.oper_expression   1 
_pdbx_struct_assembly_gen.asym_id_list      A,B,C,D,E,F,G,H,I,J 
# 
_pdbx_struct_oper_list.id                   1 
_pdbx_struct_oper_list.type                 'identity operation' 
_pdbx_struct_oper_list.name                 1_555 
_pdbx_struct_oper_list.symmetry_operation   x,y,z 
_pdbx_struct_oper_list.matrix[1][1]         1.0000000000 
_pdbx_struct_oper_list.matrix[1][2]         0.0000000000 
_pdbx_struct_oper_list.matrix[1][3]         0.0000000000 
_pdbx_struct_oper_list.vector[1]            0.0000000000 
_pdbx_struct_oper_list.matrix[2][1]         0.0000000000 
_pdbx_struct_oper_list.matrix[2][2]         1.0000000000 
_pdbx_struct_oper_list.matrix[2][3]         0.0000000000 
_pdbx_struct_oper_list.vector[2]            0.0000000000 
_pdbx_struct_oper_list.matrix[3][1]         0.0000000000 
_pdbx_struct_oper_list.matrix[3][2]         0.0000000000 
_pdbx_struct_oper_list.matrix[3][3]         1.0000000000 
_pdbx_struct_oper_list.vector[3]            0.0000000000 
# 
loop_
_pdbx_struct_conn_angle.id 
_pdbx_struct_conn_angle.ptnr1_label_atom_id 
_pdbx_struct_conn_angle.ptnr1_label_alt_id 
_pdbx_struct_conn_angle.ptnr1_label_asym_id 
_pdbx_struct_conn_angle.ptnr1_label_comp_id 
_pdbx_struct_conn_angle.ptnr1_label_seq_id 
_pdbx_struct_conn_angle.ptnr1_auth_atom_id 
_pdbx_struct_conn_angle.ptnr1_auth_asym_id 
_pdbx_struct_conn_angle.ptnr1_auth_comp_id 
_pdbx_struct_conn_angle.ptnr1_auth_seq_id 
_pdbx_struct_conn_angle.ptnr1_PDB_ins_code 
_pdbx_struct_conn_angle.ptnr1_symmetry 
_pdbx_struct_conn_angle.ptnr2_label_atom_id 
_pdbx_struct_conn_angle.ptnr2_label_alt_id 
_pdbx_struct_conn_angle.ptnr2_label_asym_id 
_pdbx_struct_conn_angle.ptnr2_label_comp_id 
_pdbx_struct_conn_angle.ptnr2_label_seq_id 
_pdbx_struct_conn_angle.ptnr2_auth_atom_id 
_pdbx_struct_conn_angle.ptnr2_auth_asym_id 
_pdbx_struct_conn_angle.ptnr2_auth_comp_id 
_pdbx_struct_conn_angle.ptnr2_auth_seq_id 
_pdbx_struct_conn_angle.ptnr2_PDB_ins_code 
_pdbx_struct_conn_angle.ptnr2_symmetry 
_pdbx_struct_conn_angle.ptnr3_label_atom_id 
_pdbx_struct_conn_angle.ptnr3_label_alt_id 
_pdbx_struct_conn_angle.ptnr3_label_asym_id 
_pdbx_struct_conn_angle.ptnr3_label_comp_id 
_pdbx_struct_conn_angle.ptnr3_label_seq_id 
_pdbx_struct_conn_angle.ptnr3_auth_atom_id 
_pdbx_struct_conn_angle.ptnr3_auth_asym_id 
_pdbx_struct_conn_angle.ptnr3_auth_comp_id 
_pdbx_struct_conn_angle.ptnr3_auth_seq_id 
_pdbx_struct_conn_angle.ptnr3_PDB_ins_code 
_pdbx_struct_conn_angle.ptnr3_symmetry 
_pdbx_struct_conn_angle.value 
_pdbx_struct_conn_angle.value_esd 
1  NE2 ? A HIS 94 ? A HIS 93  ? 1_555 MN ? I MN3 . ? A MN3 190 ? 1_555 NA ? H CZM . ? A CZM 180 ? 1_555 82.3  ? 
2  NE2 ? A HIS 94 ? A HIS 93  ? 1_555 MN ? I MN3 . ? A MN3 190 ? 1_555 NB ? H CZM . ? A CZM 180 ? 1_555 97.2  ? 
3  NA  ? H CZM .  ? A CZM 180 ? 1_555 MN ? I MN3 . ? A MN3 190 ? 1_555 NB ? H CZM . ? A CZM 180 ? 1_555 79.1  ? 
4  NE2 ? A HIS 94 ? A HIS 93  ? 1_555 MN ? I MN3 . ? A MN3 190 ? 1_555 OA ? H CZM . ? A CZM 180 ? 1_555 97.1  ? 
5  NA  ? H CZM .  ? A CZM 180 ? 1_555 MN ? I MN3 . ? A MN3 190 ? 1_555 OA ? H CZM . ? A CZM 180 ? 1_555 84.6  ? 
6  NB  ? H CZM .  ? A CZM 180 ? 1_555 MN ? I MN3 . ? A MN3 190 ? 1_555 OA ? H CZM . ? A CZM 180 ? 1_555 156.5 ? 
7  NE2 ? A HIS 94 ? A HIS 93  ? 1_555 MN ? I MN3 . ? A MN3 190 ? 1_555 OB ? H CZM . ? A CZM 180 ? 1_555 100.1 ? 
8  NA  ? H CZM .  ? A CZM 180 ? 1_555 MN ? I MN3 . ? A MN3 190 ? 1_555 OB ? H CZM . ? A CZM 180 ? 1_555 168.6 ? 
9  NB  ? H CZM .  ? A CZM 180 ? 1_555 MN ? I MN3 . ? A MN3 190 ? 1_555 OB ? H CZM . ? A CZM 180 ? 1_555 89.6  ? 
10 OA  ? H CZM .  ? A CZM 180 ? 1_555 MN ? I MN3 . ? A MN3 190 ? 1_555 OB ? H CZM . ? A CZM 180 ? 1_555 106.0 ? 
11 NE2 ? A HIS 94 ? A HIS 93  ? 1_555 MN ? I MN3 . ? A MN3 190 ? 1_555 O  ? J HOH . ? A HOH 206 ? 1_555 173.9 ? 
12 NA  ? H CZM .  ? A CZM 180 ? 1_555 MN ? I MN3 . ? A MN3 190 ? 1_555 O  ? J HOH . ? A HOH 206 ? 1_555 91.7  ? 
13 NB  ? H CZM .  ? A CZM 180 ? 1_555 MN ? I MN3 . ? A MN3 190 ? 1_555 O  ? J HOH . ? A HOH 206 ? 1_555 82.7  ? 
14 OA  ? H CZM .  ? A CZM 180 ? 1_555 MN ? I MN3 . ? A MN3 190 ? 1_555 O  ? J HOH . ? A HOH 206 ? 1_555 81.1  ? 
15 OB  ? H CZM .  ? A CZM 180 ? 1_555 MN ? I MN3 . ? A MN3 190 ? 1_555 O  ? J HOH . ? A HOH 206 ? 1_555 86.0  ? 
# 
loop_
_pdbx_audit_revision_history.ordinal 
_pdbx_audit_revision_history.data_content_type 
_pdbx_audit_revision_history.major_revision 
_pdbx_audit_revision_history.minor_revision 
_pdbx_audit_revision_history.revision_date 
1 'Structure model' 1 0 2005-05-17 
2 'Structure model' 1 1 2008-04-27 
3 'Structure model' 1 2 2011-07-13 
4 'Structure model' 1 3 2017-10-04 
5 'Structure model' 1 4 2021-11-10 
6 'Structure model' 1 5 2023-10-25 
# 
_pdbx_audit_revision_details.ordinal             1 
_pdbx_audit_revision_details.revision_ordinal    1 
_pdbx_audit_revision_details.data_content_type   'Structure model' 
_pdbx_audit_revision_details.provider            repository 
_pdbx_audit_revision_details.type                'Initial release' 
_pdbx_audit_revision_details.description         ? 
_pdbx_audit_revision_details.details             ? 
# 
loop_
_pdbx_audit_revision_group.ordinal 
_pdbx_audit_revision_group.revision_ordinal 
_pdbx_audit_revision_group.data_content_type 
_pdbx_audit_revision_group.group 
1 2 'Structure model' 'Version format compliance' 
2 3 'Structure model' 'Version format compliance' 
3 4 'Structure model' 'Refinement description'    
4 5 'Structure model' 'Database references'       
5 5 'Structure model' 'Derived calculations'      
6 6 'Structure model' 'Data collection'           
7 6 'Structure model' 'Refinement description'    
# 
loop_
_pdbx_audit_revision_category.ordinal 
_pdbx_audit_revision_category.revision_ordinal 
_pdbx_audit_revision_category.data_content_type 
_pdbx_audit_revision_category.category 
1 4 'Structure model' software                      
2 5 'Structure model' database_2                    
3 5 'Structure model' struct_conn                   
4 5 'Structure model' struct_ref_seq_dif            
5 5 'Structure model' struct_site                   
6 6 'Structure model' chem_comp_atom                
7 6 'Structure model' chem_comp_bond                
8 6 'Structure model' pdbx_initial_refinement_model 
# 
loop_
_pdbx_audit_revision_item.ordinal 
_pdbx_audit_revision_item.revision_ordinal 
_pdbx_audit_revision_item.data_content_type 
_pdbx_audit_revision_item.item 
1  5 'Structure model' '_database_2.pdbx_DOI'                
2  5 'Structure model' '_database_2.pdbx_database_accession' 
3  5 'Structure model' '_struct_conn.ptnr1_auth_comp_id'     
4  5 'Structure model' '_struct_conn.ptnr1_auth_seq_id'      
5  5 'Structure model' '_struct_conn.ptnr1_label_asym_id'    
6  5 'Structure model' '_struct_conn.ptnr1_label_atom_id'    
7  5 'Structure model' '_struct_conn.ptnr1_label_comp_id'    
8  5 'Structure model' '_struct_conn.ptnr1_label_seq_id'     
9  5 'Structure model' '_struct_conn.ptnr2_auth_comp_id'     
10 5 'Structure model' '_struct_conn.ptnr2_auth_seq_id'      
11 5 'Structure model' '_struct_conn.ptnr2_label_asym_id'    
12 5 'Structure model' '_struct_conn.ptnr2_label_atom_id'    
13 5 'Structure model' '_struct_conn.ptnr2_label_comp_id'    
14 5 'Structure model' '_struct_conn.ptnr2_label_seq_id'     
15 5 'Structure model' '_struct_ref_seq_dif.details'         
16 5 'Structure model' '_struct_site.pdbx_auth_asym_id'      
17 5 'Structure model' '_struct_site.pdbx_auth_comp_id'      
18 5 'Structure model' '_struct_site.pdbx_auth_seq_id'       
# 
loop_
_software.name 
_software.classification 
_software.version 
_software.citation_id 
_software.pdbx_ordinal 
CNS       refinement       1.0 ? 1 
DENZO     'data reduction' .   ? 2 
SCALEPACK 'data scaling'   .   ? 3 
# 
loop_
_pdbx_validate_torsion.id 
_pdbx_validate_torsion.PDB_model_num 
_pdbx_validate_torsion.auth_comp_id 
_pdbx_validate_torsion.auth_asym_id 
_pdbx_validate_torsion.auth_seq_id 
_pdbx_validate_torsion.PDB_ins_code 
_pdbx_validate_torsion.label_alt_id 
_pdbx_validate_torsion.phi 
_pdbx_validate_torsion.psi 
1 1 ASP A 20 ? ? -154.68 66.95 
2 1 PHE A 46 ? ? -149.26 24.05 
# 
loop_
_chem_comp_atom.comp_id 
_chem_comp_atom.atom_id 
_chem_comp_atom.type_symbol 
_chem_comp_atom.pdbx_aromatic_flag 
_chem_comp_atom.pdbx_stereo_config 
_chem_comp_atom.pdbx_ordinal 
ALA N    N  N N 1   
ALA CA   C  N S 2   
ALA C    C  N N 3   
ALA O    O  N N 4   
ALA CB   C  N N 5   
ALA OXT  O  N N 6   
ALA H    H  N N 7   
ALA H2   H  N N 8   
ALA HA   H  N N 9   
ALA HB1  H  N N 10  
ALA HB2  H  N N 11  
ALA HB3  H  N N 12  
ALA HXT  H  N N 13  
ARG N    N  N N 14  
ARG CA   C  N S 15  
ARG C    C  N N 16  
ARG O    O  N N 17  
ARG CB   C  N N 18  
ARG CG   C  N N 19  
ARG CD   C  N N 20  
ARG NE   N  N N 21  
ARG CZ   C  N N 22  
ARG NH1  N  N N 23  
ARG NH2  N  N N 24  
ARG OXT  O  N N 25  
ARG H    H  N N 26  
ARG H2   H  N N 27  
ARG HA   H  N N 28  
ARG HB2  H  N N 29  
ARG HB3  H  N N 30  
ARG HG2  H  N N 31  
ARG HG3  H  N N 32  
ARG HD2  H  N N 33  
ARG HD3  H  N N 34  
ARG HE   H  N N 35  
ARG HH11 H  N N 36  
ARG HH12 H  N N 37  
ARG HH21 H  N N 38  
ARG HH22 H  N N 39  
ARG HXT  H  N N 40  
ASN N    N  N N 41  
ASN CA   C  N S 42  
ASN C    C  N N 43  
ASN O    O  N N 44  
ASN CB   C  N N 45  
ASN CG   C  N N 46  
ASN OD1  O  N N 47  
ASN ND2  N  N N 48  
ASN OXT  O  N N 49  
ASN H    H  N N 50  
ASN H2   H  N N 51  
ASN HA   H  N N 52  
ASN HB2  H  N N 53  
ASN HB3  H  N N 54  
ASN HD21 H  N N 55  
ASN HD22 H  N N 56  
ASN HXT  H  N N 57  
ASP N    N  N N 58  
ASP CA   C  N S 59  
ASP C    C  N N 60  
ASP O    O  N N 61  
ASP CB   C  N N 62  
ASP CG   C  N N 63  
ASP OD1  O  N N 64  
ASP OD2  O  N N 65  
ASP OXT  O  N N 66  
ASP H    H  N N 67  
ASP H2   H  N N 68  
ASP HA   H  N N 69  
ASP HB2  H  N N 70  
ASP HB3  H  N N 71  
ASP HD2  H  N N 72  
ASP HXT  H  N N 73  
CZM OA   O  N N 74  
CZM CA2  C  Y N 75  
CZM CA3  C  Y N 76  
CZM CA4  C  Y N 77  
CZM CA5  C  Y N 78  
CZM CA6  C  Y N 79  
CZM CA1  C  Y N 80  
CZM CA   C  N N 81  
CZM NA   N  N N 82  
CZM CC1  C  Y N 83  
CZM CC6  C  Y N 84  
CZM CC5  C  Y N 85  
CZM CC4  C  Y N 86  
CZM CC3  C  Y N 87  
CZM CC2  C  Y N 88  
CZM NB   N  N N 89  
CZM CB   C  N N 90  
CZM CB1  C  Y N 91  
CZM CB6  C  Y N 92  
CZM CB5  C  Y N 93  
CZM CB4  C  Y N 94  
CZM CB3  C  Y N 95  
CZM CB2  C  Y N 96  
CZM OB   O  N N 97  
CZM CB7  C  N N 98  
CZM CA7  C  N N 99  
CZM HOA  H  N N 100 
CZM HA4  H  N N 101 
CZM HA5  H  N N 102 
CZM HA6  H  N N 103 
CZM HA   H  N N 104 
CZM HC6  H  N N 105 
CZM HC5  H  N N 106 
CZM HC4  H  N N 107 
CZM HC3  H  N N 108 
CZM HB   H  N N 109 
CZM HB6  H  N N 110 
CZM HB5  H  N N 111 
CZM HB4  H  N N 112 
CZM HOB  H  N N 113 
CZM HB71 H  N N 114 
CZM HB72 H  N N 115 
CZM HB73 H  N N 116 
CZM HA71 H  N N 117 
CZM HA72 H  N N 118 
CZM HA73 H  N N 119 
GLN N    N  N N 120 
GLN CA   C  N S 121 
GLN C    C  N N 122 
GLN O    O  N N 123 
GLN CB   C  N N 124 
GLN CG   C  N N 125 
GLN CD   C  N N 126 
GLN OE1  O  N N 127 
GLN NE2  N  N N 128 
GLN OXT  O  N N 129 
GLN H    H  N N 130 
GLN H2   H  N N 131 
GLN HA   H  N N 132 
GLN HB2  H  N N 133 
GLN HB3  H  N N 134 
GLN HG2  H  N N 135 
GLN HG3  H  N N 136 
GLN HE21 H  N N 137 
GLN HE22 H  N N 138 
GLN HXT  H  N N 139 
GLU N    N  N N 140 
GLU CA   C  N S 141 
GLU C    C  N N 142 
GLU O    O  N N 143 
GLU CB   C  N N 144 
GLU CG   C  N N 145 
GLU CD   C  N N 146 
GLU OE1  O  N N 147 
GLU OE2  O  N N 148 
GLU OXT  O  N N 149 
GLU H    H  N N 150 
GLU H2   H  N N 151 
GLU HA   H  N N 152 
GLU HB2  H  N N 153 
GLU HB3  H  N N 154 
GLU HG2  H  N N 155 
GLU HG3  H  N N 156 
GLU HE2  H  N N 157 
GLU HXT  H  N N 158 
GLY N    N  N N 159 
GLY CA   C  N N 160 
GLY C    C  N N 161 
GLY O    O  N N 162 
GLY OXT  O  N N 163 
GLY H    H  N N 164 
GLY H2   H  N N 165 
GLY HA2  H  N N 166 
GLY HA3  H  N N 167 
GLY HXT  H  N N 168 
HIS N    N  N N 169 
HIS CA   C  N S 170 
HIS C    C  N N 171 
HIS O    O  N N 172 
HIS CB   C  N N 173 
HIS CG   C  Y N 174 
HIS ND1  N  Y N 175 
HIS CD2  C  Y N 176 
HIS CE1  C  Y N 177 
HIS NE2  N  Y N 178 
HIS OXT  O  N N 179 
HIS H    H  N N 180 
HIS H2   H  N N 181 
HIS HA   H  N N 182 
HIS HB2  H  N N 183 
HIS HB3  H  N N 184 
HIS HD1  H  N N 185 
HIS HD2  H  N N 186 
HIS HE1  H  N N 187 
HIS HE2  H  N N 188 
HIS HXT  H  N N 189 
HOH O    O  N N 190 
HOH H1   H  N N 191 
HOH H2   H  N N 192 
ILE N    N  N N 193 
ILE CA   C  N S 194 
ILE C    C  N N 195 
ILE O    O  N N 196 
ILE CB   C  N S 197 
ILE CG1  C  N N 198 
ILE CG2  C  N N 199 
ILE CD1  C  N N 200 
ILE OXT  O  N N 201 
ILE H    H  N N 202 
ILE H2   H  N N 203 
ILE HA   H  N N 204 
ILE HB   H  N N 205 
ILE HG12 H  N N 206 
ILE HG13 H  N N 207 
ILE HG21 H  N N 208 
ILE HG22 H  N N 209 
ILE HG23 H  N N 210 
ILE HD11 H  N N 211 
ILE HD12 H  N N 212 
ILE HD13 H  N N 213 
ILE HXT  H  N N 214 
LEU N    N  N N 215 
LEU CA   C  N S 216 
LEU C    C  N N 217 
LEU O    O  N N 218 
LEU CB   C  N N 219 
LEU CG   C  N N 220 
LEU CD1  C  N N 221 
LEU CD2  C  N N 222 
LEU OXT  O  N N 223 
LEU H    H  N N 224 
LEU H2   H  N N 225 
LEU HA   H  N N 226 
LEU HB2  H  N N 227 
LEU HB3  H  N N 228 
LEU HG   H  N N 229 
LEU HD11 H  N N 230 
LEU HD12 H  N N 231 
LEU HD13 H  N N 232 
LEU HD21 H  N N 233 
LEU HD22 H  N N 234 
LEU HD23 H  N N 235 
LEU HXT  H  N N 236 
LYS N    N  N N 237 
LYS CA   C  N S 238 
LYS C    C  N N 239 
LYS O    O  N N 240 
LYS CB   C  N N 241 
LYS CG   C  N N 242 
LYS CD   C  N N 243 
LYS CE   C  N N 244 
LYS NZ   N  N N 245 
LYS OXT  O  N N 246 
LYS H    H  N N 247 
LYS H2   H  N N 248 
LYS HA   H  N N 249 
LYS HB2  H  N N 250 
LYS HB3  H  N N 251 
LYS HG2  H  N N 252 
LYS HG3  H  N N 253 
LYS HD2  H  N N 254 
LYS HD3  H  N N 255 
LYS HE2  H  N N 256 
LYS HE3  H  N N 257 
LYS HZ1  H  N N 258 
LYS HZ2  H  N N 259 
LYS HZ3  H  N N 260 
LYS HXT  H  N N 261 
MET N    N  N N 262 
MET CA   C  N S 263 
MET C    C  N N 264 
MET O    O  N N 265 
MET CB   C  N N 266 
MET CG   C  N N 267 
MET SD   S  N N 268 
MET CE   C  N N 269 
MET OXT  O  N N 270 
MET H    H  N N 271 
MET H2   H  N N 272 
MET HA   H  N N 273 
MET HB2  H  N N 274 
MET HB3  H  N N 275 
MET HG2  H  N N 276 
MET HG3  H  N N 277 
MET HE1  H  N N 278 
MET HE2  H  N N 279 
MET HE3  H  N N 280 
MET HXT  H  N N 281 
MN3 MN   MN N N 282 
PHE N    N  N N 283 
PHE CA   C  N S 284 
PHE C    C  N N 285 
PHE O    O  N N 286 
PHE CB   C  N N 287 
PHE CG   C  Y N 288 
PHE CD1  C  Y N 289 
PHE CD2  C  Y N 290 
PHE CE1  C  Y N 291 
PHE CE2  C  Y N 292 
PHE CZ   C  Y N 293 
PHE OXT  O  N N 294 
PHE H    H  N N 295 
PHE H2   H  N N 296 
PHE HA   H  N N 297 
PHE HB2  H  N N 298 
PHE HB3  H  N N 299 
PHE HD1  H  N N 300 
PHE HD2  H  N N 301 
PHE HE1  H  N N 302 
PHE HE2  H  N N 303 
PHE HZ   H  N N 304 
PHE HXT  H  N N 305 
PO4 P    P  N N 306 
PO4 O1   O  N N 307 
PO4 O2   O  N N 308 
PO4 O3   O  N N 309 
PO4 O4   O  N N 310 
PRO N    N  N N 311 
PRO CA   C  N S 312 
PRO C    C  N N 313 
PRO O    O  N N 314 
PRO CB   C  N N 315 
PRO CG   C  N N 316 
PRO CD   C  N N 317 
PRO OXT  O  N N 318 
PRO H    H  N N 319 
PRO HA   H  N N 320 
PRO HB2  H  N N 321 
PRO HB3  H  N N 322 
PRO HG2  H  N N 323 
PRO HG3  H  N N 324 
PRO HD2  H  N N 325 
PRO HD3  H  N N 326 
PRO HXT  H  N N 327 
SER N    N  N N 328 
SER CA   C  N S 329 
SER C    C  N N 330 
SER O    O  N N 331 
SER CB   C  N N 332 
SER OG   O  N N 333 
SER OXT  O  N N 334 
SER H    H  N N 335 
SER H2   H  N N 336 
SER HA   H  N N 337 
SER HB2  H  N N 338 
SER HB3  H  N N 339 
SER HG   H  N N 340 
SER HXT  H  N N 341 
THR N    N  N N 342 
THR CA   C  N S 343 
THR C    C  N N 344 
THR O    O  N N 345 
THR CB   C  N R 346 
THR OG1  O  N N 347 
THR CG2  C  N N 348 
THR OXT  O  N N 349 
THR H    H  N N 350 
THR H2   H  N N 351 
THR HA   H  N N 352 
THR HB   H  N N 353 
THR HG1  H  N N 354 
THR HG21 H  N N 355 
THR HG22 H  N N 356 
THR HG23 H  N N 357 
THR HXT  H  N N 358 
TRP N    N  N N 359 
TRP CA   C  N S 360 
TRP C    C  N N 361 
TRP O    O  N N 362 
TRP CB   C  N N 363 
TRP CG   C  Y N 364 
TRP CD1  C  Y N 365 
TRP CD2  C  Y N 366 
TRP NE1  N  Y N 367 
TRP CE2  C  Y N 368 
TRP CE3  C  Y N 369 
TRP CZ2  C  Y N 370 
TRP CZ3  C  Y N 371 
TRP CH2  C  Y N 372 
TRP OXT  O  N N 373 
TRP H    H  N N 374 
TRP H2   H  N N 375 
TRP HA   H  N N 376 
TRP HB2  H  N N 377 
TRP HB3  H  N N 378 
TRP HD1  H  N N 379 
TRP HE1  H  N N 380 
TRP HE3  H  N N 381 
TRP HZ2  H  N N 382 
TRP HZ3  H  N N 383 
TRP HH2  H  N N 384 
TRP HXT  H  N N 385 
TYR N    N  N N 386 
TYR CA   C  N S 387 
TYR C    C  N N 388 
TYR O    O  N N 389 
TYR CB   C  N N 390 
TYR CG   C  Y N 391 
TYR CD1  C  Y N 392 
TYR CD2  C  Y N 393 
TYR CE1  C  Y N 394 
TYR CE2  C  Y N 395 
TYR CZ   C  Y N 396 
TYR OH   O  N N 397 
TYR OXT  O  N N 398 
TYR H    H  N N 399 
TYR H2   H  N N 400 
TYR HA   H  N N 401 
TYR HB2  H  N N 402 
TYR HB3  H  N N 403 
TYR HD1  H  N N 404 
TYR HD2  H  N N 405 
TYR HE1  H  N N 406 
TYR HE2  H  N N 407 
TYR HH   H  N N 408 
TYR HXT  H  N N 409 
VAL N    N  N N 410 
VAL CA   C  N S 411 
VAL C    C  N N 412 
VAL O    O  N N 413 
VAL CB   C  N N 414 
VAL CG1  C  N N 415 
VAL CG2  C  N N 416 
VAL OXT  O  N N 417 
VAL H    H  N N 418 
VAL H2   H  N N 419 
VAL HA   H  N N 420 
VAL HB   H  N N 421 
VAL HG11 H  N N 422 
VAL HG12 H  N N 423 
VAL HG13 H  N N 424 
VAL HG21 H  N N 425 
VAL HG22 H  N N 426 
VAL HG23 H  N N 427 
VAL HXT  H  N N 428 
# 
loop_
_chem_comp_bond.comp_id 
_chem_comp_bond.atom_id_1 
_chem_comp_bond.atom_id_2 
_chem_comp_bond.value_order 
_chem_comp_bond.pdbx_aromatic_flag 
_chem_comp_bond.pdbx_stereo_config 
_chem_comp_bond.pdbx_ordinal 
ALA N   CA   sing N N 1   
ALA N   H    sing N N 2   
ALA N   H2   sing N N 3   
ALA CA  C    sing N N 4   
ALA CA  CB   sing N N 5   
ALA CA  HA   sing N N 6   
ALA C   O    doub N N 7   
ALA C   OXT  sing N N 8   
ALA CB  HB1  sing N N 9   
ALA CB  HB2  sing N N 10  
ALA CB  HB3  sing N N 11  
ALA OXT HXT  sing N N 12  
ARG N   CA   sing N N 13  
ARG N   H    sing N N 14  
ARG N   H2   sing N N 15  
ARG CA  C    sing N N 16  
ARG CA  CB   sing N N 17  
ARG CA  HA   sing N N 18  
ARG C   O    doub N N 19  
ARG C   OXT  sing N N 20  
ARG CB  CG   sing N N 21  
ARG CB  HB2  sing N N 22  
ARG CB  HB3  sing N N 23  
ARG CG  CD   sing N N 24  
ARG CG  HG2  sing N N 25  
ARG CG  HG3  sing N N 26  
ARG CD  NE   sing N N 27  
ARG CD  HD2  sing N N 28  
ARG CD  HD3  sing N N 29  
ARG NE  CZ   sing N N 30  
ARG NE  HE   sing N N 31  
ARG CZ  NH1  sing N N 32  
ARG CZ  NH2  doub N N 33  
ARG NH1 HH11 sing N N 34  
ARG NH1 HH12 sing N N 35  
ARG NH2 HH21 sing N N 36  
ARG NH2 HH22 sing N N 37  
ARG OXT HXT  sing N N 38  
ASN N   CA   sing N N 39  
ASN N   H    sing N N 40  
ASN N   H2   sing N N 41  
ASN CA  C    sing N N 42  
ASN CA  CB   sing N N 43  
ASN CA  HA   sing N N 44  
ASN C   O    doub N N 45  
ASN C   OXT  sing N N 46  
ASN CB  CG   sing N N 47  
ASN CB  HB2  sing N N 48  
ASN CB  HB3  sing N N 49  
ASN CG  OD1  doub N N 50  
ASN CG  ND2  sing N N 51  
ASN ND2 HD21 sing N N 52  
ASN ND2 HD22 sing N N 53  
ASN OXT HXT  sing N N 54  
ASP N   CA   sing N N 55  
ASP N   H    sing N N 56  
ASP N   H2   sing N N 57  
ASP CA  C    sing N N 58  
ASP CA  CB   sing N N 59  
ASP CA  HA   sing N N 60  
ASP C   O    doub N N 61  
ASP C   OXT  sing N N 62  
ASP CB  CG   sing N N 63  
ASP CB  HB2  sing N N 64  
ASP CB  HB3  sing N N 65  
ASP CG  OD1  doub N N 66  
ASP CG  OD2  sing N N 67  
ASP OD2 HD2  sing N N 68  
ASP OXT HXT  sing N N 69  
CZM OA  CA2  sing N N 70  
CZM OA  HOA  sing N N 71  
CZM CA2 CA3  doub Y N 72  
CZM CA2 CA1  sing Y N 73  
CZM CA3 CA4  sing Y N 74  
CZM CA3 CA7  sing N N 75  
CZM CA4 CA5  doub Y N 76  
CZM CA4 HA4  sing N N 77  
CZM CA5 CA6  sing Y N 78  
CZM CA5 HA5  sing N N 79  
CZM CA6 CA1  doub Y N 80  
CZM CA6 HA6  sing N N 81  
CZM CA1 CA   sing N N 82  
CZM CA  NA   doub N E 83  
CZM CA  HA   sing N N 84  
CZM NA  CC1  sing N N 85  
CZM CC1 CC6  doub Y N 86  
CZM CC1 CC2  sing Y N 87  
CZM CC6 CC5  sing Y N 88  
CZM CC6 HC6  sing N N 89  
CZM CC5 CC4  doub Y N 90  
CZM CC5 HC5  sing N N 91  
CZM CC4 CC3  sing Y N 92  
CZM CC4 HC4  sing N N 93  
CZM CC3 CC2  doub Y N 94  
CZM CC3 HC3  sing N N 95  
CZM CC2 NB   sing N N 96  
CZM NB  CB   doub N E 97  
CZM CB  CB1  sing N N 98  
CZM CB  HB   sing N N 99  
CZM CB1 CB6  doub Y N 100 
CZM CB1 CB2  sing Y N 101 
CZM CB6 CB5  sing Y N 102 
CZM CB6 HB6  sing N N 103 
CZM CB5 CB4  doub Y N 104 
CZM CB5 HB5  sing N N 105 
CZM CB4 CB3  sing Y N 106 
CZM CB4 HB4  sing N N 107 
CZM CB3 CB2  doub Y N 108 
CZM CB3 CB7  sing N N 109 
CZM CB2 OB   sing N N 110 
CZM OB  HOB  sing N N 111 
CZM CB7 HB71 sing N N 112 
CZM CB7 HB72 sing N N 113 
CZM CB7 HB73 sing N N 114 
CZM CA7 HA71 sing N N 115 
CZM CA7 HA72 sing N N 116 
CZM CA7 HA73 sing N N 117 
GLN N   CA   sing N N 118 
GLN N   H    sing N N 119 
GLN N   H2   sing N N 120 
GLN CA  C    sing N N 121 
GLN CA  CB   sing N N 122 
GLN CA  HA   sing N N 123 
GLN C   O    doub N N 124 
GLN C   OXT  sing N N 125 
GLN CB  CG   sing N N 126 
GLN CB  HB2  sing N N 127 
GLN CB  HB3  sing N N 128 
GLN CG  CD   sing N N 129 
GLN CG  HG2  sing N N 130 
GLN CG  HG3  sing N N 131 
GLN CD  OE1  doub N N 132 
GLN CD  NE2  sing N N 133 
GLN NE2 HE21 sing N N 134 
GLN NE2 HE22 sing N N 135 
GLN OXT HXT  sing N N 136 
GLU N   CA   sing N N 137 
GLU N   H    sing N N 138 
GLU N   H2   sing N N 139 
GLU CA  C    sing N N 140 
GLU CA  CB   sing N N 141 
GLU CA  HA   sing N N 142 
GLU C   O    doub N N 143 
GLU C   OXT  sing N N 144 
GLU CB  CG   sing N N 145 
GLU CB  HB2  sing N N 146 
GLU CB  HB3  sing N N 147 
GLU CG  CD   sing N N 148 
GLU CG  HG2  sing N N 149 
GLU CG  HG3  sing N N 150 
GLU CD  OE1  doub N N 151 
GLU CD  OE2  sing N N 152 
GLU OE2 HE2  sing N N 153 
GLU OXT HXT  sing N N 154 
GLY N   CA   sing N N 155 
GLY N   H    sing N N 156 
GLY N   H2   sing N N 157 
GLY CA  C    sing N N 158 
GLY CA  HA2  sing N N 159 
GLY CA  HA3  sing N N 160 
GLY C   O    doub N N 161 
GLY C   OXT  sing N N 162 
GLY OXT HXT  sing N N 163 
HIS N   CA   sing N N 164 
HIS N   H    sing N N 165 
HIS N   H2   sing N N 166 
HIS CA  C    sing N N 167 
HIS CA  CB   sing N N 168 
HIS CA  HA   sing N N 169 
HIS C   O    doub N N 170 
HIS C   OXT  sing N N 171 
HIS CB  CG   sing N N 172 
HIS CB  HB2  sing N N 173 
HIS CB  HB3  sing N N 174 
HIS CG  ND1  sing Y N 175 
HIS CG  CD2  doub Y N 176 
HIS ND1 CE1  doub Y N 177 
HIS ND1 HD1  sing N N 178 
HIS CD2 NE2  sing Y N 179 
HIS CD2 HD2  sing N N 180 
HIS CE1 NE2  sing Y N 181 
HIS CE1 HE1  sing N N 182 
HIS NE2 HE2  sing N N 183 
HIS OXT HXT  sing N N 184 
HOH O   H1   sing N N 185 
HOH O   H2   sing N N 186 
ILE N   CA   sing N N 187 
ILE N   H    sing N N 188 
ILE N   H2   sing N N 189 
ILE CA  C    sing N N 190 
ILE CA  CB   sing N N 191 
ILE CA  HA   sing N N 192 
ILE C   O    doub N N 193 
ILE C   OXT  sing N N 194 
ILE CB  CG1  sing N N 195 
ILE CB  CG2  sing N N 196 
ILE CB  HB   sing N N 197 
ILE CG1 CD1  sing N N 198 
ILE CG1 HG12 sing N N 199 
ILE CG1 HG13 sing N N 200 
ILE CG2 HG21 sing N N 201 
ILE CG2 HG22 sing N N 202 
ILE CG2 HG23 sing N N 203 
ILE CD1 HD11 sing N N 204 
ILE CD1 HD12 sing N N 205 
ILE CD1 HD13 sing N N 206 
ILE OXT HXT  sing N N 207 
LEU N   CA   sing N N 208 
LEU N   H    sing N N 209 
LEU N   H2   sing N N 210 
LEU CA  C    sing N N 211 
LEU CA  CB   sing N N 212 
LEU CA  HA   sing N N 213 
LEU C   O    doub N N 214 
LEU C   OXT  sing N N 215 
LEU CB  CG   sing N N 216 
LEU CB  HB2  sing N N 217 
LEU CB  HB3  sing N N 218 
LEU CG  CD1  sing N N 219 
LEU CG  CD2  sing N N 220 
LEU CG  HG   sing N N 221 
LEU CD1 HD11 sing N N 222 
LEU CD1 HD12 sing N N 223 
LEU CD1 HD13 sing N N 224 
LEU CD2 HD21 sing N N 225 
LEU CD2 HD22 sing N N 226 
LEU CD2 HD23 sing N N 227 
LEU OXT HXT  sing N N 228 
LYS N   CA   sing N N 229 
LYS N   H    sing N N 230 
LYS N   H2   sing N N 231 
LYS CA  C    sing N N 232 
LYS CA  CB   sing N N 233 
LYS CA  HA   sing N N 234 
LYS C   O    doub N N 235 
LYS C   OXT  sing N N 236 
LYS CB  CG   sing N N 237 
LYS CB  HB2  sing N N 238 
LYS CB  HB3  sing N N 239 
LYS CG  CD   sing N N 240 
LYS CG  HG2  sing N N 241 
LYS CG  HG3  sing N N 242 
LYS CD  CE   sing N N 243 
LYS CD  HD2  sing N N 244 
LYS CD  HD3  sing N N 245 
LYS CE  NZ   sing N N 246 
LYS CE  HE2  sing N N 247 
LYS CE  HE3  sing N N 248 
LYS NZ  HZ1  sing N N 249 
LYS NZ  HZ2  sing N N 250 
LYS NZ  HZ3  sing N N 251 
LYS OXT HXT  sing N N 252 
MET N   CA   sing N N 253 
MET N   H    sing N N 254 
MET N   H2   sing N N 255 
MET CA  C    sing N N 256 
MET CA  CB   sing N N 257 
MET CA  HA   sing N N 258 
MET C   O    doub N N 259 
MET C   OXT  sing N N 260 
MET CB  CG   sing N N 261 
MET CB  HB2  sing N N 262 
MET CB  HB3  sing N N 263 
MET CG  SD   sing N N 264 
MET CG  HG2  sing N N 265 
MET CG  HG3  sing N N 266 
MET SD  CE   sing N N 267 
MET CE  HE1  sing N N 268 
MET CE  HE2  sing N N 269 
MET CE  HE3  sing N N 270 
MET OXT HXT  sing N N 271 
PHE N   CA   sing N N 272 
PHE N   H    sing N N 273 
PHE N   H2   sing N N 274 
PHE CA  C    sing N N 275 
PHE CA  CB   sing N N 276 
PHE CA  HA   sing N N 277 
PHE C   O    doub N N 278 
PHE C   OXT  sing N N 279 
PHE CB  CG   sing N N 280 
PHE CB  HB2  sing N N 281 
PHE CB  HB3  sing N N 282 
PHE CG  CD1  doub Y N 283 
PHE CG  CD2  sing Y N 284 
PHE CD1 CE1  sing Y N 285 
PHE CD1 HD1  sing N N 286 
PHE CD2 CE2  doub Y N 287 
PHE CD2 HD2  sing N N 288 
PHE CE1 CZ   doub Y N 289 
PHE CE1 HE1  sing N N 290 
PHE CE2 CZ   sing Y N 291 
PHE CE2 HE2  sing N N 292 
PHE CZ  HZ   sing N N 293 
PHE OXT HXT  sing N N 294 
PO4 P   O1   doub N N 295 
PO4 P   O2   sing N N 296 
PO4 P   O3   sing N N 297 
PO4 P   O4   sing N N 298 
PRO N   CA   sing N N 299 
PRO N   CD   sing N N 300 
PRO N   H    sing N N 301 
PRO CA  C    sing N N 302 
PRO CA  CB   sing N N 303 
PRO CA  HA   sing N N 304 
PRO C   O    doub N N 305 
PRO C   OXT  sing N N 306 
PRO CB  CG   sing N N 307 
PRO CB  HB2  sing N N 308 
PRO CB  HB3  sing N N 309 
PRO CG  CD   sing N N 310 
PRO CG  HG2  sing N N 311 
PRO CG  HG3  sing N N 312 
PRO CD  HD2  sing N N 313 
PRO CD  HD3  sing N N 314 
PRO OXT HXT  sing N N 315 
SER N   CA   sing N N 316 
SER N   H    sing N N 317 
SER N   H2   sing N N 318 
SER CA  C    sing N N 319 
SER CA  CB   sing N N 320 
SER CA  HA   sing N N 321 
SER C   O    doub N N 322 
SER C   OXT  sing N N 323 
SER CB  OG   sing N N 324 
SER CB  HB2  sing N N 325 
SER CB  HB3  sing N N 326 
SER OG  HG   sing N N 327 
SER OXT HXT  sing N N 328 
THR N   CA   sing N N 329 
THR N   H    sing N N 330 
THR N   H2   sing N N 331 
THR CA  C    sing N N 332 
THR CA  CB   sing N N 333 
THR CA  HA   sing N N 334 
THR C   O    doub N N 335 
THR C   OXT  sing N N 336 
THR CB  OG1  sing N N 337 
THR CB  CG2  sing N N 338 
THR CB  HB   sing N N 339 
THR OG1 HG1  sing N N 340 
THR CG2 HG21 sing N N 341 
THR CG2 HG22 sing N N 342 
THR CG2 HG23 sing N N 343 
THR OXT HXT  sing N N 344 
TRP N   CA   sing N N 345 
TRP N   H    sing N N 346 
TRP N   H2   sing N N 347 
TRP CA  C    sing N N 348 
TRP CA  CB   sing N N 349 
TRP CA  HA   sing N N 350 
TRP C   O    doub N N 351 
TRP C   OXT  sing N N 352 
TRP CB  CG   sing N N 353 
TRP CB  HB2  sing N N 354 
TRP CB  HB3  sing N N 355 
TRP CG  CD1  doub Y N 356 
TRP CG  CD2  sing Y N 357 
TRP CD1 NE1  sing Y N 358 
TRP CD1 HD1  sing N N 359 
TRP CD2 CE2  doub Y N 360 
TRP CD2 CE3  sing Y N 361 
TRP NE1 CE2  sing Y N 362 
TRP NE1 HE1  sing N N 363 
TRP CE2 CZ2  sing Y N 364 
TRP CE3 CZ3  doub Y N 365 
TRP CE3 HE3  sing N N 366 
TRP CZ2 CH2  doub Y N 367 
TRP CZ2 HZ2  sing N N 368 
TRP CZ3 CH2  sing Y N 369 
TRP CZ3 HZ3  sing N N 370 
TRP CH2 HH2  sing N N 371 
TRP OXT HXT  sing N N 372 
TYR N   CA   sing N N 373 
TYR N   H    sing N N 374 
TYR N   H2   sing N N 375 
TYR CA  C    sing N N 376 
TYR CA  CB   sing N N 377 
TYR CA  HA   sing N N 378 
TYR C   O    doub N N 379 
TYR C   OXT  sing N N 380 
TYR CB  CG   sing N N 381 
TYR CB  HB2  sing N N 382 
TYR CB  HB3  sing N N 383 
TYR CG  CD1  doub Y N 384 
TYR CG  CD2  sing Y N 385 
TYR CD1 CE1  sing Y N 386 
TYR CD1 HD1  sing N N 387 
TYR CD2 CE2  doub Y N 388 
TYR CD2 HD2  sing N N 389 
TYR CE1 CZ   doub Y N 390 
TYR CE1 HE1  sing N N 391 
TYR CE2 CZ   sing Y N 392 
TYR CE2 HE2  sing N N 393 
TYR CZ  OH   sing N N 394 
TYR OH  HH   sing N N 395 
TYR OXT HXT  sing N N 396 
VAL N   CA   sing N N 397 
VAL N   H    sing N N 398 
VAL N   H2   sing N N 399 
VAL CA  C    sing N N 400 
VAL CA  CB   sing N N 401 
VAL CA  HA   sing N N 402 
VAL C   O    doub N N 403 
VAL C   OXT  sing N N 404 
VAL CB  CG1  sing N N 405 
VAL CB  CG2  sing N N 406 
VAL CB  HB   sing N N 407 
VAL CG1 HG11 sing N N 408 
VAL CG1 HG12 sing N N 409 
VAL CG1 HG13 sing N N 410 
VAL CG2 HG21 sing N N 411 
VAL CG2 HG22 sing N N 412 
VAL CG2 HG23 sing N N 413 
VAL OXT HXT  sing N N 414 
# 
loop_
_pdbx_entity_nonpoly.entity_id 
_pdbx_entity_nonpoly.name 
_pdbx_entity_nonpoly.comp_id 
2 'PHOSPHATE ION'                                                   PO4 
3 "'N,N'-BIS-(2-HYDROXY-3-METHYL-BENZYLIDENE)-BENZENE-1,2-DIAMINE'" CZM 
4 'MANGANESE (III) ION'                                             MN3 
5 water                                                             HOH 
# 
_pdbx_initial_refinement_model.id               1 
_pdbx_initial_refinement_model.entity_id_list   ? 
_pdbx_initial_refinement_model.type             'experimental model' 
_pdbx_initial_refinement_model.source_name      PDB 
_pdbx_initial_refinement_model.accession_code   1J3F 
_pdbx_initial_refinement_model.details          'PDB ENTRY 1J3F' 
# 
